data_6U4P
#
_entry.id   6U4P
#
_cell.length_a   151.174
_cell.length_b   134.616
_cell.length_c   130.697
_cell.angle_alpha   90.000
_cell.angle_beta   91.840
_cell.angle_gamma   90.000
#
_symmetry.space_group_name_H-M   'C 1 2 1'
#
loop_
_entity.id
_entity.type
_entity.pdbx_description
1 polymer Alpha-hemolysin
2 non-polymer fos-choline-14
3 non-polymer 'SULFATE ION'
4 water water
#
_entity_poly.entity_id   1
_entity_poly.type   'polypeptide(L)'
_entity_poly.pdbx_seq_one_letter_code
;ADSDINIKTGTTDIGSNTTVKTGDLVTYDKENGMAKKVFYSFIDDKNHNKKLLVIRTKGTIAGQYRVYSEEGANKSGLAW
PSAFKVQLQLPDNEVAQISDYYPRNSIDTKEYMSTLTYGFNGNVTGDDTGKIGGLIGANVSIGHTLKYVQPDFKTILESP
TDKKVGWKVIFNNMVNQNWGPYDRDSWNPVYGNQLFMKTRNGSMKAADNFLDPNKASSLLSSGFSPDFATVITMDRKASK
QQTNIDVIYERVRDDYQLHWTSTNWKGTNTKDKWTDRSSERYKIDWEKEEMTN
;
_entity_poly.pdbx_strand_id   A,B,C,D,E,F,G
#
loop_
_chem_comp.id
_chem_comp.type
_chem_comp.name
_chem_comp.formula
PQJ non-polymer fos-choline-14 'C19 H43 N O4 P'
SO4 non-polymer 'SULFATE ION' 'O4 S -2'
#
# COMPACT_ATOMS: atom_id res chain seq x y z
N ALA A 1 -20.78 -9.52 -1.27
CA ALA A 1 -21.50 -8.22 -1.41
C ALA A 1 -22.47 -8.32 -2.58
N ASP A 2 -23.48 -7.43 -2.57
CA ASP A 2 -24.53 -7.36 -3.57
C ASP A 2 -23.97 -7.51 -4.99
N SER A 3 -22.90 -6.77 -5.34
CA SER A 3 -22.46 -6.68 -6.73
C SER A 3 -21.83 -7.98 -7.25
N ASP A 4 -21.31 -8.82 -6.35
CA ASP A 4 -20.74 -10.13 -6.64
C ASP A 4 -21.80 -11.11 -7.16
N ILE A 5 -23.05 -10.81 -6.83
CA ILE A 5 -24.17 -11.67 -7.20
C ILE A 5 -25.18 -10.85 -8.02
N ASN A 6 -24.67 -9.83 -8.78
CA ASN A 6 -25.41 -9.14 -9.84
C ASN A 6 -26.61 -8.32 -9.28
N ILE A 7 -26.44 -7.78 -8.07
CA ILE A 7 -27.51 -7.06 -7.41
C ILE A 7 -27.04 -5.64 -7.05
N LYS A 8 -27.84 -4.63 -7.42
CA LYS A 8 -27.54 -3.22 -7.17
C LYS A 8 -27.15 -3.04 -5.70
N THR A 9 -26.01 -2.38 -5.44
CA THR A 9 -25.48 -2.21 -4.09
C THR A 9 -26.56 -1.63 -3.16
N GLY A 10 -26.74 -2.26 -1.99
CA GLY A 10 -27.59 -1.81 -0.90
C GLY A 10 -29.10 -2.10 -1.09
N THR A 11 -29.47 -3.04 -1.98
CA THR A 11 -30.85 -3.41 -2.28
C THR A 11 -31.44 -4.29 -1.16
N THR A 12 -30.60 -5.11 -0.57
CA THR A 12 -31.00 -6.10 0.41
C THR A 12 -30.89 -5.55 1.83
N ASP A 13 -30.34 -4.34 2.00
CA ASP A 13 -30.19 -3.72 3.30
C ASP A 13 -31.53 -3.18 3.83
N ILE A 14 -31.62 -3.12 5.17
CA ILE A 14 -32.71 -2.69 6.02
C ILE A 14 -32.58 -1.18 6.25
N GLY A 15 -33.72 -0.44 6.21
CA GLY A 15 -33.81 0.82 6.92
C GLY A 15 -34.00 2.06 6.04
N SER A 16 -34.38 1.89 4.77
CA SER A 16 -34.85 3.04 4.00
C SER A 16 -36.35 3.20 4.26
N ASN A 17 -36.88 4.43 4.01
CA ASN A 17 -38.28 4.83 4.19
C ASN A 17 -38.81 4.53 5.61
N THR A 18 -37.98 4.84 6.61
CA THR A 18 -38.26 4.51 8.00
C THR A 18 -37.65 5.62 8.86
N THR A 19 -38.47 6.25 9.74
CA THR A 19 -37.93 7.03 10.85
C THR A 19 -37.29 6.09 11.88
N VAL A 20 -36.07 6.45 12.32
CA VAL A 20 -35.31 5.63 13.24
C VAL A 20 -35.26 6.41 14.54
N LYS A 21 -35.53 5.74 15.65
CA LYS A 21 -35.46 6.46 16.91
C LYS A 21 -34.19 6.07 17.64
N THR A 22 -33.40 7.07 18.09
CA THR A 22 -32.14 6.72 18.72
C THR A 22 -32.07 7.34 20.13
N GLY A 23 -31.04 6.97 20.89
CA GLY A 23 -30.83 7.57 22.19
C GLY A 23 -29.47 7.19 22.79
N ASP A 24 -29.05 7.95 23.83
CA ASP A 24 -27.84 7.81 24.61
C ASP A 24 -28.22 7.64 26.07
N LEU A 25 -27.59 6.66 26.70
CA LEU A 25 -27.76 6.45 28.13
C LEU A 25 -26.34 6.29 28.68
N VAL A 26 -25.96 7.16 29.63
CA VAL A 26 -24.60 7.21 30.14
C VAL A 26 -24.68 6.96 31.63
N THR A 27 -23.88 6.03 32.13
CA THR A 27 -23.76 5.77 33.55
C THR A 27 -22.28 5.64 33.90
N TYR A 28 -21.83 6.39 34.90
CA TYR A 28 -20.47 6.27 35.39
C TYR A 28 -20.51 5.46 36.69
N ASP A 29 -19.70 4.40 36.75
CA ASP A 29 -19.61 3.58 37.95
C ASP A 29 -18.28 3.94 38.62
N LYS A 30 -18.38 4.76 39.68
CA LYS A 30 -17.25 5.36 40.37
C LYS A 30 -16.42 4.28 41.05
N GLU A 31 -17.08 3.32 41.72
CA GLU A 31 -16.41 2.24 42.45
C GLU A 31 -15.56 1.41 41.51
N ASN A 32 -16.02 1.17 40.27
CA ASN A 32 -15.29 0.28 39.40
C ASN A 32 -14.49 1.02 38.32
N GLY A 33 -14.53 2.36 38.26
CA GLY A 33 -13.81 3.14 37.26
C GLY A 33 -14.21 2.81 35.82
N MET A 34 -15.51 2.74 35.57
CA MET A 34 -16.07 2.46 34.26
C MET A 34 -17.11 3.52 33.86
N ALA A 35 -16.83 4.18 32.73
CA ALA A 35 -17.80 5.07 32.08
C ALA A 35 -18.55 4.24 31.05
N LYS A 36 -19.86 4.09 31.24
CA LYS A 36 -20.59 3.16 30.41
C LYS A 36 -21.59 3.93 29.58
N LYS A 37 -21.60 3.66 28.28
CA LYS A 37 -22.48 4.37 27.39
C LYS A 37 -23.13 3.36 26.48
N VAL A 38 -24.46 3.49 26.38
CA VAL A 38 -25.23 2.76 25.40
C VAL A 38 -25.75 3.78 24.41
N PHE A 39 -25.50 3.51 23.13
CA PHE A 39 -26.15 4.27 22.06
C PHE A 39 -27.03 3.28 21.31
N TYR A 40 -28.34 3.56 21.22
CA TYR A 40 -29.25 2.57 20.64
C TYR A 40 -30.00 3.15 19.46
N SER A 41 -30.53 2.25 18.62
CA SER A 41 -31.34 2.68 17.48
C SER A 41 -32.42 1.64 17.20
N PHE A 42 -33.68 2.07 17.23
CA PHE A 42 -34.78 1.22 16.86
C PHE A 42 -35.08 1.46 15.38
N ILE A 43 -35.19 0.39 14.62
CA ILE A 43 -35.44 0.49 13.22
C ILE A 43 -36.63 -0.43 13.02
N ASP A 44 -37.77 0.20 12.71
CA ASP A 44 -38.98 -0.53 12.36
C ASP A 44 -39.23 -0.32 10.88
N ASP A 45 -38.63 -1.19 10.06
CA ASP A 45 -38.80 -1.17 8.62
C ASP A 45 -39.92 -2.14 8.28
N LYS A 46 -40.97 -1.62 7.66
CA LYS A 46 -42.20 -2.38 7.46
C LYS A 46 -41.98 -3.49 6.43
N ASN A 47 -40.94 -3.37 5.61
CA ASN A 47 -40.63 -4.42 4.66
C ASN A 47 -39.71 -5.49 5.29
N HIS A 48 -39.44 -5.37 6.60
CA HIS A 48 -38.62 -6.38 7.29
C HIS A 48 -39.55 -7.17 8.22
N ASN A 49 -39.31 -8.48 8.35
CA ASN A 49 -40.24 -9.36 9.08
C ASN A 49 -40.18 -9.07 10.57
N LYS A 50 -39.28 -8.23 11.10
CA LYS A 50 -39.24 -8.09 12.56
C LYS A 50 -38.78 -6.66 12.89
N LYS A 51 -39.01 -6.20 14.13
CA LYS A 51 -38.45 -4.94 14.59
C LYS A 51 -37.03 -5.23 15.02
N LEU A 52 -36.16 -4.20 14.92
CA LEU A 52 -34.74 -4.30 15.20
C LEU A 52 -34.40 -3.20 16.20
N LEU A 53 -33.48 -3.54 17.07
CA LEU A 53 -32.78 -2.61 17.94
C LEU A 53 -31.28 -2.86 17.77
N VAL A 54 -30.53 -1.79 17.48
CA VAL A 54 -29.09 -1.88 17.44
C VAL A 54 -28.59 -1.21 18.70
N ILE A 55 -27.82 -1.96 19.49
CA ILE A 55 -27.30 -1.47 20.75
C ILE A 55 -25.78 -1.38 20.59
N ARG A 56 -25.24 -0.17 20.75
CA ARG A 56 -23.83 0.04 20.66
C ARG A 56 -23.35 0.25 22.09
N THR A 57 -22.49 -0.64 22.62
CA THR A 57 -21.91 -0.47 23.95
C THR A 57 -20.53 0.19 23.84
N LYS A 58 -20.41 1.39 24.40
CA LYS A 58 -19.23 2.25 24.32
C LYS A 58 -18.81 2.69 25.72
N GLY A 59 -18.06 3.79 25.80
CA GLY A 59 -17.52 4.26 27.07
C GLY A 59 -16.09 3.81 27.24
N THR A 60 -15.60 3.86 28.47
CA THR A 60 -14.17 3.52 28.70
C THR A 60 -13.95 2.88 30.05
N ILE A 61 -13.38 1.67 30.06
CA ILE A 61 -13.02 1.02 31.30
C ILE A 61 -11.56 1.40 31.63
N ALA A 62 -11.37 2.17 32.69
CA ALA A 62 -10.06 2.57 33.15
C ALA A 62 -9.17 1.34 33.38
N GLY A 63 -7.89 1.47 33.05
CA GLY A 63 -6.92 0.42 33.26
C GLY A 63 -6.75 0.06 34.74
N GLN A 64 -6.40 1.08 35.55
CA GLN A 64 -6.17 0.94 36.98
C GLN A 64 -4.97 0.05 37.33
N TYR A 65 -3.85 0.37 36.66
CA TYR A 65 -2.46 -0.04 36.84
C TYR A 65 -1.98 0.52 38.17
N ARG A 66 -2.32 -0.18 39.29
CA ARG A 66 -1.99 0.22 40.65
C ARG A 66 -0.85 -0.60 41.30
N VAL A 67 0.21 0.13 41.67
CA VAL A 67 1.34 -0.38 42.43
C VAL A 67 0.86 -0.44 43.86
N TYR A 68 0.70 -1.65 44.40
CA TYR A 68 -0.11 -1.78 45.58
C TYR A 68 0.79 -2.07 46.77
N SER A 69 1.20 -3.33 46.91
CA SER A 69 1.92 -3.70 48.13
C SER A 69 3.17 -2.82 48.22
N GLU A 70 3.61 -2.66 49.47
CA GLU A 70 4.94 -2.18 49.77
C GLU A 70 5.33 -2.74 51.13
N GLU A 71 5.74 -4.02 51.16
CA GLU A 71 6.08 -4.72 52.38
C GLU A 71 7.60 -4.81 52.56
N GLY A 72 8.21 -3.66 52.92
CA GLY A 72 9.66 -3.47 52.89
C GLY A 72 10.06 -2.67 51.66
N ALA A 73 11.34 -2.78 51.27
CA ALA A 73 11.80 -2.15 50.03
C ALA A 73 12.33 -3.22 49.07
N ASN A 74 12.03 -4.48 49.39
CA ASN A 74 12.47 -5.63 48.60
C ASN A 74 11.32 -6.28 47.83
N LYS A 75 10.08 -5.97 48.25
CA LYS A 75 8.90 -6.64 47.71
C LYS A 75 7.85 -5.61 47.28
N SER A 76 7.35 -5.78 46.07
CA SER A 76 6.31 -4.90 45.57
C SER A 76 5.42 -5.65 44.60
N GLY A 77 4.19 -5.16 44.47
CA GLY A 77 3.21 -5.77 43.59
C GLY A 77 2.47 -4.73 42.74
N LEU A 78 2.05 -5.18 41.55
CA LEU A 78 1.36 -4.36 40.57
C LEU A 78 0.12 -5.11 40.14
N ALA A 79 -1.06 -4.53 40.39
CA ALA A 79 -2.32 -5.00 39.77
C ALA A 79 -2.47 -4.39 38.38
N TRP A 80 -2.72 -5.22 37.37
CA TRP A 80 -2.78 -4.66 36.02
C TRP A 80 -3.88 -5.35 35.24
N PRO A 81 -4.53 -4.68 34.25
CA PRO A 81 -5.66 -5.29 33.57
C PRO A 81 -5.23 -6.25 32.46
N SER A 82 -5.51 -7.54 32.64
CA SER A 82 -5.17 -8.49 31.59
C SER A 82 -6.39 -8.76 30.71
N ALA A 83 -7.57 -8.32 31.13
CA ALA A 83 -8.70 -8.53 30.25
C ALA A 83 -9.76 -7.46 30.54
N PHE A 84 -10.45 -7.07 29.48
CA PHE A 84 -11.62 -6.22 29.58
C PHE A 84 -12.76 -6.97 28.90
N LYS A 85 -13.96 -6.89 29.45
CA LYS A 85 -15.09 -7.59 28.85
C LYS A 85 -16.37 -6.79 28.90
N VAL A 86 -17.16 -6.95 27.84
CA VAL A 86 -18.51 -6.44 27.74
C VAL A 86 -19.40 -7.61 27.31
N GLN A 87 -20.51 -7.80 28.05
CA GLN A 87 -21.48 -8.86 27.77
C GLN A 87 -22.91 -8.33 27.85
N LEU A 88 -23.78 -8.88 26.99
CA LEU A 88 -25.19 -8.53 27.00
C LEU A 88 -25.96 -9.81 27.14
N GLN A 89 -27.06 -9.75 27.92
CA GLN A 89 -27.84 -10.96 28.08
C GLN A 89 -29.30 -10.60 28.24
N LEU A 90 -30.14 -11.21 27.40
CA LEU A 90 -31.59 -11.21 27.52
C LEU A 90 -31.99 -12.34 28.45
N PRO A 91 -32.73 -12.07 29.54
CA PRO A 91 -33.30 -13.15 30.36
C PRO A 91 -33.96 -14.33 29.61
N ASP A 92 -34.02 -15.45 30.33
CA ASP A 92 -34.33 -16.79 29.83
C ASP A 92 -35.60 -16.79 28.97
N ASN A 93 -36.65 -16.12 29.48
CA ASN A 93 -38.03 -16.27 29.05
C ASN A 93 -38.46 -15.20 28.05
N GLU A 94 -37.55 -14.36 27.55
CA GLU A 94 -37.92 -13.23 26.68
C GLU A 94 -38.15 -13.75 25.26
N VAL A 95 -39.01 -13.08 24.49
CA VAL A 95 -39.19 -13.42 23.08
C VAL A 95 -38.20 -12.72 22.12
N ALA A 96 -37.69 -11.53 22.48
CA ALA A 96 -36.57 -10.93 21.76
C ALA A 96 -35.39 -11.87 21.61
N GLN A 97 -34.65 -11.72 20.51
CA GLN A 97 -33.49 -12.55 20.28
C GLN A 97 -32.31 -11.68 19.81
N ILE A 98 -31.09 -12.14 20.14
CA ILE A 98 -29.87 -11.59 19.56
C ILE A 98 -29.73 -12.10 18.14
N SER A 99 -29.65 -11.16 17.21
CA SER A 99 -29.76 -11.49 15.81
C SER A 99 -28.39 -11.33 15.14
N ASP A 100 -27.55 -10.43 15.67
CA ASP A 100 -26.28 -10.10 15.04
C ASP A 100 -25.42 -9.31 16.01
N TYR A 101 -24.17 -9.06 15.66
CA TYR A 101 -23.18 -8.47 16.55
C TYR A 101 -21.97 -8.21 15.66
N TYR A 102 -21.25 -7.16 15.97
CA TYR A 102 -20.05 -6.76 15.27
C TYR A 102 -19.11 -6.11 16.30
N PRO A 103 -17.80 -6.36 16.32
CA PRO A 103 -17.13 -7.26 15.35
C PRO A 103 -17.13 -8.72 15.75
N ARG A 104 -16.55 -9.54 14.87
CA ARG A 104 -16.54 -10.99 15.02
C ARG A 104 -15.07 -11.44 14.96
N ASN A 105 -14.79 -12.73 14.93
CA ASN A 105 -13.43 -13.20 15.01
C ASN A 105 -12.93 -13.35 13.57
N SER A 106 -11.83 -12.70 13.22
CA SER A 106 -11.42 -12.93 11.84
C SER A 106 -10.21 -13.89 11.78
N ILE A 107 -10.04 -14.54 10.62
CA ILE A 107 -8.99 -15.48 10.37
C ILE A 107 -7.65 -14.75 10.36
N ASP A 108 -6.72 -15.18 11.19
CA ASP A 108 -5.41 -14.60 11.26
C ASP A 108 -4.56 -15.24 10.17
N THR A 109 -3.50 -14.50 9.77
CA THR A 109 -2.64 -14.90 8.67
C THR A 109 -1.19 -14.72 9.12
N LYS A 110 -0.27 -15.25 8.31
CA LYS A 110 1.16 -15.21 8.51
C LYS A 110 1.81 -15.31 7.11
N GLU A 111 2.99 -14.71 6.95
CA GLU A 111 3.75 -14.85 5.71
C GLU A 111 4.85 -15.88 5.96
N TYR A 112 4.99 -16.81 5.02
CA TYR A 112 5.99 -17.86 5.07
C TYR A 112 6.92 -17.66 3.89
N MET A 113 8.22 -17.85 4.13
CA MET A 113 9.23 -17.58 3.15
C MET A 113 10.30 -18.68 3.19
N SER A 114 10.58 -19.35 2.06
CA SER A 114 11.69 -20.30 2.03
C SER A 114 12.75 -19.89 1.01
N THR A 115 14.02 -20.22 1.31
CA THR A 115 15.14 -19.78 0.50
C THR A 115 16.09 -20.97 0.32
N LEU A 116 16.68 -21.05 -0.87
CA LEU A 116 17.71 -22.02 -1.18
C LEU A 116 18.87 -21.28 -1.86
N THR A 117 20.10 -21.44 -1.36
CA THR A 117 21.30 -20.91 -2.01
C THR A 117 22.35 -22.00 -2.20
N TYR A 118 22.93 -22.03 -3.41
CA TYR A 118 24.07 -22.82 -3.81
C TYR A 118 25.24 -21.87 -4.01
N GLY A 119 26.45 -22.28 -3.58
CA GLY A 119 27.64 -21.44 -3.70
C GLY A 119 28.90 -22.21 -4.08
N PHE A 120 29.68 -21.64 -5.01
CA PHE A 120 30.99 -22.14 -5.39
C PHE A 120 32.00 -21.05 -5.09
N ASN A 121 33.22 -21.42 -4.65
CA ASN A 121 34.23 -20.38 -4.37
C ASN A 121 35.65 -20.92 -4.55
N GLY A 122 36.58 -20.04 -4.92
CA GLY A 122 37.91 -20.47 -5.33
C GLY A 122 39.01 -19.54 -4.81
N ASN A 123 40.21 -20.12 -4.59
CA ASN A 123 41.39 -19.42 -4.11
C ASN A 123 42.66 -19.79 -4.87
N VAL A 124 43.55 -18.81 -4.88
CA VAL A 124 44.95 -18.95 -5.23
C VAL A 124 45.70 -18.15 -4.17
N THR A 125 46.52 -18.85 -3.37
CA THR A 125 47.39 -18.24 -2.37
C THR A 125 48.81 -18.14 -2.91
N GLY A 126 49.71 -17.57 -2.09
CA GLY A 126 51.07 -17.30 -2.53
C GLY A 126 51.80 -16.33 -1.61
N ASP A 127 53.02 -16.72 -1.20
CA ASP A 127 53.94 -15.86 -0.47
C ASP A 127 55.14 -15.50 -1.35
N ASP A 128 56.07 -14.71 -0.79
CA ASP A 128 57.31 -14.31 -1.46
C ASP A 128 58.24 -15.52 -1.58
N THR A 129 58.04 -16.51 -0.69
CA THR A 129 58.82 -17.74 -0.67
C THR A 129 58.47 -18.62 -1.89
N GLY A 130 57.71 -18.07 -2.86
CA GLY A 130 57.40 -18.72 -4.13
C GLY A 130 56.36 -19.85 -4.05
N LYS A 131 55.81 -20.10 -2.84
CA LYS A 131 54.84 -21.15 -2.54
C LYS A 131 53.41 -20.74 -2.96
N ILE A 132 52.78 -21.59 -3.79
CA ILE A 132 51.46 -21.39 -4.37
C ILE A 132 50.51 -22.34 -3.66
N GLY A 133 49.29 -21.87 -3.36
CA GLY A 133 48.23 -22.67 -2.76
C GLY A 133 46.90 -22.45 -3.49
N GLY A 134 45.93 -23.32 -3.21
CA GLY A 134 44.66 -23.35 -3.92
C GLY A 134 43.54 -23.95 -3.06
N LEU A 135 42.30 -23.49 -3.33
CA LEU A 135 41.10 -23.85 -2.59
C LEU A 135 39.90 -23.88 -3.55
N ILE A 136 39.15 -24.98 -3.53
CA ILE A 136 37.87 -25.08 -4.20
C ILE A 136 36.83 -25.51 -3.17
N GLY A 137 35.67 -24.81 -3.15
CA GLY A 137 34.65 -25.02 -2.12
C GLY A 137 33.23 -24.91 -2.65
N ALA A 138 32.29 -25.60 -1.97
CA ALA A 138 30.87 -25.41 -2.25
C ALA A 138 30.10 -25.23 -0.94
N ASN A 139 28.83 -24.80 -1.06
CA ASN A 139 27.92 -24.68 0.06
C ASN A 139 26.48 -24.73 -0.42
N VAL A 140 25.62 -25.30 0.43
CA VAL A 140 24.19 -25.25 0.27
C VAL A 140 23.64 -24.62 1.53
N SER A 141 22.45 -24.02 1.38
CA SER A 141 21.81 -23.26 2.44
C SER A 141 20.30 -23.31 2.22
N ILE A 142 19.59 -23.87 3.21
CA ILE A 142 18.15 -23.87 3.16
C ILE A 142 17.67 -23.01 4.31
N GLY A 143 16.71 -22.13 4.01
CA GLY A 143 16.23 -21.14 4.96
C GLY A 143 14.70 -21.12 5.08
N HIS A 144 14.19 -20.70 6.23
CA HIS A 144 12.79 -20.37 6.27
C HIS A 144 12.56 -19.21 7.25
N THR A 145 11.62 -18.35 6.91
CA THR A 145 11.24 -17.19 7.70
C THR A 145 9.71 -17.18 7.83
N LEU A 146 9.26 -16.79 9.01
CA LEU A 146 7.86 -16.68 9.37
C LEU A 146 7.64 -15.27 9.91
N LYS A 147 6.59 -14.60 9.42
CA LYS A 147 6.34 -13.20 9.74
C LYS A 147 4.86 -13.06 10.04
N TYR A 148 4.51 -12.49 11.20
CA TYR A 148 3.09 -12.27 11.53
C TYR A 148 2.96 -11.10 12.51
N VAL A 149 1.75 -10.55 12.62
CA VAL A 149 1.51 -9.36 13.42
C VAL A 149 1.05 -9.79 14.80
N GLN A 150 1.53 -9.13 15.86
CA GLN A 150 1.12 -9.49 17.21
C GLN A 150 0.64 -8.25 17.94
N PRO A 151 -0.67 -8.02 18.00
CA PRO A 151 -1.23 -6.85 18.69
C PRO A 151 -1.00 -7.01 20.19
N ASP A 152 -0.93 -5.87 20.89
CA ASP A 152 -0.74 -5.91 22.34
C ASP A 152 -1.90 -6.60 23.03
N PHE A 153 -3.14 -6.33 22.55
CA PHE A 153 -4.35 -6.96 23.07
C PHE A 153 -5.08 -7.57 21.89
N LYS A 154 -5.80 -8.68 22.12
CA LYS A 154 -6.63 -9.22 21.06
C LYS A 154 -8.07 -8.91 21.44
N THR A 155 -8.91 -8.64 20.44
CA THR A 155 -10.32 -8.40 20.63
C THR A 155 -11.09 -9.61 20.13
N ILE A 156 -11.83 -10.29 21.01
CA ILE A 156 -12.39 -11.59 20.65
C ILE A 156 -13.89 -11.62 20.88
N LEU A 157 -14.64 -12.15 19.90
CA LEU A 157 -16.09 -12.33 20.09
C LEU A 157 -16.30 -13.64 20.83
N GLU A 158 -16.93 -13.58 22.02
CA GLU A 158 -17.28 -14.79 22.78
C GLU A 158 -18.49 -15.43 22.12
N SER A 159 -18.47 -16.77 22.02
CA SER A 159 -19.51 -17.60 21.40
C SER A 159 -20.89 -17.10 21.78
N PRO A 160 -21.64 -16.46 20.86
CA PRO A 160 -22.99 -15.98 21.15
C PRO A 160 -24.03 -17.10 21.27
N THR A 161 -25.19 -16.78 21.88
CA THR A 161 -26.37 -17.60 21.71
C THR A 161 -27.42 -16.70 21.09
N ASP A 162 -28.71 -17.03 21.23
CA ASP A 162 -29.73 -16.08 20.81
C ASP A 162 -30.09 -15.23 22.01
N LYS A 163 -29.43 -15.45 23.15
CA LYS A 163 -29.80 -14.70 24.34
C LYS A 163 -28.60 -13.97 24.93
N LYS A 164 -27.37 -14.34 24.52
CA LYS A 164 -26.18 -13.65 25.04
C LYS A 164 -25.06 -13.52 24.02
N VAL A 165 -24.30 -12.46 24.21
CA VAL A 165 -23.17 -12.10 23.36
C VAL A 165 -22.19 -11.33 24.22
N GLY A 166 -20.89 -11.44 23.95
CA GLY A 166 -19.96 -10.57 24.65
C GLY A 166 -18.65 -10.53 23.90
N TRP A 167 -17.79 -9.58 24.28
CA TRP A 167 -16.42 -9.51 23.77
C TRP A 167 -15.48 -9.52 24.95
N LYS A 168 -14.30 -10.07 24.74
CA LYS A 168 -13.22 -9.90 25.69
C LYS A 168 -12.00 -9.38 24.92
N VAL A 169 -11.35 -8.39 25.53
CA VAL A 169 -10.19 -7.76 24.94
C VAL A 169 -9.04 -8.16 25.88
N ILE A 170 -8.21 -9.14 25.46
CA ILE A 170 -7.33 -9.82 26.40
C ILE A 170 -5.88 -9.43 26.11
N PHE A 171 -5.08 -9.31 27.16
CA PHE A 171 -3.67 -8.99 26.97
C PHE A 171 -3.03 -10.18 26.25
N ASN A 172 -2.25 -9.83 25.22
CA ASN A 172 -1.61 -10.81 24.36
C ASN A 172 -0.11 -10.83 24.69
N ASN A 173 0.66 -9.83 24.22
CA ASN A 173 2.03 -9.69 24.69
C ASN A 173 2.51 -8.24 24.53
N MET A 174 3.74 -7.93 24.97
CA MET A 174 4.13 -6.53 24.96
C MET A 174 5.66 -6.41 25.03
N VAL A 175 6.16 -5.35 24.40
CA VAL A 175 7.56 -5.01 24.38
C VAL A 175 7.87 -4.18 25.62
N ASN A 176 8.95 -4.49 26.33
CA ASN A 176 9.37 -3.79 27.53
C ASN A 176 10.75 -3.19 27.20
N GLN A 177 10.82 -1.84 27.04
CA GLN A 177 12.01 -1.13 26.63
C GLN A 177 12.80 -1.92 25.58
N ASN A 178 12.12 -2.34 24.50
CA ASN A 178 12.76 -2.97 23.35
C ASN A 178 13.12 -4.43 23.61
N TRP A 179 12.81 -4.97 24.78
CA TRP A 179 13.02 -6.40 24.98
C TRP A 179 11.67 -7.09 24.91
N GLY A 180 11.69 -8.39 24.65
CA GLY A 180 10.48 -9.18 24.66
C GLY A 180 10.15 -9.64 23.24
N PRO A 181 8.85 -9.80 22.88
CA PRO A 181 7.75 -9.42 23.78
C PRO A 181 7.71 -10.35 24.98
N TYR A 182 7.11 -9.88 26.07
CA TYR A 182 6.86 -10.74 27.21
C TYR A 182 5.36 -10.98 27.28
N ASP A 183 4.98 -12.05 27.98
CA ASP A 183 3.57 -12.25 28.14
C ASP A 183 3.32 -12.76 29.55
N ARG A 184 2.08 -13.21 29.81
CA ARG A 184 1.68 -13.62 31.14
C ARG A 184 2.49 -14.82 31.65
N ASP A 185 3.10 -15.59 30.72
CA ASP A 185 3.77 -16.84 31.08
C ASP A 185 5.29 -16.77 30.87
N SER A 186 5.82 -15.65 30.40
CA SER A 186 7.25 -15.51 30.24
C SER A 186 8.00 -16.01 31.47
N TRP A 187 9.10 -16.73 31.22
CA TRP A 187 9.88 -17.26 32.33
C TRP A 187 11.34 -17.39 31.91
N ASN A 188 12.17 -16.52 32.49
CA ASN A 188 13.62 -16.61 32.36
C ASN A 188 14.15 -17.17 33.68
N PRO A 189 15.02 -18.20 33.67
CA PRO A 189 15.41 -18.94 34.90
C PRO A 189 15.93 -18.05 36.03
N VAL A 190 16.63 -16.97 35.65
CA VAL A 190 17.19 -16.00 36.59
C VAL A 190 16.21 -14.87 36.91
N TYR A 191 15.59 -14.23 35.89
CA TYR A 191 14.86 -12.99 36.15
C TYR A 191 13.35 -13.22 36.35
N GLY A 192 12.90 -14.47 36.18
CA GLY A 192 11.50 -14.82 36.29
C GLY A 192 10.72 -14.26 35.11
N ASN A 193 9.60 -13.58 35.40
CA ASN A 193 8.79 -12.98 34.34
C ASN A 193 9.11 -11.49 34.31
N GLN A 194 9.70 -11.01 33.23
CA GLN A 194 10.21 -9.63 33.19
C GLN A 194 9.18 -8.63 32.65
N LEU A 195 7.92 -9.08 32.49
CA LEU A 195 6.88 -8.32 31.80
C LEU A 195 6.96 -6.83 32.14
N PHE A 196 6.89 -6.44 33.43
CA PHE A 196 6.82 -5.04 33.83
C PHE A 196 8.03 -4.58 34.64
N MET A 197 9.13 -5.34 34.56
CA MET A 197 10.33 -5.07 35.34
C MET A 197 11.11 -3.94 34.67
N LYS A 198 11.40 -2.85 35.39
CA LYS A 198 12.15 -1.79 34.73
C LYS A 198 13.62 -2.21 34.57
N THR A 199 14.27 -2.67 35.66
CA THR A 199 15.68 -3.03 35.61
C THR A 199 15.94 -4.41 36.23
N ARG A 200 16.92 -5.12 35.67
CA ARG A 200 17.43 -6.38 36.19
C ARG A 200 18.13 -6.25 37.55
N ASN A 201 18.95 -5.19 37.77
CA ASN A 201 19.57 -5.06 39.09
C ASN A 201 19.85 -3.61 39.48
N GLY A 202 18.90 -2.71 39.22
CA GLY A 202 18.99 -1.38 39.78
C GLY A 202 18.78 -1.40 41.30
N SER A 203 19.13 -0.30 41.96
CA SER A 203 19.19 -0.35 43.41
C SER A 203 18.14 0.58 44.00
N MET A 204 17.07 0.85 43.25
CA MET A 204 15.93 1.55 43.84
C MET A 204 15.12 0.59 44.74
N LYS A 205 14.14 1.14 45.45
CA LYS A 205 13.18 0.27 46.14
C LYS A 205 12.29 -0.44 45.10
N ALA A 206 11.68 -1.55 45.51
CA ALA A 206 10.95 -2.43 44.62
C ALA A 206 9.88 -1.64 43.87
N ALA A 207 9.16 -0.82 44.62
CA ALA A 207 8.05 -0.03 44.13
C ALA A 207 8.48 0.97 43.05
N ASP A 208 9.79 1.19 42.88
CA ASP A 208 10.23 2.12 41.85
C ASP A 208 10.77 1.33 40.67
N ASN A 209 10.67 -0.01 40.72
CA ASN A 209 11.25 -0.81 39.65
C ASN A 209 10.22 -1.32 38.61
N PHE A 210 9.04 -0.69 38.51
CA PHE A 210 8.08 -1.08 37.48
C PHE A 210 8.23 -0.17 36.26
N LEU A 211 8.05 -0.77 35.07
CA LEU A 211 8.09 -0.06 33.81
C LEU A 211 7.18 1.18 33.93
N ASP A 212 7.64 2.31 33.39
CA ASP A 212 6.88 3.55 33.37
C ASP A 212 5.63 3.31 32.52
N PRO A 213 4.43 3.57 33.10
CA PRO A 213 3.17 3.37 32.38
C PRO A 213 3.15 4.02 30.99
N ASN A 214 3.79 5.18 30.85
CA ASN A 214 3.88 5.80 29.53
C ASN A 214 4.61 4.96 28.49
N LYS A 215 5.37 3.94 28.95
CA LYS A 215 6.18 3.12 28.06
C LYS A 215 5.51 1.77 27.88
N ALA A 216 4.23 1.67 28.27
CA ALA A 216 3.53 0.42 28.15
C ALA A 216 2.28 0.70 27.34
N SER A 217 1.58 -0.34 26.85
CA SER A 217 0.29 -0.12 26.23
C SER A 217 -0.60 0.82 27.06
N SER A 218 -1.14 1.83 26.38
CA SER A 218 -1.91 2.81 27.12
C SER A 218 -3.27 2.25 27.59
N LEU A 219 -3.68 1.09 27.05
CA LEU A 219 -4.80 0.34 27.65
C LEU A 219 -4.53 -0.05 29.10
N LEU A 220 -3.24 -0.18 29.49
CA LEU A 220 -2.93 -0.65 30.83
C LEU A 220 -3.22 0.42 31.88
N SER A 221 -3.11 1.72 31.56
CA SER A 221 -3.37 2.78 32.53
C SER A 221 -4.67 3.50 32.14
N SER A 222 -4.60 4.28 31.06
CA SER A 222 -5.75 5.10 30.72
C SER A 222 -6.99 4.28 30.38
N GLY A 223 -6.79 3.09 29.80
CA GLY A 223 -7.89 2.14 29.73
C GLY A 223 -8.42 1.96 28.31
N PHE A 224 -9.46 1.12 28.21
CA PHE A 224 -9.97 0.63 26.95
C PHE A 224 -11.35 1.23 26.66
N SER A 225 -11.60 1.59 25.40
CA SER A 225 -12.89 2.14 25.00
C SER A 225 -13.60 1.13 24.12
N PRO A 226 -14.58 0.36 24.66
CA PRO A 226 -15.33 -0.61 23.88
C PRO A 226 -16.05 0.10 22.74
N ASP A 227 -16.20 -0.61 21.63
CA ASP A 227 -17.04 -0.10 20.59
C ASP A 227 -17.69 -1.29 19.89
N PHE A 228 -18.78 -1.80 20.45
CA PHE A 228 -19.37 -3.08 20.04
C PHE A 228 -20.82 -2.86 19.64
N ALA A 229 -21.33 -3.66 18.68
CA ALA A 229 -22.69 -3.52 18.23
C ALA A 229 -23.41 -4.86 18.42
N THR A 230 -24.66 -4.79 18.89
CA THR A 230 -25.54 -5.93 19.06
C THR A 230 -26.88 -5.57 18.44
N VAL A 231 -27.44 -6.51 17.66
CA VAL A 231 -28.73 -6.32 17.06
C VAL A 231 -29.69 -7.31 17.71
N ILE A 232 -30.79 -6.75 18.19
CA ILE A 232 -31.86 -7.50 18.81
C ILE A 232 -33.06 -7.42 17.90
N THR A 233 -33.67 -8.57 17.60
CA THR A 233 -34.89 -8.61 16.80
C THR A 233 -36.07 -9.01 17.68
N MET A 234 -37.24 -8.49 17.32
CA MET A 234 -38.46 -8.72 18.05
C MET A 234 -39.62 -8.86 17.05
N ASP A 235 -40.44 -9.86 17.35
CA ASP A 235 -41.65 -10.20 16.63
C ASP A 235 -42.75 -9.13 16.81
N ARG A 236 -43.39 -8.71 15.72
CA ARG A 236 -44.41 -7.69 15.88
C ARG A 236 -45.63 -8.20 16.67
N LYS A 237 -45.92 -9.49 16.58
CA LYS A 237 -47.10 -10.11 17.16
C LYS A 237 -46.95 -10.43 18.65
N ALA A 238 -45.74 -10.36 19.23
CA ALA A 238 -45.59 -10.81 20.61
C ALA A 238 -46.55 -10.07 21.54
N SER A 239 -47.07 -10.78 22.55
CA SER A 239 -47.95 -10.22 23.58
C SER A 239 -47.22 -9.15 24.41
N LYS A 240 -46.09 -9.51 25.04
CA LYS A 240 -45.26 -8.59 25.81
C LYS A 240 -44.31 -7.83 24.88
N GLN A 241 -44.39 -6.50 24.90
CA GLN A 241 -43.60 -5.66 23.99
C GLN A 241 -42.57 -4.87 24.81
N GLN A 242 -42.18 -5.42 25.96
CA GLN A 242 -41.18 -4.87 26.86
C GLN A 242 -40.17 -6.00 27.13
N THR A 243 -38.89 -5.67 27.06
CA THR A 243 -37.82 -6.64 27.12
C THR A 243 -36.84 -6.06 28.13
N ASN A 244 -36.26 -6.91 28.97
CA ASN A 244 -35.17 -6.49 29.83
C ASN A 244 -33.87 -6.96 29.21
N ILE A 245 -32.78 -6.21 29.46
CA ILE A 245 -31.50 -6.72 29.06
C ILE A 245 -30.45 -6.24 30.05
N ASP A 246 -29.46 -7.10 30.35
CA ASP A 246 -28.34 -6.85 31.26
C ASP A 246 -27.08 -6.62 30.43
N VAL A 247 -26.33 -5.58 30.80
CA VAL A 247 -24.99 -5.35 30.27
C VAL A 247 -23.98 -5.32 31.41
N ILE A 248 -22.97 -6.19 31.35
CA ILE A 248 -21.87 -6.20 32.30
C ILE A 248 -20.62 -5.66 31.61
N TYR A 249 -19.95 -4.70 32.26
CA TYR A 249 -18.58 -4.40 31.90
C TYR A 249 -17.65 -4.95 32.96
N GLU A 250 -16.50 -5.44 32.52
CA GLU A 250 -15.67 -6.24 33.40
C GLU A 250 -14.20 -5.90 33.19
N ARG A 251 -13.45 -5.79 34.29
CA ARG A 251 -11.99 -5.69 34.31
C ARG A 251 -11.44 -6.91 35.06
N VAL A 252 -10.54 -7.65 34.40
CA VAL A 252 -9.81 -8.70 35.07
C VAL A 252 -8.37 -8.26 35.25
N ARG A 253 -7.91 -8.32 36.50
CA ARG A 253 -6.56 -7.89 36.82
C ARG A 253 -5.67 -9.03 37.26
N ASP A 254 -4.46 -9.07 36.67
CA ASP A 254 -3.40 -9.95 37.13
C ASP A 254 -2.61 -9.22 38.22
N ASP A 255 -1.68 -9.98 38.83
CA ASP A 255 -0.85 -9.57 39.95
C ASP A 255 0.59 -9.87 39.57
N TYR A 256 1.31 -8.82 39.17
CA TYR A 256 2.72 -8.92 38.87
C TYR A 256 3.55 -8.51 40.09
N GLN A 257 4.39 -9.42 40.59
CA GLN A 257 5.21 -9.14 41.77
C GLN A 257 6.69 -9.17 41.45
N LEU A 258 7.41 -8.20 42.04
CA LEU A 258 8.85 -8.13 42.00
C LEU A 258 9.40 -8.46 43.39
N HIS A 259 10.47 -9.27 43.45
CA HIS A 259 11.26 -9.45 44.67
C HIS A 259 12.74 -9.45 44.31
N TRP A 260 13.57 -8.93 45.22
CA TRP A 260 15.03 -8.99 45.12
C TRP A 260 15.51 -10.38 45.55
N THR A 261 16.35 -11.05 44.75
CA THR A 261 17.02 -12.24 45.26
C THR A 261 18.18 -11.77 46.15
N SER A 262 19.32 -12.43 46.05
CA SER A 262 20.46 -11.81 46.68
C SER A 262 21.16 -10.87 45.68
N THR A 263 20.96 -11.15 44.38
CA THR A 263 21.80 -10.60 43.32
C THR A 263 21.01 -9.75 42.32
N ASN A 264 19.72 -10.09 42.10
CA ASN A 264 18.97 -9.40 41.06
C ASN A 264 17.47 -9.41 41.34
N TRP A 265 16.73 -8.71 40.49
CA TRP A 265 15.28 -8.65 40.59
C TRP A 265 14.64 -9.83 39.86
N LYS A 266 13.59 -10.42 40.46
CA LYS A 266 12.83 -11.48 39.86
C LYS A 266 11.33 -11.13 39.91
N GLY A 267 10.64 -11.35 38.78
CA GLY A 267 9.21 -11.08 38.69
C GLY A 267 8.36 -12.34 38.60
N THR A 268 7.15 -12.28 39.19
CA THR A 268 6.15 -13.33 39.03
C THR A 268 4.83 -12.69 38.60
N ASN A 269 4.01 -13.49 37.93
CA ASN A 269 2.72 -13.03 37.47
C ASN A 269 1.69 -14.07 37.85
N THR A 270 0.64 -13.62 38.54
CA THR A 270 -0.47 -14.52 38.87
C THR A 270 -1.73 -14.05 38.15
N LYS A 271 -2.35 -15.01 37.44
CA LYS A 271 -3.44 -14.75 36.53
C LYS A 271 -4.73 -14.47 37.30
N ASP A 272 -5.50 -13.47 36.88
CA ASP A 272 -6.90 -13.35 37.27
C ASP A 272 -7.05 -13.25 38.78
N LYS A 273 -6.35 -12.32 39.42
CA LYS A 273 -6.43 -12.24 40.86
C LYS A 273 -7.63 -11.43 41.30
N TRP A 274 -7.99 -10.36 40.56
CA TRP A 274 -9.13 -9.52 40.90
C TRP A 274 -10.03 -9.35 39.70
N THR A 275 -11.35 -9.31 39.95
CA THR A 275 -12.32 -9.01 38.92
C THR A 275 -13.26 -7.91 39.39
N ASP A 276 -13.45 -6.89 38.56
CA ASP A 276 -14.40 -5.84 38.83
C ASP A 276 -15.56 -6.00 37.84
N ARG A 277 -16.79 -6.13 38.34
CA ARG A 277 -17.95 -6.33 37.49
C ARG A 277 -18.97 -5.20 37.72
N SER A 278 -19.35 -4.53 36.66
CA SER A 278 -20.32 -3.45 36.75
C SER A 278 -21.49 -3.84 35.87
N SER A 279 -22.63 -4.04 36.53
CA SER A 279 -23.79 -4.67 35.94
C SER A 279 -24.92 -3.64 35.85
N GLU A 280 -25.59 -3.62 34.71
CA GLU A 280 -26.71 -2.69 34.58
C GLU A 280 -27.87 -3.33 33.84
N ARG A 281 -29.08 -3.11 34.36
CA ARG A 281 -30.28 -3.60 33.67
C ARG A 281 -30.94 -2.45 32.87
N TYR A 282 -31.32 -2.73 31.63
CA TYR A 282 -31.96 -1.74 30.76
C TYR A 282 -33.32 -2.28 30.37
N LYS A 283 -34.25 -1.34 30.14
CA LYS A 283 -35.61 -1.68 29.82
C LYS A 283 -35.80 -1.27 28.38
N ILE A 284 -36.21 -2.23 27.54
CA ILE A 284 -36.43 -1.93 26.14
C ILE A 284 -37.92 -1.83 25.92
N ASP A 285 -38.42 -0.67 25.45
CA ASP A 285 -39.84 -0.48 25.16
C ASP A 285 -40.02 -0.48 23.65
N TRP A 286 -40.57 -1.59 23.10
CA TRP A 286 -40.68 -1.72 21.64
C TRP A 286 -41.83 -0.87 21.09
N GLU A 287 -42.87 -0.59 21.89
CA GLU A 287 -43.99 0.21 21.38
C GLU A 287 -43.56 1.68 21.27
N LYS A 288 -42.91 2.25 22.31
CA LYS A 288 -42.52 3.65 22.27
C LYS A 288 -41.13 3.76 21.67
N GLU A 289 -40.38 2.68 21.52
CA GLU A 289 -39.03 2.79 20.95
C GLU A 289 -38.13 3.65 21.82
N GLU A 290 -37.97 3.21 23.07
CA GLU A 290 -37.13 3.85 24.05
C GLU A 290 -36.43 2.74 24.82
N MET A 291 -35.17 3.03 25.24
CA MET A 291 -34.48 2.24 26.23
C MET A 291 -34.29 3.13 27.45
N THR A 292 -34.49 2.56 28.64
CA THR A 292 -34.22 3.34 29.83
C THR A 292 -33.42 2.45 30.76
N ASN A 293 -32.76 3.06 31.76
CA ASN A 293 -31.95 2.30 32.71
C ASN A 293 -32.47 2.53 34.13
N ALA B 1 -16.25 -5.76 -15.19
CA ALA B 1 -17.25 -4.80 -14.65
C ALA B 1 -17.81 -3.99 -15.80
N ASP B 2 -18.97 -3.35 -15.56
CA ASP B 2 -19.71 -2.60 -16.56
C ASP B 2 -18.80 -1.68 -17.36
N SER B 3 -17.93 -0.91 -16.69
CA SER B 3 -17.17 0.16 -17.34
C SER B 3 -16.12 -0.35 -18.33
N ASP B 4 -15.67 -1.60 -18.13
CA ASP B 4 -14.69 -2.27 -18.97
C ASP B 4 -15.26 -2.58 -20.34
N ILE B 5 -16.59 -2.63 -20.41
CA ILE B 5 -17.29 -2.95 -21.65
C ILE B 5 -18.21 -1.76 -22.02
N ASN B 6 -17.83 -0.52 -21.61
CA ASN B 6 -18.44 0.72 -22.09
C ASN B 6 -19.89 0.89 -21.64
N ILE B 7 -20.20 0.37 -20.45
CA ILE B 7 -21.57 0.38 -19.94
C ILE B 7 -21.62 1.11 -18.58
N LYS B 8 -22.52 2.07 -18.45
CA LYS B 8 -22.71 2.84 -17.22
C LYS B 8 -22.80 1.88 -16.03
N THR B 9 -21.99 2.14 -14.97
CA THR B 9 -21.92 1.26 -13.81
C THR B 9 -23.33 0.99 -13.26
N GLY B 10 -23.63 -0.31 -13.02
CA GLY B 10 -24.85 -0.79 -12.36
C GLY B 10 -26.09 -0.85 -13.28
N THR B 11 -25.91 -0.85 -14.61
CA THR B 11 -26.99 -0.90 -15.59
C THR B 11 -27.57 -2.32 -15.71
N THR B 12 -26.72 -3.30 -15.53
CA THR B 12 -27.03 -4.71 -15.73
C THR B 12 -27.47 -5.36 -14.42
N ASP B 13 -27.43 -4.63 -13.31
CA ASP B 13 -27.84 -5.17 -12.02
C ASP B 13 -29.37 -5.28 -11.90
N ILE B 14 -29.77 -6.23 -11.03
CA ILE B 14 -31.11 -6.55 -10.59
C ILE B 14 -31.45 -5.68 -9.38
N GLY B 15 -32.69 -5.14 -9.36
CA GLY B 15 -33.30 -4.73 -8.12
C GLY B 15 -33.60 -3.23 -7.96
N SER B 16 -33.58 -2.45 -9.05
CA SER B 16 -34.13 -1.10 -8.98
C SER B 16 -35.63 -1.17 -9.27
N ASN B 17 -36.38 -0.13 -8.83
CA ASN B 17 -37.84 0.01 -8.97
C ASN B 17 -38.62 -1.20 -8.42
N THR B 18 -38.20 -1.70 -7.26
CA THR B 18 -38.72 -2.92 -6.68
C THR B 18 -38.68 -2.75 -5.16
N THR B 19 -39.81 -2.95 -4.47
CA THR B 19 -39.83 -3.18 -3.03
C THR B 19 -39.26 -4.60 -2.76
N VAL B 20 -38.35 -4.68 -1.78
CA VAL B 20 -37.65 -5.88 -1.47
C VAL B 20 -38.13 -6.28 -0.09
N LYS B 21 -38.48 -7.56 0.08
CA LYS B 21 -38.96 -7.94 1.40
C LYS B 21 -37.89 -8.75 2.12
N THR B 22 -37.54 -8.36 3.35
CA THR B 22 -36.43 -9.03 3.99
C THR B 22 -36.87 -9.61 5.34
N GLY B 23 -36.00 -10.43 5.94
CA GLY B 23 -36.33 -10.97 7.26
C GLY B 23 -35.13 -11.66 7.88
N ASP B 24 -35.24 -11.92 9.19
CA ASP B 24 -34.30 -12.61 10.06
C ASP B 24 -35.02 -13.79 10.69
N LEU B 25 -34.34 -14.91 10.67
CA LEU B 25 -34.74 -16.07 11.45
C LEU B 25 -33.49 -16.51 12.20
N VAL B 26 -33.62 -16.56 13.53
CA VAL B 26 -32.51 -16.87 14.40
C VAL B 26 -32.91 -18.11 15.16
N THR B 27 -32.04 -19.12 15.13
CA THR B 27 -32.25 -20.33 15.89
C THR B 27 -30.93 -20.67 16.60
N TYR B 28 -31.01 -20.87 17.91
CA TYR B 28 -29.88 -21.30 18.69
C TYR B 28 -30.02 -22.79 18.93
N ASP B 29 -28.97 -23.56 18.56
CA ASP B 29 -28.98 -25.00 18.79
C ASP B 29 -28.06 -25.26 19.97
N LYS B 30 -28.68 -25.47 21.14
CA LYS B 30 -28.02 -25.57 22.42
C LYS B 30 -27.11 -26.80 22.46
N GLU B 31 -27.62 -27.93 21.96
CA GLU B 31 -26.89 -29.19 21.91
C GLU B 31 -25.58 -29.06 21.12
N ASN B 32 -25.60 -28.32 20.02
CA ASN B 32 -24.44 -28.29 19.14
C ASN B 32 -23.65 -26.98 19.26
N GLY B 33 -24.06 -26.03 20.13
CA GLY B 33 -23.34 -24.76 20.32
C GLY B 33 -23.23 -23.91 19.03
N MET B 34 -24.35 -23.79 18.33
CA MET B 34 -24.45 -23.07 17.07
C MET B 34 -25.57 -22.05 17.13
N ALA B 35 -25.18 -20.77 16.99
CA ALA B 35 -26.15 -19.69 16.79
C ALA B 35 -26.34 -19.54 15.27
N LYS B 36 -27.56 -19.81 14.81
CA LYS B 36 -27.76 -19.83 13.37
C LYS B 36 -28.66 -18.67 12.99
N LYS B 37 -28.24 -17.91 12.00
CA LYS B 37 -29.04 -16.79 11.57
C LYS B 37 -29.13 -16.85 10.05
N VAL B 38 -30.37 -16.75 9.56
CA VAL B 38 -30.63 -16.55 8.17
C VAL B 38 -31.17 -15.13 8.01
N PHE B 39 -30.54 -14.39 7.12
CA PHE B 39 -31.05 -13.11 6.72
C PHE B 39 -31.39 -13.24 5.24
N TYR B 40 -32.67 -13.03 4.88
CA TYR B 40 -33.08 -13.29 3.51
C TYR B 40 -33.63 -12.03 2.86
N SER B 41 -33.66 -12.05 1.52
CA SER B 41 -34.28 -10.96 0.77
C SER B 41 -34.92 -11.50 -0.49
N PHE B 42 -36.21 -11.19 -0.66
CA PHE B 42 -36.90 -11.52 -1.89
C PHE B 42 -36.82 -10.30 -2.80
N ILE B 43 -36.43 -10.52 -4.04
CA ILE B 43 -36.30 -9.43 -4.98
C ILE B 43 -37.10 -9.93 -6.18
N ASP B 44 -38.25 -9.31 -6.41
CA ASP B 44 -39.09 -9.59 -7.56
C ASP B 44 -39.04 -8.36 -8.44
N ASP B 45 -38.05 -8.35 -9.33
CA ASP B 45 -37.83 -7.28 -10.28
C ASP B 45 -38.49 -7.73 -11.58
N LYS B 46 -39.44 -6.92 -12.04
CA LYS B 46 -40.29 -7.35 -13.15
C LYS B 46 -39.50 -7.36 -14.47
N ASN B 47 -38.36 -6.68 -14.50
CA ASN B 47 -37.51 -6.70 -15.66
C ASN B 47 -36.54 -7.89 -15.62
N HIS B 48 -36.64 -8.75 -14.60
CA HIS B 48 -35.80 -9.95 -14.52
C HIS B 48 -36.67 -11.18 -14.80
N ASN B 49 -36.11 -12.19 -15.51
CA ASN B 49 -36.93 -13.30 -15.97
C ASN B 49 -37.35 -14.21 -14.81
N LYS B 50 -36.88 -14.02 -13.58
CA LYS B 50 -37.28 -14.94 -12.52
C LYS B 50 -37.37 -14.18 -11.18
N LYS B 51 -38.01 -14.77 -10.16
CA LYS B 51 -37.96 -14.21 -8.82
C LYS B 51 -36.67 -14.69 -8.21
N LEU B 52 -36.13 -13.92 -7.26
CA LEU B 52 -34.88 -14.20 -6.59
C LEU B 52 -35.16 -14.16 -5.10
N LEU B 53 -34.42 -15.04 -4.41
CA LEU B 53 -34.27 -14.98 -2.98
C LEU B 53 -32.77 -15.04 -2.70
N VAL B 54 -32.29 -14.08 -1.91
CA VAL B 54 -30.92 -14.09 -1.46
C VAL B 54 -30.94 -14.51 0.00
N ILE B 55 -30.22 -15.59 0.30
CA ILE B 55 -30.20 -16.12 1.65
C ILE B 55 -28.77 -15.95 2.16
N ARG B 56 -28.64 -15.18 3.25
CA ARG B 56 -27.34 -14.95 3.85
C ARG B 56 -27.32 -15.81 5.11
N THR B 57 -26.42 -16.81 5.17
CA THR B 57 -26.29 -17.67 6.34
C THR B 57 -25.15 -17.13 7.22
N LYS B 58 -25.53 -16.72 8.45
CA LYS B 58 -24.64 -16.04 9.38
C LYS B 58 -24.75 -16.75 10.73
N GLY B 59 -24.41 -16.03 11.81
CA GLY B 59 -24.38 -16.61 13.13
C GLY B 59 -22.97 -17.02 13.49
N THR B 60 -22.86 -17.89 14.49
CA THR B 60 -21.50 -18.28 14.96
C THR B 60 -21.46 -19.72 15.47
N ILE B 61 -20.66 -20.57 14.82
CA ILE B 61 -20.40 -21.91 15.30
C ILE B 61 -19.28 -21.85 16.32
N ALA B 62 -19.60 -22.09 17.59
CA ALA B 62 -18.62 -22.11 18.66
C ALA B 62 -17.50 -23.12 18.32
N GLY B 63 -16.26 -22.75 18.68
CA GLY B 63 -15.11 -23.63 18.52
C GLY B 63 -15.24 -24.93 19.31
N GLN B 64 -15.42 -24.81 20.64
CA GLN B 64 -15.52 -25.92 21.58
C GLN B 64 -14.27 -26.78 21.66
N TYR B 65 -13.13 -26.08 21.87
CA TYR B 65 -11.77 -26.49 22.23
C TYR B 65 -11.85 -27.07 23.64
N ARG B 66 -12.26 -28.35 23.76
CA ARG B 66 -12.43 -29.07 25.02
C ARG B 66 -11.31 -30.09 25.33
N VAL B 67 -10.64 -29.84 26.47
CA VAL B 67 -9.65 -30.72 27.06
C VAL B 67 -10.43 -31.82 27.73
N TYR B 68 -10.32 -33.04 27.20
CA TYR B 68 -11.30 -34.05 27.55
C TYR B 68 -10.64 -35.06 28.47
N SER B 69 -9.88 -36.00 27.89
CA SER B 69 -9.41 -37.09 28.72
C SER B 69 -8.59 -36.53 29.86
N GLU B 70 -8.54 -37.31 30.94
CA GLU B 70 -7.54 -37.16 31.97
C GLU B 70 -7.36 -38.53 32.63
N GLU B 71 -6.62 -39.42 31.96
CA GLU B 71 -6.43 -40.79 32.44
C GLU B 71 -5.04 -40.96 33.07
N GLY B 72 -4.89 -40.41 34.29
CA GLY B 72 -3.60 -40.24 34.94
C GLY B 72 -3.15 -38.77 34.84
N ALA B 73 -1.84 -38.53 34.99
CA ALA B 73 -1.29 -37.20 34.74
C ALA B 73 -0.25 -37.29 33.61
N ASN B 74 -0.27 -38.42 32.88
CA ASN B 74 0.63 -38.67 31.77
C ASN B 74 -0.06 -38.53 30.41
N LYS B 75 -1.39 -38.60 30.40
CA LYS B 75 -2.15 -38.69 29.16
C LYS B 75 -3.29 -37.68 29.16
N SER B 76 -3.39 -36.92 28.06
CA SER B 76 -4.46 -35.94 27.96
C SER B 76 -4.84 -35.77 26.51
N GLY B 77 -6.08 -35.35 26.28
CA GLY B 77 -6.56 -35.14 24.93
C GLY B 77 -7.36 -33.85 24.76
N LEU B 78 -7.34 -33.31 23.54
CA LEU B 78 -7.99 -32.06 23.19
C LEU B 78 -8.80 -32.30 21.93
N ALA B 79 -10.13 -32.13 22.03
CA ALA B 79 -11.01 -32.08 20.86
C ALA B 79 -11.00 -30.64 20.32
N TRP B 80 -10.74 -30.47 19.02
CA TRP B 80 -10.62 -29.10 18.52
C TRP B 80 -11.25 -29.02 17.14
N PRO B 81 -11.77 -27.85 16.72
CA PRO B 81 -12.50 -27.80 15.45
C PRO B 81 -11.52 -27.64 14.28
N SER B 82 -11.45 -28.67 13.43
CA SER B 82 -10.62 -28.55 12.24
C SER B 82 -11.42 -28.09 11.04
N ALA B 83 -12.76 -28.08 11.16
CA ALA B 83 -13.52 -27.64 10.01
C ALA B 83 -14.87 -27.11 10.49
N PHE B 84 -15.32 -26.06 9.81
CA PHE B 84 -16.64 -25.54 9.99
C PHE B 84 -17.32 -25.54 8.63
N LYS B 85 -18.61 -25.87 8.59
CA LYS B 85 -19.28 -26.00 7.30
C LYS B 85 -20.71 -25.52 7.39
N VAL B 86 -21.15 -24.91 6.28
CA VAL B 86 -22.52 -24.50 6.05
C VAL B 86 -22.90 -25.01 4.67
N GLN B 87 -24.07 -25.69 4.59
CA GLN B 87 -24.60 -26.24 3.35
C GLN B 87 -26.09 -25.96 3.23
N LEU B 88 -26.54 -25.75 1.99
CA LEU B 88 -27.94 -25.52 1.70
C LEU B 88 -28.35 -26.54 0.66
N GLN B 89 -29.57 -27.06 0.79
CA GLN B 89 -30.02 -28.01 -0.21
C GLN B 89 -31.53 -27.88 -0.42
N LEU B 90 -31.92 -27.71 -1.67
CA LEU B 90 -33.29 -27.79 -2.16
C LEU B 90 -33.61 -29.26 -2.44
N PRO B 91 -34.69 -29.80 -1.87
CA PRO B 91 -35.19 -31.12 -2.29
C PRO B 91 -35.24 -31.42 -3.79
N ASP B 92 -35.20 -32.73 -4.10
CA ASP B 92 -34.91 -33.26 -5.43
C ASP B 92 -35.88 -32.69 -6.47
N ASN B 93 -37.18 -32.62 -6.09
CA ASN B 93 -38.29 -32.40 -7.01
C ASN B 93 -38.75 -30.94 -7.08
N GLU B 94 -38.03 -30.00 -6.45
CA GLU B 94 -38.45 -28.61 -6.39
C GLU B 94 -38.14 -27.93 -7.73
N VAL B 95 -38.93 -26.90 -8.11
CA VAL B 95 -38.60 -26.11 -9.28
C VAL B 95 -37.58 -24.97 -9.08
N ALA B 96 -37.53 -24.40 -7.87
CA ALA B 96 -36.48 -23.45 -7.52
C ALA B 96 -35.07 -24.02 -7.75
N GLN B 97 -34.11 -23.15 -8.10
CA GLN B 97 -32.76 -23.59 -8.34
C GLN B 97 -31.76 -22.64 -7.69
N ILE B 98 -30.58 -23.17 -7.37
CA ILE B 98 -29.44 -22.38 -6.91
C ILE B 98 -28.80 -21.67 -8.10
N SER B 99 -28.75 -20.35 -8.02
CA SER B 99 -28.41 -19.55 -9.18
C SER B 99 -27.02 -18.94 -8.98
N ASP B 100 -26.61 -18.72 -7.73
CA ASP B 100 -25.35 -18.04 -7.45
C ASP B 100 -25.04 -18.20 -5.96
N TYR B 101 -23.85 -17.77 -5.55
CA TYR B 101 -23.33 -18.00 -4.22
C TYR B 101 -22.03 -17.21 -4.16
N TYR B 102 -21.73 -16.68 -2.99
CA TYR B 102 -20.54 -15.90 -2.72
C TYR B 102 -20.15 -16.18 -1.27
N PRO B 103 -18.85 -16.38 -0.94
CA PRO B 103 -17.73 -16.31 -1.89
C PRO B 103 -17.45 -17.63 -2.63
N ARG B 104 -16.43 -17.59 -3.50
CA ARG B 104 -16.09 -18.68 -4.40
C ARG B 104 -14.63 -19.00 -4.16
N ASN B 105 -14.01 -19.88 -4.95
CA ASN B 105 -12.61 -20.22 -4.68
C ASN B 105 -11.75 -19.26 -5.47
N SER B 106 -10.86 -18.55 -4.81
CA SER B 106 -10.02 -17.70 -5.64
C SER B 106 -8.63 -18.34 -5.84
N ILE B 107 -7.99 -17.96 -6.94
CA ILE B 107 -6.68 -18.44 -7.34
C ILE B 107 -5.66 -17.88 -6.35
N ASP B 108 -4.88 -18.78 -5.77
CA ASP B 108 -3.86 -18.38 -4.82
C ASP B 108 -2.61 -17.99 -5.60
N THR B 109 -1.75 -17.19 -4.99
CA THR B 109 -0.49 -16.81 -5.63
C THR B 109 0.63 -16.90 -4.61
N LYS B 110 1.84 -16.54 -5.06
CA LYS B 110 3.12 -16.69 -4.38
C LYS B 110 4.11 -15.79 -5.13
N GLU B 111 5.09 -15.24 -4.40
CA GLU B 111 6.16 -14.45 -5.00
C GLU B 111 7.38 -15.36 -5.12
N TYR B 112 8.01 -15.33 -6.28
CA TYR B 112 9.22 -16.08 -6.55
C TYR B 112 10.35 -15.09 -6.79
N MET B 113 11.50 -15.41 -6.23
CA MET B 113 12.62 -14.48 -6.27
C MET B 113 13.92 -15.26 -6.57
N SER B 114 14.62 -14.88 -7.64
CA SER B 114 15.96 -15.46 -7.84
C SER B 114 17.07 -14.41 -7.74
N THR B 115 18.23 -14.85 -7.25
CA THR B 115 19.35 -13.94 -7.02
C THR B 115 20.63 -14.59 -7.53
N LEU B 116 21.52 -13.75 -8.03
CA LEU B 116 22.79 -14.18 -8.54
C LEU B 116 23.86 -13.19 -8.06
N THR B 117 24.92 -13.68 -7.38
CA THR B 117 26.05 -12.83 -6.98
C THR B 117 27.39 -13.43 -7.44
N TYR B 118 28.24 -12.59 -8.05
CA TYR B 118 29.63 -12.88 -8.35
C TYR B 118 30.48 -12.01 -7.42
N GLY B 119 31.58 -12.60 -6.90
CA GLY B 119 32.45 -11.89 -5.97
C GLY B 119 33.93 -12.13 -6.23
N PHE B 120 34.72 -11.04 -6.13
CA PHE B 120 36.16 -11.09 -6.26
C PHE B 120 36.73 -10.54 -4.96
N ASN B 121 37.87 -11.06 -4.49
CA ASN B 121 38.49 -10.51 -3.29
C ASN B 121 40.01 -10.72 -3.31
N GLY B 122 40.74 -9.80 -2.64
CA GLY B 122 42.18 -9.88 -2.54
C GLY B 122 42.71 -9.67 -1.12
N ASN B 123 43.89 -10.24 -0.86
CA ASN B 123 44.64 -10.13 0.39
C ASN B 123 46.12 -9.85 0.18
N VAL B 124 46.68 -9.19 1.18
CA VAL B 124 48.10 -8.93 1.33
C VAL B 124 48.36 -9.15 2.82
N THR B 125 49.17 -10.16 3.14
CA THR B 125 49.62 -10.44 4.51
C THR B 125 51.04 -9.91 4.69
N GLY B 126 51.57 -10.09 5.90
CA GLY B 126 52.87 -9.53 6.25
C GLY B 126 53.09 -9.53 7.77
N ASP B 127 54.27 -10.03 8.18
CA ASP B 127 54.76 -9.91 9.54
C ASP B 127 55.95 -8.95 9.57
N ASP B 128 56.49 -8.74 10.77
CA ASP B 128 57.67 -7.90 11.00
C ASP B 128 58.91 -8.59 10.44
N THR B 129 58.83 -9.94 10.32
CA THR B 129 59.91 -10.75 9.78
C THR B 129 60.07 -10.51 8.27
N GLY B 130 59.39 -9.48 7.73
CA GLY B 130 59.54 -9.04 6.34
C GLY B 130 58.88 -9.95 5.29
N LYS B 131 58.19 -11.02 5.75
CA LYS B 131 57.50 -12.00 4.92
C LYS B 131 56.12 -11.49 4.44
N ILE B 132 55.92 -11.50 3.12
CA ILE B 132 54.73 -11.00 2.44
C ILE B 132 53.92 -12.21 1.95
N GLY B 133 52.58 -12.15 2.06
CA GLY B 133 51.68 -13.18 1.55
C GLY B 133 50.51 -12.56 0.77
N GLY B 134 49.77 -13.41 0.05
CA GLY B 134 48.75 -12.92 -0.87
C GLY B 134 47.67 -13.95 -1.16
N LEU B 135 46.46 -13.46 -1.49
CA LEU B 135 45.27 -14.25 -1.79
C LEU B 135 44.43 -13.56 -2.87
N ILE B 136 44.08 -14.32 -3.92
CA ILE B 136 43.10 -13.89 -4.90
C ILE B 136 41.98 -14.93 -4.97
N GLY B 137 40.71 -14.48 -4.89
CA GLY B 137 39.57 -15.38 -4.70
C GLY B 137 38.33 -14.94 -5.48
N ALA B 138 37.49 -15.91 -5.82
CA ALA B 138 36.21 -15.62 -6.46
C ALA B 138 35.12 -16.47 -5.81
N ASN B 139 33.85 -16.11 -6.08
CA ASN B 139 32.70 -16.87 -5.62
C ASN B 139 31.48 -16.57 -6.51
N VAL B 140 30.61 -17.57 -6.64
CA VAL B 140 29.32 -17.44 -7.25
C VAL B 140 28.31 -17.90 -6.21
N SER B 141 27.09 -17.38 -6.38
CA SER B 141 25.99 -17.65 -5.48
C SER B 141 24.70 -17.55 -6.29
N ILE B 142 23.96 -18.65 -6.33
CA ILE B 142 22.66 -18.67 -6.94
C ILE B 142 21.64 -18.94 -5.84
N GLY B 143 20.57 -18.13 -5.83
CA GLY B 143 19.58 -18.16 -4.75
C GLY B 143 18.15 -18.25 -5.27
N HIS B 144 17.29 -18.91 -4.49
CA HIS B 144 15.88 -18.72 -4.79
C HIS B 144 15.08 -18.65 -3.49
N THR B 145 14.07 -17.76 -3.49
CA THR B 145 13.19 -17.61 -2.36
C THR B 145 11.75 -17.67 -2.88
N LEU B 146 10.90 -18.29 -2.08
CA LEU B 146 9.49 -18.43 -2.34
C LEU B 146 8.76 -17.85 -1.14
N LYS B 147 7.77 -16.99 -1.39
CA LYS B 147 7.12 -16.20 -0.35
C LYS B 147 5.61 -16.29 -0.63
N TYR B 148 4.83 -16.72 0.36
CA TYR B 148 3.38 -16.74 0.19
C TYR B 148 2.68 -16.56 1.53
N VAL B 149 1.40 -16.19 1.46
CA VAL B 149 0.62 -15.90 2.65
C VAL B 149 -0.13 -17.18 3.03
N GLN B 150 -0.17 -17.48 4.33
CA GLN B 150 -0.82 -18.70 4.78
C GLN B 150 -1.82 -18.33 5.87
N PRO B 151 -3.14 -18.27 5.51
CA PRO B 151 -4.18 -17.99 6.52
C PRO B 151 -4.29 -19.18 7.48
N ASP B 152 -4.71 -18.92 8.73
CA ASP B 152 -4.87 -20.00 9.71
C ASP B 152 -5.92 -21.01 9.26
N PHE B 153 -7.01 -20.50 8.65
CA PHE B 153 -8.06 -21.35 8.08
C PHE B 153 -8.26 -20.93 6.63
N LYS B 154 -8.63 -21.87 5.78
CA LYS B 154 -8.91 -21.55 4.41
C LYS B 154 -10.40 -21.69 4.25
N THR B 155 -11.00 -20.82 3.42
CA THR B 155 -12.44 -20.81 3.20
C THR B 155 -12.70 -21.32 1.80
N ILE B 156 -13.42 -22.45 1.68
CA ILE B 156 -13.53 -23.09 0.39
C ILE B 156 -14.98 -23.27 -0.06
N LEU B 157 -15.28 -22.97 -1.32
CA LEU B 157 -16.61 -23.26 -1.86
C LEU B 157 -16.64 -24.72 -2.29
N GLU B 158 -17.53 -25.54 -1.70
CA GLU B 158 -17.73 -26.91 -2.15
C GLU B 158 -18.52 -26.90 -3.47
N SER B 159 -18.12 -27.74 -4.43
CA SER B 159 -18.67 -27.80 -5.77
C SER B 159 -20.20 -27.79 -5.73
N PRO B 160 -20.85 -26.69 -6.15
CA PRO B 160 -22.30 -26.59 -6.12
C PRO B 160 -23.00 -27.42 -7.20
N THR B 161 -24.32 -27.65 -7.04
CA THR B 161 -25.15 -28.12 -8.13
C THR B 161 -26.20 -27.04 -8.37
N ASP B 162 -27.34 -27.36 -8.96
CA ASP B 162 -28.43 -26.40 -8.99
C ASP B 162 -29.31 -26.68 -7.78
N LYS B 163 -28.93 -27.67 -6.96
CA LYS B 163 -29.79 -28.00 -5.82
C LYS B 163 -29.05 -27.88 -4.49
N LYS B 164 -27.70 -27.82 -4.54
CA LYS B 164 -26.90 -27.75 -3.32
C LYS B 164 -25.64 -26.91 -3.48
N VAL B 165 -25.24 -26.32 -2.35
CA VAL B 165 -24.10 -25.44 -2.26
C VAL B 165 -23.64 -25.52 -0.81
N GLY B 166 -22.33 -25.41 -0.58
CA GLY B 166 -21.92 -25.23 0.79
C GLY B 166 -20.50 -24.69 0.81
N TRP B 167 -20.05 -24.30 2.01
CA TRP B 167 -18.68 -23.87 2.25
C TRP B 167 -18.11 -24.71 3.38
N LYS B 168 -16.81 -24.92 3.34
CA LYS B 168 -16.09 -25.43 4.49
C LYS B 168 -14.92 -24.50 4.76
N VAL B 169 -14.74 -24.18 6.04
CA VAL B 169 -13.66 -23.33 6.50
C VAL B 169 -12.74 -24.27 7.28
N ILE B 170 -11.58 -24.65 6.70
CA ILE B 170 -10.82 -25.78 7.20
C ILE B 170 -9.53 -25.26 7.85
N PHE B 171 -9.11 -25.95 8.91
CA PHE B 171 -7.86 -25.57 9.53
C PHE B 171 -6.73 -25.83 8.52
N ASN B 172 -5.84 -24.84 8.39
CA ASN B 172 -4.76 -24.87 7.44
C ASN B 172 -3.45 -25.10 8.21
N ASN B 173 -2.92 -24.05 8.89
CA ASN B 173 -1.82 -24.27 9.80
C ASN B 173 -1.75 -23.14 10.83
N MET B 174 -0.81 -23.22 11.79
CA MET B 174 -0.81 -22.23 12.85
C MET B 174 0.56 -22.14 13.53
N VAL B 175 0.87 -20.96 14.06
CA VAL B 175 2.07 -20.71 14.82
C VAL B 175 1.78 -21.08 16.28
N ASN B 176 2.69 -21.81 16.92
CA ASN B 176 2.59 -22.16 18.32
C ASN B 176 3.78 -21.49 19.02
N GLN B 177 3.52 -20.45 19.84
CA GLN B 177 4.54 -19.67 20.53
C GLN B 177 5.79 -19.48 19.65
N ASN B 178 5.57 -18.94 18.47
CA ASN B 178 6.64 -18.53 17.56
C ASN B 178 7.28 -19.73 16.86
N TRP B 179 6.84 -20.96 17.10
CA TRP B 179 7.36 -22.06 16.33
C TRP B 179 6.30 -22.49 15.30
N GLY B 180 6.74 -23.22 14.29
CA GLY B 180 5.83 -23.76 13.30
C GLY B 180 6.05 -23.06 11.97
N PRO B 181 5.00 -22.89 11.14
CA PRO B 181 3.64 -23.30 11.51
C PRO B 181 3.55 -24.83 11.64
N TYR B 182 2.56 -25.30 12.42
CA TYR B 182 2.30 -26.71 12.49
C TYR B 182 0.96 -26.97 11.81
N ASP B 183 0.74 -28.22 11.40
CA ASP B 183 -0.55 -28.49 10.83
C ASP B 183 -0.99 -29.88 11.28
N ARG B 184 -2.08 -30.38 10.68
CA ARG B 184 -2.67 -31.63 11.11
C ARG B 184 -1.72 -32.81 10.89
N ASP B 185 -0.68 -32.66 10.04
CA ASP B 185 0.20 -33.76 9.66
C ASP B 185 1.64 -33.54 10.16
N SER B 186 1.93 -32.42 10.82
CA SER B 186 3.25 -32.19 11.34
C SER B 186 3.77 -33.42 12.09
N TRP B 187 5.07 -33.74 11.87
CA TRP B 187 5.64 -34.91 12.52
C TRP B 187 7.13 -34.73 12.73
N ASN B 188 7.50 -34.56 14.00
CA ASN B 188 8.88 -34.55 14.43
C ASN B 188 9.16 -35.91 15.08
N PRO B 189 10.26 -36.62 14.71
CA PRO B 189 10.47 -38.02 15.16
C PRO B 189 10.44 -38.21 16.69
N VAL B 190 10.91 -37.19 17.42
CA VAL B 190 10.92 -37.19 18.87
C VAL B 190 9.62 -36.62 19.48
N TYR B 191 9.15 -35.45 19.01
CA TYR B 191 8.06 -34.78 19.71
C TYR B 191 6.68 -35.09 19.12
N GLY B 192 6.64 -35.85 18.01
CA GLY B 192 5.40 -36.14 17.31
C GLY B 192 4.84 -34.90 16.64
N ASN B 193 3.55 -34.62 16.84
CA ASN B 193 2.91 -33.44 16.26
C ASN B 193 2.78 -32.41 17.37
N GLN B 194 3.48 -31.28 17.23
CA GLN B 194 3.59 -30.31 18.30
C GLN B 194 2.49 -29.23 18.24
N LEU B 195 1.50 -29.42 17.36
CA LEU B 195 0.48 -28.42 17.05
C LEU B 195 0.06 -27.63 18.30
N PHE B 196 -0.45 -28.30 19.35
CA PHE B 196 -1.01 -27.62 20.53
C PHE B 196 -0.20 -27.89 21.81
N MET B 197 1.05 -28.36 21.66
CA MET B 197 1.91 -28.72 22.77
C MET B 197 2.50 -27.46 23.40
N LYS B 198 2.29 -27.24 24.70
CA LYS B 198 2.85 -26.02 25.28
C LYS B 198 4.36 -26.18 25.45
N THR B 199 4.81 -27.28 26.08
CA THR B 199 6.25 -27.48 26.34
C THR B 199 6.71 -28.88 25.91
N ARG B 200 7.98 -28.95 25.49
CA ARG B 200 8.63 -30.21 25.15
C ARG B 200 8.91 -31.11 26.38
N ASN B 201 9.30 -30.53 27.53
CA ASN B 201 9.49 -31.38 28.70
C ASN B 201 9.22 -30.65 30.02
N GLY B 202 8.17 -29.85 30.09
CA GLY B 202 7.71 -29.32 31.37
C GLY B 202 7.14 -30.44 32.25
N SER B 203 7.00 -30.15 33.54
CA SER B 203 6.71 -31.24 34.46
C SER B 203 5.32 -31.03 35.08
N MET B 204 4.46 -30.30 34.38
CA MET B 204 3.07 -30.23 34.80
C MET B 204 2.35 -31.54 34.42
N LYS B 205 1.10 -31.67 34.84
CA LYS B 205 0.27 -32.77 34.36
C LYS B 205 -0.06 -32.52 32.88
N ALA B 206 -0.43 -33.60 32.18
CA ALA B 206 -0.64 -33.55 30.75
C ALA B 206 -1.66 -32.47 30.40
N ALA B 207 -2.75 -32.46 31.18
CA ALA B 207 -3.87 -31.55 30.96
C ALA B 207 -3.45 -30.08 31.08
N ASP B 208 -2.27 -29.80 31.61
CA ASP B 208 -1.84 -28.41 31.72
C ASP B 208 -0.81 -28.12 30.65
N ASN B 209 -0.57 -29.08 29.75
CA ASN B 209 0.49 -28.89 28.75
C ASN B 209 -0.06 -28.52 27.35
N PHE B 210 -1.30 -28.02 27.25
CA PHE B 210 -1.81 -27.53 25.98
C PHE B 210 -1.60 -26.03 25.88
N LEU B 211 -1.29 -25.57 24.66
CA LEU B 211 -1.13 -24.15 24.34
C LEU B 211 -2.34 -23.40 24.92
N ASP B 212 -2.05 -22.22 25.50
CA ASP B 212 -3.09 -21.34 26.03
C ASP B 212 -4.00 -20.94 24.86
N PRO B 213 -5.32 -21.19 24.99
CA PRO B 213 -6.28 -20.86 23.93
C PRO B 213 -6.16 -19.42 23.44
N ASN B 214 -5.85 -18.48 24.35
CA ASN B 214 -5.66 -17.10 23.95
C ASN B 214 -4.51 -16.89 22.98
N LYS B 215 -3.62 -17.90 22.88
CA LYS B 215 -2.41 -17.80 22.05
C LYS B 215 -2.62 -18.62 20.79
N ALA B 216 -3.86 -19.01 20.51
CA ALA B 216 -4.16 -19.79 19.32
C ALA B 216 -5.19 -19.03 18.56
N SER B 217 -5.39 -19.34 17.27
CA SER B 217 -6.50 -18.75 16.53
C SER B 217 -7.80 -18.75 17.34
N SER B 218 -8.41 -17.59 17.39
CA SER B 218 -9.61 -17.45 18.21
C SER B 218 -10.81 -18.19 17.57
N LEU B 219 -10.72 -18.57 16.29
CA LEU B 219 -11.71 -19.52 15.75
C LEU B 219 -11.69 -20.87 16.49
N LEU B 220 -10.57 -21.24 17.12
CA LEU B 220 -10.51 -22.52 17.81
C LEU B 220 -11.34 -22.56 19.10
N SER B 221 -11.54 -21.43 19.80
CA SER B 221 -12.33 -21.42 21.01
C SER B 221 -13.64 -20.68 20.75
N SER B 222 -13.52 -19.35 20.63
CA SER B 222 -14.74 -18.56 20.51
C SER B 222 -15.56 -18.89 19.27
N GLY B 223 -14.89 -19.27 18.17
CA GLY B 223 -15.59 -19.89 17.06
C GLY B 223 -15.70 -18.98 15.86
N PHE B 224 -16.37 -19.53 14.82
CA PHE B 224 -16.37 -18.94 13.50
C PHE B 224 -17.73 -18.34 13.17
N SER B 225 -17.72 -17.18 12.51
CA SER B 225 -18.97 -16.51 12.11
C SER B 225 -19.11 -16.58 10.59
N PRO B 226 -19.94 -17.51 10.06
CA PRO B 226 -20.13 -17.64 8.64
C PRO B 226 -20.69 -16.32 8.09
N ASP B 227 -20.34 -16.05 6.83
CA ASP B 227 -21.00 -14.96 6.18
C ASP B 227 -21.08 -15.32 4.71
N PHE B 228 -22.09 -16.11 4.34
CA PHE B 228 -22.18 -16.71 3.01
C PHE B 228 -23.49 -16.27 2.37
N ALA B 229 -23.50 -16.17 1.03
CA ALA B 229 -24.71 -15.74 0.34
C ALA B 229 -25.04 -16.80 -0.70
N THR B 230 -26.34 -17.13 -0.78
CA THR B 230 -26.89 -18.03 -1.77
C THR B 230 -28.07 -17.33 -2.44
N VAL B 231 -28.10 -17.41 -3.77
CA VAL B 231 -29.23 -16.91 -4.51
C VAL B 231 -30.00 -18.09 -5.09
N ILE B 232 -31.31 -18.06 -4.83
CA ILE B 232 -32.25 -19.02 -5.34
C ILE B 232 -33.16 -18.30 -6.32
N THR B 233 -33.32 -18.89 -7.51
CA THR B 233 -34.21 -18.35 -8.51
C THR B 233 -35.42 -19.25 -8.66
N MET B 234 -36.56 -18.62 -8.98
CA MET B 234 -37.84 -19.33 -9.10
C MET B 234 -38.62 -18.70 -10.26
N ASP B 235 -39.18 -19.61 -11.06
CA ASP B 235 -40.03 -19.32 -12.19
C ASP B 235 -41.36 -18.67 -11.76
N ARG B 236 -41.79 -17.60 -12.43
CA ARG B 236 -43.06 -17.00 -12.05
C ARG B 236 -44.24 -17.94 -12.34
N LYS B 237 -44.12 -18.77 -13.36
CA LYS B 237 -45.20 -19.60 -13.88
C LYS B 237 -45.36 -20.91 -13.10
N ALA B 238 -44.43 -21.26 -12.20
CA ALA B 238 -44.53 -22.56 -11.55
C ALA B 238 -45.88 -22.73 -10.84
N SER B 239 -46.40 -23.97 -10.85
CA SER B 239 -47.59 -24.36 -10.12
C SER B 239 -47.42 -24.14 -8.62
N LYS B 240 -46.43 -24.83 -8.02
CA LYS B 240 -46.18 -24.78 -6.59
C LYS B 240 -45.25 -23.59 -6.31
N GLN B 241 -45.69 -22.67 -5.45
CA GLN B 241 -44.94 -21.45 -5.18
C GLN B 241 -44.47 -21.49 -3.72
N GLN B 242 -44.33 -22.72 -3.17
CA GLN B 242 -43.72 -22.99 -1.87
C GLN B 242 -42.57 -23.96 -2.10
N THR B 243 -41.43 -23.67 -1.46
CA THR B 243 -40.20 -24.40 -1.68
C THR B 243 -39.71 -24.68 -0.27
N ASN B 244 -39.11 -25.86 -0.08
CA ASN B 244 -38.43 -26.14 1.16
C ASN B 244 -36.95 -25.96 0.94
N ILE B 245 -36.23 -25.59 1.99
CA ILE B 245 -34.78 -25.70 1.91
C ILE B 245 -34.21 -26.14 3.25
N ASP B 246 -33.16 -26.98 3.20
CA ASP B 246 -32.42 -27.46 4.37
C ASP B 246 -31.08 -26.75 4.46
N VAL B 247 -30.76 -26.26 5.67
CA VAL B 247 -29.48 -25.66 5.99
C VAL B 247 -28.82 -26.45 7.13
N ILE B 248 -27.62 -26.97 6.87
CA ILE B 248 -26.84 -27.69 7.86
C ILE B 248 -25.65 -26.82 8.24
N TYR B 249 -25.46 -26.61 9.54
CA TYR B 249 -24.20 -26.10 10.03
C TYR B 249 -23.46 -27.25 10.70
N GLU B 250 -22.14 -27.26 10.53
CA GLU B 250 -21.38 -28.45 10.86
C GLU B 250 -20.06 -28.02 11.49
N ARG B 251 -19.68 -28.73 12.58
CA ARG B 251 -18.37 -28.66 13.22
C ARG B 251 -17.72 -30.02 13.12
N VAL B 252 -16.52 -30.04 12.52
CA VAL B 252 -15.72 -31.26 12.52
C VAL B 252 -14.57 -31.07 13.50
N ARG B 253 -14.45 -32.03 14.42
CA ARG B 253 -13.41 -31.95 15.43
C ARG B 253 -12.35 -33.03 15.24
N ASP B 254 -11.09 -32.61 15.31
CA ASP B 254 -9.97 -33.53 15.42
C ASP B 254 -9.69 -33.81 16.90
N ASP B 255 -8.77 -34.77 17.14
CA ASP B 255 -8.40 -35.29 18.44
C ASP B 255 -6.88 -35.16 18.55
N TYR B 256 -6.43 -34.16 19.30
CA TYR B 256 -5.02 -33.97 19.57
C TYR B 256 -4.70 -34.56 20.93
N GLN B 257 -3.78 -35.53 20.98
CA GLN B 257 -3.38 -36.15 22.26
C GLN B 257 -1.92 -35.91 22.58
N LEU B 258 -1.66 -35.70 23.88
CA LEU B 258 -0.33 -35.64 24.45
C LEU B 258 -0.10 -36.89 25.32
N HIS B 259 1.11 -37.46 25.24
CA HIS B 259 1.56 -38.46 26.22
C HIS B 259 3.02 -38.21 26.52
N TRP B 260 3.41 -38.50 27.78
CA TRP B 260 4.79 -38.47 28.23
C TRP B 260 5.51 -39.75 27.77
N THR B 261 6.68 -39.64 27.12
CA THR B 261 7.49 -40.83 26.92
C THR B 261 8.20 -41.12 28.24
N SER B 262 9.46 -41.51 28.19
CA SER B 262 10.18 -41.50 29.45
C SER B 262 10.83 -40.14 29.66
N THR B 263 11.07 -39.41 28.56
CA THR B 263 11.96 -38.26 28.54
C THR B 263 11.25 -36.95 28.18
N ASN B 264 10.21 -37.04 27.33
CA ASN B 264 9.60 -35.82 26.82
C ASN B 264 8.13 -36.05 26.44
N TRP B 265 7.48 -34.94 26.08
CA TRP B 265 6.11 -34.95 25.62
C TRP B 265 6.03 -35.26 24.12
N LYS B 266 5.06 -36.07 23.73
CA LYS B 266 4.80 -36.40 22.33
C LYS B 266 3.31 -36.20 22.02
N GLY B 267 3.02 -35.54 20.89
CA GLY B 267 1.65 -35.29 20.48
C GLY B 267 1.22 -36.10 19.25
N THR B 268 -0.06 -36.44 19.23
CA THR B 268 -0.73 -37.14 18.13
C THR B 268 -1.94 -36.31 17.70
N ASN B 269 -2.26 -36.38 16.40
CA ASN B 269 -3.49 -35.79 15.93
C ASN B 269 -4.25 -36.81 15.09
N THR B 270 -5.53 -37.00 15.41
CA THR B 270 -6.39 -37.85 14.61
C THR B 270 -7.50 -37.03 13.95
N LYS B 271 -7.58 -37.19 12.62
CA LYS B 271 -8.42 -36.37 11.78
C LYS B 271 -9.90 -36.76 11.93
N ASP B 272 -10.78 -35.76 12.03
CA ASP B 272 -12.19 -35.99 11.81
C ASP B 272 -12.78 -37.02 12.76
N LYS B 273 -12.57 -36.85 14.06
CA LYS B 273 -13.00 -37.88 14.99
C LYS B 273 -14.47 -37.68 15.32
N TRP B 274 -14.93 -36.41 15.47
CA TRP B 274 -16.32 -36.13 15.85
C TRP B 274 -16.91 -35.12 14.90
N THR B 275 -18.18 -35.31 14.55
CA THR B 275 -18.89 -34.33 13.74
C THR B 275 -20.21 -33.94 14.41
N ASP B 276 -20.47 -32.64 14.50
CA ASP B 276 -21.71 -32.12 15.03
C ASP B 276 -22.47 -31.52 13.85
N ARG B 277 -23.70 -32.00 13.61
CA ARG B 277 -24.51 -31.48 12.50
C ARG B 277 -25.79 -30.89 13.05
N SER B 278 -26.03 -29.63 12.74
CA SER B 278 -27.28 -28.98 13.09
C SER B 278 -28.05 -28.65 11.83
N SER B 279 -29.20 -29.29 11.69
CA SER B 279 -29.95 -29.33 10.46
C SER B 279 -31.26 -28.59 10.67
N GLU B 280 -31.61 -27.73 9.74
CA GLU B 280 -32.89 -27.03 9.88
C GLU B 280 -33.60 -26.92 8.53
N ARG B 281 -34.92 -27.13 8.56
CA ARG B 281 -35.71 -26.95 7.37
C ARG B 281 -36.42 -25.58 7.41
N TYR B 282 -36.42 -24.86 6.27
CA TYR B 282 -37.05 -23.55 6.16
C TYR B 282 -38.06 -23.62 5.03
N LYS B 283 -39.13 -22.83 5.15
CA LYS B 283 -40.22 -22.87 4.20
C LYS B 283 -40.15 -21.54 3.50
N ILE B 284 -40.05 -21.59 2.17
CA ILE B 284 -39.93 -20.37 1.37
C ILE B 284 -41.27 -20.17 0.71
N ASP B 285 -41.92 -19.03 1.01
CA ASP B 285 -43.21 -18.69 0.44
C ASP B 285 -43.00 -17.59 -0.59
N TRP B 286 -43.06 -17.95 -1.90
CA TRP B 286 -42.74 -17.00 -2.96
C TRP B 286 -43.89 -16.00 -3.15
N GLU B 287 -45.15 -16.38 -2.85
CA GLU B 287 -46.26 -15.46 -3.04
C GLU B 287 -46.23 -14.38 -1.98
N LYS B 288 -46.08 -14.76 -0.69
CA LYS B 288 -46.09 -13.77 0.39
C LYS B 288 -44.69 -13.21 0.59
N GLU B 289 -43.66 -13.87 0.04
CA GLU B 289 -42.30 -13.35 0.25
C GLU B 289 -41.92 -13.41 1.72
N GLU B 290 -41.98 -14.62 2.25
CA GLU B 290 -41.62 -14.89 3.63
C GLU B 290 -40.86 -16.22 3.66
N MET B 291 -39.91 -16.30 4.57
CA MET B 291 -39.30 -17.56 4.96
C MET B 291 -39.68 -17.82 6.42
N THR B 292 -40.02 -19.07 6.74
CA THR B 292 -40.31 -19.38 8.12
C THR B 292 -39.60 -20.68 8.40
N ASN B 293 -39.42 -20.98 9.69
CA ASN B 293 -38.69 -22.17 10.12
C ASN B 293 -39.62 -23.06 10.97
N ALA C 1 -9.46 6.98 -19.61
CA ALA C 1 -10.81 7.29 -19.04
C ALA C 1 -11.23 8.68 -19.51
N ASP C 2 -12.55 8.94 -19.44
CA ASP C 2 -13.18 10.18 -19.84
C ASP C 2 -12.38 11.40 -19.36
N SER C 3 -11.98 11.44 -18.08
CA SER C 3 -11.43 12.65 -17.48
C SER C 3 -10.04 13.01 -18.03
N ASP C 4 -9.31 12.00 -18.54
CA ASP C 4 -7.97 12.14 -19.13
C ASP C 4 -8.04 12.94 -20.44
N ILE C 5 -9.23 12.95 -21.04
CA ILE C 5 -9.46 13.60 -22.31
C ILE C 5 -10.55 14.68 -22.13
N ASN C 6 -10.68 15.25 -20.91
CA ASN C 6 -11.45 16.45 -20.60
C ASN C 6 -12.96 16.25 -20.77
N ILE C 7 -13.43 15.02 -20.47
CA ILE C 7 -14.84 14.68 -20.67
C ILE C 7 -15.45 14.19 -19.34
N LYS C 8 -16.60 14.77 -18.97
CA LYS C 8 -17.31 14.43 -17.74
C LYS C 8 -17.43 12.90 -17.62
N THR C 9 -17.03 12.33 -16.46
CA THR C 9 -17.02 10.89 -16.25
C THR C 9 -18.40 10.30 -16.57
N GLY C 10 -18.41 9.22 -17.38
CA GLY C 10 -19.57 8.39 -17.71
C GLY C 10 -20.45 8.96 -18.83
N THR C 11 -19.97 9.94 -19.62
CA THR C 11 -20.70 10.59 -20.70
C THR C 11 -20.81 9.67 -21.93
N THR C 12 -19.76 8.87 -22.15
CA THR C 12 -19.58 8.07 -23.33
C THR C 12 -20.15 6.66 -23.14
N ASP C 13 -20.61 6.34 -21.92
CA ASP C 13 -21.14 5.02 -21.61
C ASP C 13 -22.54 4.84 -22.18
N ILE C 14 -22.87 3.55 -22.45
CA ILE C 14 -24.12 3.05 -22.97
C ILE C 14 -25.03 2.72 -21.78
N GLY C 15 -26.34 3.09 -21.89
CA GLY C 15 -27.34 2.44 -21.07
C GLY C 15 -28.08 3.32 -20.07
N SER C 16 -27.99 4.66 -20.20
CA SER C 16 -28.87 5.52 -19.44
C SER C 16 -30.15 5.72 -20.27
N ASN C 17 -31.26 6.11 -19.59
CA ASN C 17 -32.59 6.32 -20.17
C ASN C 17 -33.11 5.09 -20.95
N THR C 18 -32.89 3.90 -20.41
CA THR C 18 -33.18 2.65 -21.10
C THR C 18 -33.57 1.63 -20.04
N THR C 19 -34.75 1.01 -20.22
CA THR C 19 -35.12 -0.20 -19.51
C THR C 19 -34.25 -1.37 -20.03
N VAL C 20 -33.70 -2.14 -19.08
CA VAL C 20 -32.81 -3.23 -19.37
C VAL C 20 -33.55 -4.48 -18.96
N LYS C 21 -33.55 -5.50 -19.82
CA LYS C 21 -34.20 -6.73 -19.40
C LYS C 21 -33.14 -7.77 -19.06
N THR C 22 -33.24 -8.38 -17.88
CA THR C 22 -32.21 -9.36 -17.52
C THR C 22 -32.83 -10.73 -17.23
N GLY C 23 -31.99 -11.76 -17.08
CA GLY C 23 -32.50 -13.07 -16.72
C GLY C 23 -31.35 -14.02 -16.30
N ASP C 24 -31.72 -15.14 -15.66
CA ASP C 24 -30.88 -16.23 -15.20
C ASP C 24 -31.36 -17.53 -15.82
N LEU C 25 -30.42 -18.30 -16.34
CA LEU C 25 -30.69 -19.64 -16.80
C LEU C 25 -29.62 -20.52 -16.12
N VAL C 26 -30.08 -21.53 -15.39
CA VAL C 26 -29.21 -22.40 -14.63
C VAL C 26 -29.41 -23.81 -15.16
N THR C 27 -28.31 -24.48 -15.49
CA THR C 27 -28.34 -25.87 -15.91
C THR C 27 -27.23 -26.61 -15.17
N TYR C 28 -27.59 -27.71 -14.51
CA TYR C 28 -26.61 -28.56 -13.88
C TYR C 28 -26.38 -29.78 -14.77
N ASP C 29 -25.10 -30.05 -15.09
CA ASP C 29 -24.74 -31.22 -15.88
C ASP C 29 -24.14 -32.23 -14.93
N LYS C 30 -24.95 -33.23 -14.55
CA LYS C 30 -24.63 -34.21 -13.52
C LYS C 30 -23.45 -35.06 -13.97
N GLU C 31 -23.50 -35.50 -15.24
CA GLU C 31 -22.47 -36.39 -15.80
C GLU C 31 -21.11 -35.70 -15.77
N ASN C 32 -21.05 -34.40 -16.03
CA ASN C 32 -19.76 -33.74 -16.13
C ASN C 32 -19.39 -32.92 -14.88
N GLY C 33 -20.26 -32.85 -13.86
CA GLY C 33 -19.97 -32.13 -12.62
C GLY C 33 -19.78 -30.63 -12.84
N MET C 34 -20.69 -30.04 -13.63
CA MET C 34 -20.66 -28.63 -13.98
C MET C 34 -22.00 -27.97 -13.69
N ALA C 35 -21.98 -26.96 -12.81
CA ALA C 35 -23.12 -26.07 -12.58
C ALA C 35 -22.95 -24.88 -13.49
N LYS C 36 -23.89 -24.70 -14.43
CA LYS C 36 -23.67 -23.69 -15.44
C LYS C 36 -24.75 -22.62 -15.28
N LYS C 37 -24.28 -21.37 -15.20
CA LYS C 37 -25.23 -20.28 -15.03
C LYS C 37 -24.90 -19.21 -16.05
N VAL C 38 -25.94 -18.81 -16.77
CA VAL C 38 -25.89 -17.66 -17.65
C VAL C 38 -26.74 -16.56 -17.03
N PHE C 39 -26.12 -15.39 -16.86
CA PHE C 39 -26.86 -14.21 -16.48
C PHE C 39 -26.75 -13.25 -17.64
N TYR C 40 -27.89 -12.80 -18.21
CA TYR C 40 -27.84 -11.97 -19.41
C TYR C 40 -28.53 -10.64 -19.20
N SER C 41 -28.20 -9.67 -20.08
CA SER C 41 -28.84 -8.36 -20.04
C SER C 41 -28.96 -7.78 -21.43
N PHE C 42 -30.21 -7.45 -21.84
CA PHE C 42 -30.38 -6.80 -23.12
C PHE C 42 -30.44 -5.28 -22.86
N ILE C 43 -29.69 -4.52 -23.61
CA ILE C 43 -29.66 -3.09 -23.45
C ILE C 43 -29.90 -2.56 -24.86
N ASP C 44 -31.07 -1.98 -25.05
CA ASP C 44 -31.46 -1.33 -26.31
C ASP C 44 -31.52 0.17 -26.02
N ASP C 45 -30.38 0.83 -26.18
CA ASP C 45 -30.22 2.25 -25.99
C ASP C 45 -30.37 2.89 -27.37
N LYS C 46 -31.36 3.76 -27.53
CA LYS C 46 -31.70 4.28 -28.83
C LYS C 46 -30.64 5.27 -29.32
N ASN C 47 -29.79 5.76 -28.42
CA ASN C 47 -28.68 6.60 -28.86
C ASN C 47 -27.46 5.75 -29.25
N HIS C 48 -27.58 4.42 -29.23
CA HIS C 48 -26.47 3.55 -29.62
C HIS C 48 -26.85 2.89 -30.96
N ASN C 49 -25.84 2.67 -31.83
CA ASN C 49 -26.12 2.26 -33.20
C ASN C 49 -26.60 0.81 -33.26
N LYS C 50 -26.58 0.04 -32.15
CA LYS C 50 -26.97 -1.36 -32.30
C LYS C 50 -27.59 -1.81 -30.97
N LYS C 51 -28.31 -2.96 -30.97
CA LYS C 51 -28.76 -3.57 -29.73
C LYS C 51 -27.58 -4.35 -29.16
N LEU C 52 -27.58 -4.50 -27.83
CA LEU C 52 -26.52 -5.19 -27.10
C LEU C 52 -27.17 -6.22 -26.22
N LEU C 53 -26.43 -7.33 -26.07
CA LEU C 53 -26.70 -8.34 -25.08
C LEU C 53 -25.38 -8.61 -24.36
N VAL C 54 -25.42 -8.54 -23.02
CA VAL C 54 -24.28 -8.90 -22.21
C VAL C 54 -24.57 -10.26 -21.61
N ILE C 55 -23.67 -11.21 -21.87
CA ILE C 55 -23.85 -12.57 -21.40
C ILE C 55 -22.74 -12.85 -20.39
N ARG C 56 -23.13 -13.13 -19.15
CA ARG C 56 -22.17 -13.39 -18.10
C ARG C 56 -22.22 -14.90 -17.85
N THR C 57 -21.11 -15.61 -18.11
CA THR C 57 -21.07 -17.07 -17.89
C THR C 57 -20.41 -17.35 -16.54
N LYS C 58 -21.18 -17.96 -15.63
CA LYS C 58 -20.79 -18.20 -14.24
C LYS C 58 -21.03 -19.67 -13.90
N GLY C 59 -21.18 -19.98 -12.61
CA GLY C 59 -21.36 -21.34 -12.16
C GLY C 59 -20.05 -21.90 -11.62
N THR C 60 -19.93 -23.24 -11.62
CA THR C 60 -18.71 -23.82 -11.09
C THR C 60 -18.46 -25.17 -11.75
N ILE C 61 -17.25 -25.31 -12.26
CA ILE C 61 -16.79 -26.60 -12.77
C ILE C 61 -16.02 -27.29 -11.63
N ALA C 62 -16.59 -28.38 -11.11
CA ALA C 62 -15.92 -29.16 -10.08
C ALA C 62 -14.53 -29.62 -10.55
N GLY C 63 -13.57 -29.62 -9.62
CA GLY C 63 -12.22 -30.11 -9.89
C GLY C 63 -12.17 -31.56 -10.31
N GLN C 64 -12.71 -32.44 -9.45
CA GLN C 64 -12.73 -33.89 -9.68
C GLN C 64 -11.35 -34.54 -9.70
N TYR C 65 -10.56 -34.19 -8.66
CA TYR C 65 -9.30 -34.74 -8.17
C TYR C 65 -9.56 -36.15 -7.67
N ARG C 66 -9.59 -37.12 -8.61
CA ARG C 66 -9.83 -38.54 -8.32
C ARG C 66 -8.57 -39.44 -8.36
N VAL C 67 -8.29 -40.06 -7.21
CA VAL C 67 -7.21 -41.04 -7.08
C VAL C 67 -7.80 -42.34 -7.60
N TYR C 68 -7.29 -42.81 -8.73
CA TYR C 68 -8.07 -43.75 -9.51
C TYR C 68 -7.43 -45.13 -9.39
N SER C 69 -6.36 -45.36 -10.16
CA SER C 69 -5.84 -46.71 -10.23
C SER C 69 -5.48 -47.16 -8.82
N GLU C 70 -5.51 -48.49 -8.64
CA GLU C 70 -4.85 -49.13 -7.52
C GLU C 70 -4.48 -50.54 -7.95
N GLU C 71 -3.40 -50.65 -8.73
CA GLU C 71 -2.97 -51.94 -9.28
C GLU C 71 -1.76 -52.48 -8.49
N GLY C 72 -2.05 -52.99 -7.28
CA GLY C 72 -1.02 -53.30 -6.29
C GLY C 72 -0.98 -52.23 -5.20
N ALA C 73 0.12 -52.19 -4.45
CA ALA C 73 0.33 -51.14 -3.47
C ALA C 73 1.59 -50.34 -3.83
N ASN C 74 2.10 -50.58 -5.05
CA ASN C 74 3.28 -49.92 -5.58
C ASN C 74 2.94 -48.87 -6.64
N LYS C 75 1.71 -48.94 -7.19
CA LYS C 75 1.33 -48.11 -8.31
C LYS C 75 -0.01 -47.44 -8.07
N SER C 76 -0.04 -46.12 -8.30
CA SER C 76 -1.27 -45.38 -8.14
C SER C 76 -1.29 -44.20 -9.09
N GLY C 77 -2.51 -43.77 -9.43
CA GLY C 77 -2.69 -42.65 -10.33
C GLY C 77 -3.73 -41.63 -9.82
N LEU C 78 -3.55 -40.37 -10.25
CA LEU C 78 -4.40 -39.26 -9.84
C LEU C 78 -4.79 -38.51 -11.12
N ALA C 79 -6.09 -38.46 -11.42
CA ALA C 79 -6.64 -37.55 -12.43
C ALA C 79 -6.86 -36.17 -11.81
N TRP C 80 -6.31 -35.11 -12.43
CA TRP C 80 -6.42 -33.82 -11.80
C TRP C 80 -6.67 -32.76 -12.85
N PRO C 81 -7.35 -31.65 -12.54
CA PRO C 81 -7.73 -30.69 -13.59
C PRO C 81 -6.59 -29.72 -13.89
N SER C 82 -6.05 -29.82 -15.10
CA SER C 82 -5.01 -28.87 -15.47
C SER C 82 -5.62 -27.70 -16.25
N ALA C 83 -6.87 -27.81 -16.68
CA ALA C 83 -7.43 -26.66 -17.38
C ALA C 83 -8.93 -26.65 -17.23
N PHE C 84 -9.48 -25.44 -17.14
CA PHE C 84 -10.91 -25.23 -17.21
C PHE C 84 -11.14 -24.26 -18.34
N LYS C 85 -12.24 -24.44 -19.09
CA LYS C 85 -12.49 -23.57 -20.23
C LYS C 85 -13.97 -23.29 -20.38
N VAL C 86 -14.24 -22.05 -20.81
CA VAL C 86 -15.57 -21.59 -21.20
C VAL C 86 -15.42 -20.91 -22.56
N GLN C 87 -16.29 -21.33 -23.51
CA GLN C 87 -16.28 -20.82 -24.88
C GLN C 87 -17.69 -20.52 -25.35
N LEU C 88 -17.83 -19.44 -26.13
CA LEU C 88 -19.10 -19.10 -26.72
C LEU C 88 -18.91 -19.02 -28.22
N GLN C 89 -19.93 -19.45 -28.97
CA GLN C 89 -19.80 -19.38 -30.40
C GLN C 89 -21.16 -19.15 -31.03
N LEU C 90 -21.23 -18.11 -31.88
CA LEU C 90 -22.34 -17.84 -32.77
C LEU C 90 -22.15 -18.64 -34.04
N PRO C 91 -23.13 -19.46 -34.45
CA PRO C 91 -23.12 -20.10 -35.77
C PRO C 91 -22.72 -19.21 -36.97
N ASP C 92 -22.27 -19.90 -38.02
CA ASP C 92 -21.60 -19.34 -39.19
C ASP C 92 -22.38 -18.15 -39.78
N ASN C 93 -23.70 -18.34 -39.93
CA ASN C 93 -24.56 -17.53 -40.79
C ASN C 93 -25.33 -16.46 -40.01
N GLU C 94 -25.02 -16.25 -38.73
CA GLU C 94 -25.75 -15.31 -37.88
C GLU C 94 -25.31 -13.89 -38.19
N VAL C 95 -26.22 -12.89 -38.06
CA VAL C 95 -25.81 -11.51 -38.27
C VAL C 95 -25.28 -10.81 -37.00
N ALA C 96 -25.73 -11.22 -35.82
CA ALA C 96 -25.10 -10.85 -34.55
C ALA C 96 -23.60 -11.09 -34.54
N GLN C 97 -22.88 -10.25 -33.79
CA GLN C 97 -21.44 -10.37 -33.69
C GLN C 97 -21.00 -10.25 -32.23
N ILE C 98 -19.88 -10.89 -31.91
CA ILE C 98 -19.19 -10.70 -30.63
C ILE C 98 -18.46 -9.38 -30.67
N SER C 99 -18.79 -8.51 -29.72
CA SER C 99 -18.38 -7.12 -29.82
C SER C 99 -17.32 -6.82 -28.75
N ASP C 100 -17.37 -7.54 -27.64
CA ASP C 100 -16.46 -7.27 -26.51
C ASP C 100 -16.53 -8.46 -25.57
N TYR C 101 -15.67 -8.44 -24.55
CA TYR C 101 -15.48 -9.57 -23.65
C TYR C 101 -14.53 -9.05 -22.58
N TYR C 102 -14.66 -9.61 -21.39
CA TYR C 102 -13.86 -9.25 -20.22
C TYR C 102 -13.83 -10.48 -19.32
N PRO C 103 -12.69 -10.84 -18.69
CA PRO C 103 -11.42 -10.09 -18.80
C PRO C 103 -10.57 -10.48 -20.02
N ARG C 104 -9.46 -9.76 -20.17
CA ARG C 104 -8.58 -9.84 -21.32
C ARG C 104 -7.18 -10.13 -20.77
N ASN C 105 -6.17 -10.19 -21.66
CA ASN C 105 -4.87 -10.63 -21.20
C ASN C 105 -4.08 -9.42 -20.69
N SER C 106 -3.55 -9.51 -19.49
CA SER C 106 -2.80 -8.35 -19.00
C SER C 106 -1.29 -8.52 -19.22
N ILE C 107 -0.56 -7.39 -19.37
CA ILE C 107 0.89 -7.42 -19.44
C ILE C 107 1.43 -7.79 -18.07
N ASP C 108 2.25 -8.83 -18.01
CA ASP C 108 2.80 -9.28 -16.72
C ASP C 108 4.05 -8.44 -16.47
N THR C 109 4.45 -8.32 -15.20
CA THR C 109 5.67 -7.58 -14.89
C THR C 109 6.49 -8.36 -13.88
N LYS C 110 7.64 -7.78 -13.52
CA LYS C 110 8.70 -8.35 -12.72
C LYS C 110 9.54 -7.17 -12.22
N GLU C 111 10.06 -7.29 -11.00
CA GLU C 111 10.97 -6.31 -10.42
C GLU C 111 12.39 -6.84 -10.60
N TYR C 112 13.27 -5.96 -11.05
CA TYR C 112 14.66 -6.23 -11.27
C TYR C 112 15.46 -5.37 -10.30
N MET C 113 16.49 -5.97 -9.71
CA MET C 113 17.26 -5.32 -8.68
C MET C 113 18.74 -5.63 -8.88
N SER C 114 19.60 -4.61 -9.00
CA SER C 114 21.04 -4.85 -9.02
C SER C 114 21.75 -4.24 -7.80
N THR C 115 22.84 -4.90 -7.39
CA THR C 115 23.58 -4.49 -6.21
C THR C 115 25.06 -4.48 -6.57
N LEU C 116 25.77 -3.51 -6.00
CA LEU C 116 27.21 -3.44 -6.11
C LEU C 116 27.78 -3.11 -4.73
N THR C 117 28.69 -3.94 -4.20
CA THR C 117 29.39 -3.65 -2.94
C THR C 117 30.90 -3.74 -3.12
N TYR C 118 31.61 -2.72 -2.63
CA TYR C 118 33.05 -2.69 -2.45
C TYR C 118 33.34 -2.78 -0.96
N GLY C 119 34.36 -3.58 -0.59
CA GLY C 119 34.76 -3.76 0.81
C GLY C 119 36.28 -3.69 1.03
N PHE C 120 36.68 -2.98 2.08
CA PHE C 120 38.08 -2.88 2.48
C PHE C 120 38.14 -3.41 3.91
N ASN C 121 39.23 -4.11 4.28
CA ASN C 121 39.36 -4.61 5.65
C ASN C 121 40.83 -4.74 6.06
N GLY C 122 41.11 -4.60 7.36
CA GLY C 122 42.47 -4.58 7.86
C GLY C 122 42.62 -5.35 9.18
N ASN C 123 43.83 -5.90 9.41
CA ASN C 123 44.19 -6.68 10.59
C ASN C 123 45.56 -6.33 11.15
N VAL C 124 45.68 -6.58 12.45
CA VAL C 124 46.91 -6.58 13.20
C VAL C 124 46.83 -7.82 14.09
N THR C 125 47.76 -8.77 13.88
CA THR C 125 47.87 -9.98 14.68
C THR C 125 49.01 -9.82 15.69
N GLY C 126 49.19 -10.85 16.52
CA GLY C 126 50.14 -10.79 17.62
C GLY C 126 49.95 -11.93 18.60
N ASP C 127 51.05 -12.62 18.93
CA ASP C 127 51.09 -13.63 19.99
C ASP C 127 51.93 -13.13 21.16
N ASP C 128 52.06 -13.97 22.20
CA ASP C 128 52.88 -13.66 23.37
C ASP C 128 54.35 -13.72 23.01
N THR C 129 54.66 -14.46 21.93
CA THR C 129 56.02 -14.61 21.42
C THR C 129 56.50 -13.31 20.77
N GLY C 130 55.75 -12.20 20.97
CA GLY C 130 56.14 -10.86 20.55
C GLY C 130 55.98 -10.57 19.06
N LYS C 131 55.52 -11.58 18.28
CA LYS C 131 55.41 -11.55 16.82
C LYS C 131 54.14 -10.81 16.36
N ILE C 132 54.34 -9.81 15.47
CA ILE C 132 53.30 -8.95 14.94
C ILE C 132 53.03 -9.38 13.50
N GLY C 133 51.74 -9.39 13.10
CA GLY C 133 51.30 -9.68 11.74
C GLY C 133 50.27 -8.68 11.24
N GLY C 134 49.99 -8.71 9.93
CA GLY C 134 49.06 -7.76 9.34
C GLY C 134 48.38 -8.31 8.09
N LEU C 135 47.19 -7.77 7.79
CA LEU C 135 46.34 -8.16 6.67
C LEU C 135 45.64 -6.92 6.09
N ILE C 136 45.76 -6.74 4.77
CA ILE C 136 44.98 -5.76 4.04
C ILE C 136 44.23 -6.47 2.92
N GLY C 137 42.91 -6.21 2.81
CA GLY C 137 42.04 -6.94 1.89
C GLY C 137 40.98 -6.06 1.24
N ALA C 138 40.55 -6.47 0.05
CA ALA C 138 39.45 -5.85 -0.64
C ALA C 138 38.52 -6.94 -1.20
N ASN C 139 37.30 -6.51 -1.60
CA ASN C 139 36.34 -7.38 -2.24
C ASN C 139 35.34 -6.56 -3.05
N VAL C 140 34.87 -7.16 -4.14
CA VAL C 140 33.81 -6.60 -4.95
C VAL C 140 32.74 -7.68 -5.00
N SER C 141 31.52 -7.22 -5.22
CA SER C 141 30.34 -8.08 -5.26
C SER C 141 29.32 -7.42 -6.19
N ILE C 142 28.98 -8.14 -7.26
CA ILE C 142 27.98 -7.63 -8.19
C ILE C 142 26.83 -8.62 -8.16
N GLY C 143 25.59 -8.11 -8.02
CA GLY C 143 24.45 -8.96 -7.74
C GLY C 143 23.25 -8.61 -8.60
N HIS C 144 22.34 -9.57 -8.76
CA HIS C 144 21.05 -9.22 -9.32
C HIS C 144 19.97 -10.12 -8.73
N THR C 145 18.79 -9.54 -8.52
CA THR C 145 17.63 -10.25 -8.06
C THR C 145 16.46 -9.97 -9.01
N LEU C 146 15.68 -11.02 -9.27
CA LEU C 146 14.48 -10.93 -10.10
C LEU C 146 13.32 -11.44 -9.24
N LYS C 147 12.21 -10.69 -9.24
CA LYS C 147 11.10 -10.94 -8.34
C LYS C 147 9.81 -10.80 -9.14
N TYR C 148 8.95 -11.83 -9.10
CA TYR C 148 7.65 -11.74 -9.78
C TYR C 148 6.64 -12.65 -9.09
N VAL C 149 5.34 -12.41 -9.36
CA VAL C 149 4.29 -13.17 -8.72
C VAL C 149 3.90 -14.30 -9.64
N GLN C 150 3.64 -15.49 -9.09
CA GLN C 150 3.23 -16.61 -9.91
C GLN C 150 1.94 -17.20 -9.36
N PRO C 151 0.79 -16.90 -10.00
CA PRO C 151 -0.50 -17.50 -9.61
C PRO C 151 -0.51 -19.00 -9.84
N ASP C 152 -1.28 -19.73 -9.03
CA ASP C 152 -1.41 -21.18 -9.18
C ASP C 152 -2.00 -21.54 -10.53
N PHE C 153 -2.98 -20.76 -10.99
CA PHE C 153 -3.61 -20.92 -12.29
C PHE C 153 -3.57 -19.57 -13.00
N LYS C 154 -3.44 -19.60 -14.32
CA LYS C 154 -3.49 -18.35 -15.06
C LYS C 154 -4.84 -18.35 -15.76
N THR C 155 -5.41 -17.15 -15.91
CA THR C 155 -6.67 -16.97 -16.61
C THR C 155 -6.37 -16.28 -17.94
N ILE C 156 -6.67 -16.95 -19.05
CA ILE C 156 -6.24 -16.43 -20.34
C ILE C 156 -7.41 -16.26 -21.30
N LEU C 157 -7.48 -15.10 -21.98
CA LEU C 157 -8.46 -14.91 -23.03
C LEU C 157 -7.94 -15.55 -24.31
N GLU C 158 -8.68 -16.53 -24.85
CA GLU C 158 -8.34 -17.15 -26.12
C GLU C 158 -8.72 -16.19 -27.24
N SER C 159 -7.85 -16.06 -28.26
CA SER C 159 -7.98 -15.15 -29.38
C SER C 159 -9.40 -15.15 -29.90
N PRO C 160 -10.19 -14.10 -29.68
CA PRO C 160 -11.56 -14.04 -30.16
C PRO C 160 -11.69 -13.81 -31.66
N THR C 161 -12.87 -14.10 -32.23
CA THR C 161 -13.20 -13.64 -33.56
C THR C 161 -14.42 -12.74 -33.40
N ASP C 162 -15.21 -12.56 -34.46
CA ASP C 162 -16.47 -11.87 -34.29
C ASP C 162 -17.55 -12.93 -34.03
N LYS C 163 -17.13 -14.20 -34.00
CA LYS C 163 -18.14 -15.25 -33.85
C LYS C 163 -17.84 -16.14 -32.65
N LYS C 164 -16.59 -16.08 -32.11
CA LYS C 164 -16.22 -16.90 -30.96
C LYS C 164 -15.26 -16.22 -30.01
N VAL C 165 -15.38 -16.61 -28.75
CA VAL C 165 -14.61 -16.09 -27.64
C VAL C 165 -14.52 -17.21 -26.62
N GLY C 166 -13.44 -17.28 -25.85
CA GLY C 166 -13.42 -18.24 -24.77
C GLY C 166 -12.28 -17.87 -23.83
N TRP C 167 -12.30 -18.45 -22.64
CA TRP C 167 -11.23 -18.35 -21.68
C TRP C 167 -10.77 -19.75 -21.31
N LYS C 168 -9.49 -19.86 -20.98
CA LYS C 168 -8.98 -21.07 -20.35
C LYS C 168 -8.24 -20.63 -19.08
N VAL C 169 -8.51 -21.38 -18.00
CA VAL C 169 -7.88 -21.16 -16.73
C VAL C 169 -6.97 -22.37 -16.52
N ILE C 170 -5.64 -22.19 -16.70
CA ILE C 170 -4.74 -23.34 -16.87
C ILE C 170 -3.84 -23.43 -15.65
N PHE C 171 -3.50 -24.67 -15.29
CA PHE C 171 -2.61 -24.86 -14.17
C PHE C 171 -1.25 -24.30 -14.56
N ASN C 172 -0.67 -23.53 -13.63
CA ASN C 172 0.56 -22.84 -13.87
C ASN C 172 1.66 -23.52 -13.07
N ASN C 173 1.72 -23.28 -11.75
CA ASN C 173 2.58 -24.10 -10.90
C ASN C 173 2.09 -24.09 -9.45
N MET C 174 2.76 -24.85 -8.57
CA MET C 174 2.20 -24.93 -7.22
C MET C 174 3.28 -25.37 -6.22
N VAL C 175 3.10 -24.92 -4.98
CA VAL C 175 3.97 -25.30 -3.88
C VAL C 175 3.44 -26.62 -3.29
N ASN C 176 4.35 -27.56 -3.02
CA ASN C 176 4.01 -28.82 -2.39
C ASN C 176 4.74 -28.84 -1.05
N GLN C 177 4.01 -28.72 0.07
CA GLN C 177 4.56 -28.66 1.43
C GLN C 177 5.87 -27.86 1.47
N ASN C 178 5.81 -26.64 0.95
CA ASN C 178 6.91 -25.68 1.01
C ASN C 178 8.03 -26.01 0.04
N TRP C 179 7.88 -27.03 -0.81
CA TRP C 179 8.89 -27.24 -1.84
C TRP C 179 8.27 -26.80 -3.18
N GLY C 180 9.15 -26.56 -4.14
CA GLY C 180 8.72 -26.25 -5.48
C GLY C 180 9.06 -24.81 -5.82
N PRO C 181 8.25 -24.12 -6.64
CA PRO C 181 6.99 -24.68 -7.15
C PRO C 181 7.27 -25.83 -8.12
N TYR C 182 6.29 -26.72 -8.29
CA TYR C 182 6.40 -27.74 -9.29
C TYR C 182 5.38 -27.45 -10.38
N ASP C 183 5.60 -28.02 -11.57
CA ASP C 183 4.61 -27.78 -12.60
C ASP C 183 4.45 -29.08 -13.40
N ARG C 184 3.75 -28.99 -14.54
CA ARG C 184 3.43 -30.17 -15.32
C ARG C 184 4.68 -30.84 -15.89
N ASP C 185 5.81 -30.11 -15.95
CA ASP C 185 7.02 -30.59 -16.61
C ASP C 185 8.17 -30.79 -15.63
N SER C 186 7.98 -30.49 -14.34
CA SER C 186 9.03 -30.71 -13.37
C SER C 186 9.64 -32.11 -13.53
N TRP C 187 10.98 -32.16 -13.43
CA TRP C 187 11.68 -33.44 -13.57
C TRP C 187 12.95 -33.44 -12.76
N ASN C 188 12.94 -34.22 -11.68
CA ASN C 188 14.10 -34.45 -10.84
C ASN C 188 14.61 -35.86 -11.20
N PRO C 189 15.93 -36.05 -11.48
CA PRO C 189 16.43 -37.33 -12.02
C PRO C 189 16.06 -38.56 -11.18
N VAL C 190 16.01 -38.38 -9.86
CA VAL C 190 15.65 -39.43 -8.92
C VAL C 190 14.14 -39.50 -8.66
N TYR C 191 13.47 -38.37 -8.36
CA TYR C 191 12.09 -38.43 -7.88
C TYR C 191 11.06 -38.25 -8.98
N GLY C 192 11.52 -37.97 -10.21
CA GLY C 192 10.63 -37.71 -11.33
C GLY C 192 9.92 -36.37 -11.16
N ASN C 193 8.60 -36.35 -11.32
CA ASN C 193 7.82 -35.13 -11.16
C ASN C 193 7.14 -35.21 -9.79
N GLN C 194 7.52 -34.31 -8.88
CA GLN C 194 7.09 -34.40 -7.50
C GLN C 194 5.79 -33.63 -7.23
N LEU C 195 5.13 -33.14 -8.29
CA LEU C 195 4.01 -32.22 -8.18
C LEU C 195 3.09 -32.59 -7.01
N PHE C 196 2.54 -33.82 -6.99
CA PHE C 196 1.54 -34.22 -5.99
C PHE C 196 2.03 -35.32 -5.06
N MET C 197 3.35 -35.52 -5.00
CA MET C 197 3.97 -36.57 -4.20
C MET C 197 3.99 -36.15 -2.72
N LYS C 198 3.41 -36.94 -1.82
CA LYS C 198 3.44 -36.53 -0.43
C LYS C 198 4.83 -36.74 0.16
N THR C 199 5.41 -37.94 -0.02
CA THR C 199 6.72 -38.26 0.54
C THR C 199 7.64 -38.89 -0.50
N ARG C 200 8.94 -38.60 -0.34
CA ARG C 200 9.99 -39.22 -1.13
C ARG C 200 10.16 -40.72 -0.87
N ASN C 201 10.09 -41.16 0.40
CA ASN C 201 10.22 -42.59 0.65
C ASN C 201 9.45 -43.07 1.88
N GLY C 202 8.21 -42.59 2.07
CA GLY C 202 7.34 -43.18 3.08
C GLY C 202 6.93 -44.59 2.68
N SER C 203 6.38 -45.35 3.61
CA SER C 203 6.18 -46.77 3.35
C SER C 203 4.69 -47.11 3.31
N MET C 204 3.85 -46.09 3.04
CA MET C 204 2.43 -46.36 2.87
C MET C 204 2.19 -47.00 1.48
N LYS C 205 0.94 -47.41 1.21
CA LYS C 205 0.60 -47.78 -0.15
C LYS C 205 0.59 -46.54 -1.05
N ALA C 206 0.74 -46.76 -2.35
CA ALA C 206 0.92 -45.69 -3.30
C ALA C 206 -0.23 -44.70 -3.19
N ALA C 207 -1.45 -45.23 -3.11
CA ALA C 207 -2.69 -44.47 -3.05
C ALA C 207 -2.73 -43.55 -1.83
N ASP C 208 -1.84 -43.75 -0.85
CA ASP C 208 -1.84 -42.88 0.32
C ASP C 208 -0.70 -41.88 0.22
N ASN C 209 0.02 -41.90 -0.90
CA ASN C 209 1.17 -41.00 -1.02
C ASN C 209 0.91 -39.73 -1.86
N PHE C 210 -0.36 -39.33 -2.04
CA PHE C 210 -0.64 -38.07 -2.74
C PHE C 210 -0.82 -36.94 -1.72
N LEU C 211 -0.34 -35.74 -2.11
CA LEU C 211 -0.49 -34.51 -1.33
C LEU C 211 -1.94 -34.40 -0.87
N ASP C 212 -2.11 -33.99 0.39
CA ASP C 212 -3.43 -33.74 0.95
C ASP C 212 -4.12 -32.62 0.13
N PRO C 213 -5.32 -32.90 -0.43
CA PRO C 213 -6.04 -31.92 -1.25
C PRO C 213 -6.19 -30.56 -0.56
N ASN C 214 -6.39 -30.58 0.77
CA ASN C 214 -6.47 -29.33 1.51
C ASN C 214 -5.19 -28.49 1.46
N LYS C 215 -4.09 -29.10 1.03
CA LYS C 215 -2.78 -28.43 0.99
C LYS C 215 -2.45 -28.07 -0.46
N ALA C 216 -3.44 -28.15 -1.34
CA ALA C 216 -3.19 -27.87 -2.74
C ALA C 216 -4.20 -26.78 -3.12
N SER C 217 -4.00 -26.12 -4.26
CA SER C 217 -5.01 -25.21 -4.75
C SER C 217 -6.42 -25.80 -4.67
N SER C 218 -7.33 -25.02 -4.09
CA SER C 218 -8.67 -25.54 -3.94
C SER C 218 -9.42 -25.63 -5.28
N LEU C 219 -8.90 -24.99 -6.34
CA LEU C 219 -9.41 -25.26 -7.70
C LEU C 219 -9.25 -26.73 -8.08
N LEU C 220 -8.26 -27.43 -7.50
CA LEU C 220 -8.02 -28.81 -7.89
C LEU C 220 -9.13 -29.76 -7.41
N SER C 221 -9.78 -29.49 -6.26
CA SER C 221 -10.86 -30.36 -5.77
C SER C 221 -12.22 -29.65 -5.93
N SER C 222 -12.43 -28.63 -5.08
CA SER C 222 -13.74 -28.00 -5.08
C SER C 222 -14.08 -27.31 -6.40
N GLY C 223 -13.07 -26.82 -7.11
CA GLY C 223 -13.29 -26.45 -8.51
C GLY C 223 -13.28 -24.94 -8.71
N PHE C 224 -13.54 -24.59 -9.97
CA PHE C 224 -13.37 -23.23 -10.45
C PHE C 224 -14.73 -22.60 -10.73
N SER C 225 -14.89 -21.34 -10.35
CA SER C 225 -16.14 -20.60 -10.64
C SER C 225 -15.87 -19.55 -11.71
N PRO C 226 -16.22 -19.80 -12.97
CA PRO C 226 -16.01 -18.83 -14.05
C PRO C 226 -16.73 -17.53 -13.75
N ASP C 227 -16.17 -16.44 -14.20
CA ASP C 227 -16.87 -15.19 -14.13
C ASP C 227 -16.52 -14.33 -15.33
N PHE C 228 -17.12 -14.58 -16.49
CA PHE C 228 -16.69 -14.02 -17.76
C PHE C 228 -17.84 -13.23 -18.40
N ALA C 229 -17.52 -12.20 -19.17
CA ALA C 229 -18.54 -11.38 -19.79
C ALA C 229 -18.30 -11.33 -21.30
N THR C 230 -19.38 -11.48 -22.08
CA THR C 230 -19.37 -11.38 -23.52
C THR C 230 -20.48 -10.43 -23.91
N VAL C 231 -20.15 -9.52 -24.84
CA VAL C 231 -21.14 -8.62 -25.39
C VAL C 231 -21.37 -9.03 -26.84
N ILE C 232 -22.65 -9.18 -27.16
CA ILE C 232 -23.09 -9.46 -28.50
C ILE C 232 -23.85 -8.24 -28.98
N THR C 233 -23.52 -7.78 -30.20
CA THR C 233 -24.22 -6.68 -30.81
C THR C 233 -25.04 -7.19 -31.98
N MET C 234 -26.18 -6.53 -32.23
CA MET C 234 -27.10 -6.89 -33.28
C MET C 234 -27.67 -5.60 -33.91
N ASP C 235 -27.75 -5.64 -35.23
CA ASP C 235 -28.33 -4.61 -36.06
C ASP C 235 -29.85 -4.46 -35.87
N ARG C 236 -30.35 -3.24 -35.74
CA ARG C 236 -31.80 -3.11 -35.67
C ARG C 236 -32.52 -3.53 -36.95
N LYS C 237 -31.85 -3.38 -38.09
CA LYS C 237 -32.41 -3.58 -39.42
C LYS C 237 -32.40 -5.06 -39.84
N ALA C 238 -31.75 -5.94 -39.10
CA ALA C 238 -31.63 -7.31 -39.58
C ALA C 238 -33.01 -7.93 -39.81
N SER C 239 -33.13 -8.76 -40.86
CA SER C 239 -34.35 -9.51 -41.15
C SER C 239 -34.64 -10.51 -40.02
N LYS C 240 -33.70 -11.42 -39.71
CA LYS C 240 -33.87 -12.43 -38.67
C LYS C 240 -33.47 -11.83 -37.31
N GLN C 241 -34.40 -11.83 -36.34
CA GLN C 241 -34.15 -11.20 -35.05
C GLN C 241 -34.02 -12.26 -33.95
N GLN C 242 -33.70 -13.50 -34.36
CA GLN C 242 -33.37 -14.61 -33.47
C GLN C 242 -31.96 -15.12 -33.79
N THR C 243 -31.20 -15.40 -32.74
CA THR C 243 -29.79 -15.76 -32.85
C THR C 243 -29.65 -16.99 -31.97
N ASN C 244 -28.84 -17.95 -32.40
CA ASN C 244 -28.47 -19.08 -31.58
C ASN C 244 -27.08 -18.83 -31.05
N ILE C 245 -26.79 -19.37 -29.86
CA ILE C 245 -25.40 -19.35 -29.43
C ILE C 245 -25.12 -20.61 -28.61
N ASP C 246 -23.90 -21.16 -28.78
CA ASP C 246 -23.42 -22.35 -28.08
C ASP C 246 -22.42 -21.92 -27.01
N VAL C 247 -22.57 -22.49 -25.81
CA VAL C 247 -21.62 -22.31 -24.71
C VAL C 247 -21.12 -23.69 -24.27
N ILE C 248 -19.79 -23.88 -24.31
CA ILE C 248 -19.15 -25.10 -23.84
C ILE C 248 -18.41 -24.77 -22.53
N TYR C 249 -18.63 -25.60 -21.51
CA TYR C 249 -17.73 -25.63 -20.37
C TYR C 249 -16.90 -26.90 -20.44
N GLU C 250 -15.63 -26.77 -20.09
CA GLU C 250 -14.69 -27.84 -20.36
C GLU C 250 -13.75 -28.02 -19.17
N ARG C 251 -13.47 -29.28 -18.81
CA ARG C 251 -12.47 -29.70 -17.85
C ARG C 251 -11.44 -30.57 -18.58
N VAL C 252 -10.17 -30.17 -18.51
CA VAL C 252 -9.09 -31.00 -18.98
C VAL C 252 -8.34 -31.58 -17.79
N ARG C 253 -8.22 -32.91 -17.77
CA ARG C 253 -7.51 -33.58 -16.68
C ARG C 253 -6.20 -34.21 -17.14
N ASP C 254 -5.15 -33.95 -16.39
CA ASP C 254 -3.88 -34.68 -16.53
C ASP C 254 -3.91 -35.94 -15.66
N ASP C 255 -2.87 -36.77 -15.80
CA ASP C 255 -2.71 -38.08 -15.19
C ASP C 255 -1.36 -38.08 -14.49
N TYR C 256 -1.40 -37.90 -13.16
CA TYR C 256 -0.20 -37.96 -12.36
C TYR C 256 -0.08 -39.35 -11.75
N GLN C 257 1.04 -40.05 -12.04
CA GLN C 257 1.26 -41.38 -11.49
C GLN C 257 2.45 -41.44 -10.56
N LEU C 258 2.29 -42.22 -9.48
CA LEU C 258 3.38 -42.58 -8.57
C LEU C 258 3.73 -44.08 -8.74
N HIS C 259 5.02 -44.41 -8.76
CA HIS C 259 5.49 -45.78 -8.64
C HIS C 259 6.70 -45.83 -7.72
N TRP C 260 6.84 -46.94 -6.98
CA TRP C 260 8.00 -47.20 -6.14
C TRP C 260 9.15 -47.74 -7.01
N THR C 261 10.36 -47.17 -6.90
CA THR C 261 11.52 -47.84 -7.51
C THR C 261 11.92 -48.99 -6.59
N SER C 262 13.21 -49.19 -6.40
CA SER C 262 13.54 -50.10 -5.32
C SER C 262 13.71 -49.31 -4.01
N THR C 263 13.99 -48.01 -4.15
CA THR C 263 14.50 -47.20 -3.05
C THR C 263 13.57 -46.04 -2.69
N ASN C 264 12.86 -45.49 -3.68
CA ASN C 264 12.07 -44.28 -3.44
C ASN C 264 10.87 -44.19 -4.39
N TRP C 265 10.03 -43.18 -4.14
CA TRP C 265 8.88 -42.89 -4.97
C TRP C 265 9.27 -42.02 -6.16
N LYS C 266 8.71 -42.32 -7.33
CA LYS C 266 8.90 -41.53 -8.55
C LYS C 266 7.53 -41.18 -9.14
N GLY C 267 7.36 -39.92 -9.54
CA GLY C 267 6.11 -39.46 -10.14
C GLY C 267 6.24 -39.13 -11.63
N THR C 268 5.15 -39.37 -12.38
CA THR C 268 5.02 -39.09 -13.80
C THR C 268 3.77 -38.22 -14.01
N ASN C 269 3.82 -37.35 -15.02
CA ASN C 269 2.65 -36.59 -15.37
C ASN C 269 2.42 -36.67 -16.87
N THR C 270 1.19 -37.06 -17.26
CA THR C 270 0.83 -37.08 -18.66
C THR C 270 -0.28 -36.06 -18.93
N LYS C 271 -0.03 -35.23 -19.94
CA LYS C 271 -0.83 -34.04 -20.23
C LYS C 271 -2.14 -34.43 -20.89
N ASP C 272 -3.25 -33.82 -20.48
CA ASP C 272 -4.47 -33.84 -21.28
C ASP C 272 -4.97 -35.25 -21.55
N LYS C 273 -5.12 -36.07 -20.52
CA LYS C 273 -5.50 -37.45 -20.74
C LYS C 273 -7.01 -37.56 -20.90
N TRP C 274 -7.79 -36.79 -20.13
CA TRP C 274 -9.26 -36.84 -20.20
C TRP C 274 -9.81 -35.43 -20.40
N THR C 275 -10.86 -35.32 -21.20
CA THR C 275 -11.55 -34.06 -21.38
C THR C 275 -13.05 -34.27 -21.20
N ASP C 276 -13.66 -33.42 -20.37
CA ASP C 276 -15.09 -33.41 -20.21
C ASP C 276 -15.63 -32.13 -20.86
N ARG C 277 -16.57 -32.27 -21.81
CA ARG C 277 -17.16 -31.13 -22.50
C ARG C 277 -18.67 -31.11 -22.27
N SER C 278 -19.19 -30.00 -21.78
CA SER C 278 -20.61 -29.84 -21.57
C SER C 278 -21.07 -28.67 -22.44
N SER C 279 -21.92 -29.00 -23.41
CA SER C 279 -22.30 -28.09 -24.48
C SER C 279 -23.76 -27.72 -24.33
N GLU C 280 -24.07 -26.42 -24.49
CA GLU C 280 -25.48 -26.06 -24.44
C GLU C 280 -25.80 -24.99 -25.50
N ARG C 281 -26.95 -25.15 -26.15
CA ARG C 281 -27.40 -24.15 -27.09
C ARG C 281 -28.44 -23.21 -26.44
N TYR C 282 -28.33 -21.91 -26.69
CA TYR C 282 -29.24 -20.92 -26.14
C TYR C 282 -29.84 -20.14 -27.30
N LYS C 283 -31.06 -19.68 -27.10
CA LYS C 283 -31.80 -19.00 -28.14
C LYS C 283 -31.92 -17.56 -27.68
N ILE C 284 -31.46 -16.64 -28.51
CA ILE C 284 -31.53 -15.23 -28.17
C ILE C 284 -32.66 -14.61 -28.98
N ASP C 285 -33.66 -14.04 -28.29
CA ASP C 285 -34.76 -13.37 -28.94
C ASP C 285 -34.61 -11.87 -28.78
N TRP C 286 -34.22 -11.17 -29.87
CA TRP C 286 -33.94 -9.74 -29.77
C TRP C 286 -35.22 -8.91 -29.69
N GLU C 287 -36.33 -9.39 -30.27
CA GLU C 287 -37.57 -8.62 -30.21
C GLU C 287 -38.17 -8.68 -28.81
N LYS C 288 -38.25 -9.86 -28.18
CA LYS C 288 -38.84 -9.97 -26.85
C LYS C 288 -37.76 -9.72 -25.79
N GLU C 289 -36.47 -9.77 -26.16
CA GLU C 289 -35.43 -9.58 -25.14
C GLU C 289 -35.47 -10.70 -24.09
N GLU C 290 -35.34 -11.93 -24.60
CA GLU C 290 -35.29 -13.12 -23.77
C GLU C 290 -34.21 -14.04 -24.33
N MET C 291 -33.56 -14.76 -23.42
CA MET C 291 -32.70 -15.88 -23.79
C MET C 291 -33.32 -17.13 -23.18
N THR C 292 -33.35 -18.23 -23.94
CA THR C 292 -33.91 -19.45 -23.39
C THR C 292 -32.96 -20.55 -23.79
N ASN C 293 -33.02 -21.67 -23.08
CA ASN C 293 -32.16 -22.82 -23.34
C ASN C 293 -33.01 -24.05 -23.71
N ALA D 1 -5.55 18.93 -11.43
CA ALA D 1 -7.03 18.67 -11.36
C ALA D 1 -7.70 19.95 -10.86
N ASP D 2 -9.01 20.04 -11.13
CA ASP D 2 -9.83 21.22 -10.82
C ASP D 2 -9.55 21.72 -9.39
N SER D 3 -9.54 20.83 -8.39
CA SER D 3 -9.51 21.23 -6.99
C SER D 3 -8.19 21.88 -6.57
N ASP D 4 -7.10 21.56 -7.29
CA ASP D 4 -5.76 22.09 -7.06
C ASP D 4 -5.69 23.59 -7.37
N ILE D 5 -6.64 24.02 -8.21
CA ILE D 5 -6.68 25.41 -8.66
C ILE D 5 -8.06 26.00 -8.27
N ASN D 6 -8.64 25.53 -7.14
CA ASN D 6 -9.75 26.15 -6.43
C ASN D 6 -11.06 26.11 -7.26
N ILE D 7 -11.22 25.07 -8.09
CA ILE D 7 -12.34 24.98 -9.01
C ILE D 7 -13.14 23.69 -8.76
N LYS D 8 -14.47 23.85 -8.62
CA LYS D 8 -15.39 22.75 -8.34
C LYS D 8 -15.10 21.62 -9.33
N THR D 9 -14.92 20.37 -8.82
CA THR D 9 -14.57 19.23 -9.65
C THR D 9 -15.57 19.10 -10.80
N GLY D 10 -15.03 18.93 -12.03
CA GLY D 10 -15.77 18.63 -13.25
C GLY D 10 -16.44 19.84 -13.91
N THR D 11 -16.00 21.08 -13.58
CA THR D 11 -16.56 22.32 -14.11
C THR D 11 -16.07 22.57 -15.54
N THR D 12 -14.84 22.15 -15.81
CA THR D 12 -14.15 22.41 -17.06
C THR D 12 -14.35 21.28 -18.05
N ASP D 13 -15.00 20.20 -17.64
CA ASP D 13 -15.27 19.06 -18.52
C ASP D 13 -16.40 19.35 -19.51
N ILE D 14 -16.31 18.65 -20.65
CA ILE D 14 -17.22 18.67 -21.80
C ILE D 14 -18.30 17.61 -21.58
N GLY D 15 -19.56 17.97 -21.90
CA GLY D 15 -20.57 16.96 -22.19
C GLY D 15 -21.77 16.91 -21.24
N SER D 16 -22.02 17.97 -20.47
CA SER D 16 -23.30 18.08 -19.79
C SER D 16 -24.32 18.73 -20.74
N ASN D 17 -25.63 18.50 -20.49
CA ASN D 17 -26.77 19.03 -21.27
C ASN D 17 -26.67 18.70 -22.76
N THR D 18 -26.29 17.46 -23.08
CA THR D 18 -26.01 17.05 -24.46
C THR D 18 -26.41 15.58 -24.61
N THR D 19 -27.25 15.25 -25.60
CA THR D 19 -27.42 13.89 -26.08
C THR D 19 -26.14 13.45 -26.81
N VAL D 20 -25.66 12.25 -26.47
CA VAL D 20 -24.42 11.74 -26.99
C VAL D 20 -24.79 10.53 -27.83
N LYS D 21 -24.26 10.45 -29.05
CA LYS D 21 -24.65 9.33 -29.88
C LYS D 21 -23.46 8.36 -29.97
N THR D 22 -23.69 7.07 -29.66
CA THR D 22 -22.55 6.18 -29.63
C THR D 22 -22.77 4.99 -30.59
N GLY D 23 -21.72 4.18 -30.80
CA GLY D 23 -21.91 3.01 -31.64
C GLY D 23 -20.72 2.06 -31.59
N ASP D 24 -20.93 0.83 -32.08
CA ASP D 24 -19.97 -0.26 -32.20
C ASP D 24 -19.88 -0.68 -33.66
N LEU D 25 -18.65 -0.82 -34.13
CA LEU D 25 -18.38 -1.42 -35.42
C LEU D 25 -17.34 -2.51 -35.15
N VAL D 26 -17.63 -3.73 -35.55
CA VAL D 26 -16.81 -4.89 -35.29
C VAL D 26 -16.45 -5.50 -36.64
N THR D 27 -15.18 -5.80 -36.88
CA THR D 27 -14.72 -6.42 -38.11
C THR D 27 -13.66 -7.45 -37.74
N TYR D 28 -13.81 -8.66 -38.24
CA TYR D 28 -12.89 -9.74 -37.98
C TYR D 28 -12.10 -9.98 -39.25
N ASP D 29 -10.75 -9.93 -39.15
CA ASP D 29 -9.91 -10.20 -40.30
C ASP D 29 -9.28 -11.58 -40.09
N LYS D 30 -9.83 -12.57 -40.78
CA LYS D 30 -9.50 -13.98 -40.61
C LYS D 30 -8.05 -14.24 -41.02
N GLU D 31 -7.62 -13.67 -42.14
CA GLU D 31 -6.27 -13.86 -42.68
C GLU D 31 -5.23 -13.37 -41.68
N ASN D 32 -5.49 -12.26 -40.98
CA ASN D 32 -4.48 -11.69 -40.12
C ASN D 32 -4.73 -11.98 -38.64
N GLY D 33 -5.79 -12.72 -38.26
CA GLY D 33 -6.07 -13.09 -36.86
C GLY D 33 -6.31 -11.85 -35.97
N MET D 34 -7.10 -10.90 -36.46
CA MET D 34 -7.38 -9.66 -35.77
C MET D 34 -8.88 -9.40 -35.67
N ALA D 35 -9.37 -9.35 -34.42
CA ALA D 35 -10.74 -8.91 -34.14
C ALA D 35 -10.68 -7.41 -33.86
N LYS D 36 -11.33 -6.62 -34.70
CA LYS D 36 -11.16 -5.18 -34.57
C LYS D 36 -12.47 -4.54 -34.17
N LYS D 37 -12.42 -3.73 -33.12
CA LYS D 37 -13.65 -3.12 -32.63
C LYS D 37 -13.39 -1.63 -32.42
N VAL D 38 -14.29 -0.83 -32.98
CA VAL D 38 -14.33 0.58 -32.71
C VAL D 38 -15.59 0.84 -31.90
N PHE D 39 -15.38 1.53 -30.78
CA PHE D 39 -16.50 2.06 -30.04
C PHE D 39 -16.37 3.58 -30.08
N TYR D 40 -17.39 4.29 -30.63
CA TYR D 40 -17.25 5.72 -30.83
C TYR D 40 -18.33 6.49 -30.07
N SER D 41 -18.10 7.80 -29.88
CA SER D 41 -19.10 8.67 -29.25
C SER D 41 -18.99 10.08 -29.80
N PHE D 42 -20.10 10.60 -30.34
CA PHE D 42 -20.14 11.99 -30.78
C PHE D 42 -20.69 12.84 -29.63
N ILE D 43 -20.01 13.92 -29.31
CA ILE D 43 -20.44 14.80 -28.26
C ILE D 43 -20.44 16.17 -28.92
N ASP D 44 -21.62 16.73 -29.12
CA ASP D 44 -21.82 18.07 -29.63
C ASP D 44 -22.39 18.91 -28.48
N ASP D 45 -21.50 19.48 -27.68
CA ASP D 45 -21.79 20.34 -26.57
C ASP D 45 -21.72 21.75 -27.08
N LYS D 46 -22.82 22.48 -26.99
CA LYS D 46 -22.92 23.79 -27.62
C LYS D 46 -22.07 24.82 -26.87
N ASN D 47 -21.68 24.52 -25.65
CA ASN D 47 -20.76 25.39 -24.93
C ASN D 47 -19.30 25.07 -25.26
N HIS D 48 -19.06 24.11 -26.16
CA HIS D 48 -17.70 23.82 -26.60
C HIS D 48 -17.50 24.34 -28.03
N ASN D 49 -16.32 24.89 -28.32
CA ASN D 49 -16.10 25.58 -29.59
C ASN D 49 -16.06 24.57 -30.77
N LYS D 50 -16.11 23.25 -30.56
CA LYS D 50 -16.03 22.36 -31.72
C LYS D 50 -16.85 21.10 -31.42
N LYS D 51 -17.23 20.31 -32.45
CA LYS D 51 -17.82 19.01 -32.24
C LYS D 51 -16.66 18.05 -31.96
N LEU D 52 -16.96 16.97 -31.21
CA LEU D 52 -15.98 15.98 -30.80
C LEU D 52 -16.53 14.61 -31.17
N LEU D 53 -15.57 13.76 -31.51
CA LEU D 53 -15.78 12.34 -31.66
C LEU D 53 -14.68 11.63 -30.84
N VAL D 54 -15.10 10.74 -29.95
CA VAL D 54 -14.16 9.91 -29.24
C VAL D 54 -14.19 8.52 -29.86
N ILE D 55 -13.04 8.05 -30.32
CA ILE D 55 -12.96 6.75 -30.94
C ILE D 55 -12.10 5.87 -30.03
N ARG D 56 -12.68 4.77 -29.56
CA ARG D 56 -11.96 3.81 -28.74
C ARG D 56 -11.65 2.63 -29.64
N THR D 57 -10.37 2.34 -29.90
CA THR D 57 -9.97 1.18 -30.72
C THR D 57 -9.62 0.01 -29.79
N LYS D 58 -10.38 -1.08 -29.93
CA LYS D 58 -10.34 -2.23 -29.03
C LYS D 58 -10.26 -3.49 -29.90
N GLY D 59 -10.65 -4.64 -29.35
CA GLY D 59 -10.54 -5.89 -30.05
C GLY D 59 -9.34 -6.67 -29.56
N THR D 60 -8.85 -7.58 -30.39
CA THR D 60 -7.72 -8.39 -29.96
C THR D 60 -6.92 -8.83 -31.18
N ILE D 61 -5.62 -8.58 -31.12
CA ILE D 61 -4.70 -9.10 -32.11
C ILE D 61 -4.09 -10.37 -31.56
N ALA D 62 -4.43 -11.50 -32.18
CA ALA D 62 -3.90 -12.80 -31.80
C ALA D 62 -2.36 -12.75 -31.85
N GLY D 63 -1.74 -13.47 -30.90
CA GLY D 63 -0.27 -13.58 -30.87
C GLY D 63 0.28 -14.27 -32.10
N GLN D 64 -0.20 -15.51 -32.35
CA GLN D 64 0.22 -16.37 -33.44
C GLN D 64 1.69 -16.79 -33.35
N TYR D 65 2.06 -17.28 -32.16
CA TYR D 65 3.25 -18.01 -31.74
C TYR D 65 3.26 -19.35 -32.46
N ARG D 66 3.73 -19.36 -33.73
CA ARG D 66 3.77 -20.55 -34.59
C ARG D 66 5.18 -21.13 -34.77
N VAL D 67 5.31 -22.41 -34.37
CA VAL D 67 6.49 -23.23 -34.59
C VAL D 67 6.40 -23.68 -36.04
N TYR D 68 7.33 -23.19 -36.86
CA TYR D 68 7.07 -23.25 -38.29
C TYR D 68 8.00 -24.29 -38.90
N SER D 69 9.25 -23.91 -39.15
CA SER D 69 10.10 -24.80 -39.92
C SER D 69 10.20 -26.13 -39.19
N GLU D 70 10.47 -27.17 -39.96
CA GLU D 70 10.96 -28.43 -39.43
C GLU D 70 11.80 -29.07 -40.54
N GLU D 71 13.05 -28.60 -40.69
CA GLU D 71 13.95 -29.11 -41.73
C GLU D 71 14.97 -30.09 -41.14
N GLY D 72 14.51 -31.30 -40.80
CA GLY D 72 15.26 -32.25 -39.99
C GLY D 72 14.72 -32.27 -38.56
N ALA D 73 15.51 -32.83 -37.63
CA ALA D 73 15.19 -32.77 -36.21
C ALA D 73 16.31 -32.04 -35.47
N ASN D 74 17.15 -31.32 -36.23
CA ASN D 74 18.21 -30.49 -35.70
C ASN D 74 17.88 -28.98 -35.79
N LYS D 75 16.92 -28.63 -36.65
CA LYS D 75 16.64 -27.24 -36.95
C LYS D 75 15.15 -26.94 -36.84
N SER D 76 14.83 -25.85 -36.12
CA SER D 76 13.44 -25.45 -35.99
C SER D 76 13.36 -23.96 -35.79
N GLY D 77 12.21 -23.40 -36.15
CA GLY D 77 11.98 -21.97 -36.02
C GLY D 77 10.62 -21.64 -35.40
N LEU D 78 10.58 -20.47 -34.75
CA LEU D 78 9.39 -19.97 -34.07
C LEU D 78 9.17 -18.53 -34.52
N ALA D 79 8.02 -18.28 -35.16
CA ALA D 79 7.55 -16.91 -35.40
C ALA D 79 6.80 -16.39 -34.16
N TRP D 80 7.18 -15.21 -33.66
CA TRP D 80 6.54 -14.77 -32.43
C TRP D 80 6.32 -13.26 -32.50
N PRO D 81 5.30 -12.70 -31.82
CA PRO D 81 4.98 -11.27 -32.01
C PRO D 81 5.88 -10.42 -31.12
N SER D 82 6.74 -9.61 -31.73
CA SER D 82 7.54 -8.69 -30.94
C SER D 82 6.88 -7.33 -30.84
N ALA D 83 5.86 -7.07 -31.65
CA ALA D 83 5.23 -5.77 -31.53
C ALA D 83 3.78 -5.85 -32.01
N PHE D 84 2.93 -5.06 -31.35
CA PHE D 84 1.56 -4.89 -31.79
C PHE D 84 1.36 -3.39 -31.96
N LYS D 85 0.59 -2.98 -32.97
CA LYS D 85 0.41 -1.56 -33.21
C LYS D 85 -0.99 -1.27 -33.70
N VAL D 86 -1.49 -0.11 -33.26
CA VAL D 86 -2.74 0.48 -33.70
C VAL D 86 -2.43 1.93 -34.07
N GLN D 87 -2.87 2.33 -35.29
CA GLN D 87 -2.66 3.67 -35.79
C GLN D 87 -3.92 4.21 -36.43
N LEU D 88 -4.15 5.52 -36.25
CA LEU D 88 -5.28 6.17 -36.87
C LEU D 88 -4.74 7.33 -37.68
N GLN D 89 -5.40 7.59 -38.82
CA GLN D 89 -4.89 8.66 -39.67
C GLN D 89 -6.05 9.28 -40.42
N LEU D 90 -6.17 10.59 -40.32
CA LEU D 90 -7.04 11.43 -41.15
C LEU D 90 -6.27 11.80 -42.42
N PRO D 91 -6.79 11.48 -43.61
CA PRO D 91 -6.19 12.00 -44.86
C PRO D 91 -5.75 13.46 -44.89
N ASP D 92 -4.81 13.76 -45.80
CA ASP D 92 -4.02 15.00 -45.82
C ASP D 92 -4.90 16.25 -45.75
N ASN D 93 -5.98 16.24 -46.55
CA ASN D 93 -6.75 17.42 -46.91
C ASN D 93 -8.01 17.62 -46.06
N GLU D 94 -8.19 16.82 -45.00
CA GLU D 94 -9.37 16.85 -44.16
C GLU D 94 -9.30 18.06 -43.22
N VAL D 95 -10.46 18.64 -42.84
CA VAL D 95 -10.43 19.73 -41.86
C VAL D 95 -10.49 19.28 -40.39
N ALA D 96 -11.12 18.14 -40.10
CA ALA D 96 -11.05 17.51 -38.79
C ALA D 96 -9.60 17.34 -38.32
N GLN D 97 -9.41 17.39 -36.98
CA GLN D 97 -8.08 17.24 -36.43
C GLN D 97 -8.09 16.30 -35.24
N ILE D 98 -6.96 15.64 -35.01
CA ILE D 98 -6.75 14.85 -33.80
C ILE D 98 -6.45 15.80 -32.65
N SER D 99 -7.25 15.70 -31.61
CA SER D 99 -7.24 16.70 -30.57
C SER D 99 -6.65 16.13 -29.29
N ASP D 100 -6.75 14.80 -29.09
CA ASP D 100 -6.30 14.18 -27.86
C ASP D 100 -6.26 12.67 -28.06
N TYR D 101 -5.74 11.94 -27.08
CA TYR D 101 -5.48 10.53 -27.19
C TYR D 101 -5.02 10.10 -25.79
N TYR D 102 -5.27 8.85 -25.44
CA TYR D 102 -4.95 8.28 -24.15
C TYR D 102 -4.78 6.78 -24.38
N PRO D 103 -3.79 6.07 -23.81
CA PRO D 103 -2.79 6.67 -22.91
C PRO D 103 -1.60 7.32 -23.60
N ARG D 104 -0.71 7.91 -22.78
CA ARG D 104 0.42 8.69 -23.25
C ARG D 104 1.67 8.08 -22.65
N ASN D 105 2.85 8.69 -22.84
CA ASN D 105 4.07 8.08 -22.33
C ASN D 105 4.30 8.65 -20.95
N SER D 106 4.40 7.77 -19.94
CA SER D 106 4.68 8.37 -18.66
C SER D 106 6.17 8.16 -18.30
N ILE D 107 6.67 9.02 -17.43
CA ILE D 107 8.02 9.05 -16.94
C ILE D 107 8.23 7.79 -16.09
N ASP D 108 9.22 7.00 -16.43
CA ASP D 108 9.53 5.77 -15.68
C ASP D 108 10.40 6.22 -14.50
N THR D 109 10.46 5.40 -13.45
CA THR D 109 11.27 5.69 -12.30
C THR D 109 11.93 4.40 -11.85
N LYS D 110 12.72 4.55 -10.78
CA LYS D 110 13.63 3.57 -10.25
C LYS D 110 13.93 3.99 -8.80
N GLU D 111 14.16 3.02 -7.92
CA GLU D 111 14.53 3.26 -6.55
C GLU D 111 16.03 3.03 -6.44
N TYR D 112 16.71 3.96 -5.80
CA TYR D 112 18.16 3.91 -5.60
C TYR D 112 18.41 3.82 -4.11
N MET D 113 19.38 3.02 -3.74
CA MET D 113 19.66 2.74 -2.34
C MET D 113 21.17 2.68 -2.12
N SER D 114 21.72 3.48 -1.20
CA SER D 114 23.14 3.33 -0.85
C SER D 114 23.33 2.93 0.61
N THR D 115 24.39 2.15 0.86
CA THR D 115 24.63 1.54 2.16
C THR D 115 26.10 1.75 2.55
N LEU D 116 26.35 2.02 3.81
CA LEU D 116 27.69 2.20 4.34
C LEU D 116 27.75 1.41 5.66
N THR D 117 28.73 0.49 5.79
CA THR D 117 29.01 -0.14 7.09
C THR D 117 30.49 0.00 7.45
N TYR D 118 30.74 0.38 8.71
CA TYR D 118 32.03 0.36 9.37
C TYR D 118 31.99 -0.77 10.41
N GLY D 119 33.14 -1.46 10.58
CA GLY D 119 33.21 -2.59 11.51
C GLY D 119 34.54 -2.69 12.23
N PHE D 120 34.48 -2.98 13.54
CA PHE D 120 35.66 -3.29 14.34
C PHE D 120 35.47 -4.70 14.90
N ASN D 121 36.56 -5.48 15.05
CA ASN D 121 36.43 -6.82 15.60
C ASN D 121 37.70 -7.26 16.32
N GLY D 122 37.60 -8.15 17.32
CA GLY D 122 38.76 -8.56 18.10
C GLY D 122 38.77 -10.06 18.40
N ASN D 123 39.99 -10.60 18.63
CA ASN D 123 40.26 -12.01 18.93
C ASN D 123 41.27 -12.20 20.05
N VAL D 124 41.14 -13.34 20.70
CA VAL D 124 42.12 -13.91 21.61
C VAL D 124 42.15 -15.41 21.27
N THR D 125 43.31 -15.91 20.82
CA THR D 125 43.52 -17.32 20.52
C THR D 125 44.27 -17.99 21.67
N GLY D 126 44.55 -19.29 21.53
CA GLY D 126 45.12 -20.07 22.61
C GLY D 126 44.96 -21.58 22.40
N ASP D 127 46.06 -22.30 22.63
CA ASP D 127 46.07 -23.76 22.73
C ASP D 127 46.36 -24.18 24.17
N ASP D 128 46.37 -25.50 24.40
CA ASP D 128 46.68 -26.09 25.70
C ASP D 128 48.18 -25.92 25.99
N THR D 129 48.97 -25.74 24.93
CA THR D 129 50.41 -25.52 25.03
C THR D 129 50.70 -24.14 25.64
N GLY D 130 49.67 -23.45 26.16
CA GLY D 130 49.82 -22.19 26.90
C GLY D 130 50.10 -20.95 26.03
N LYS D 131 50.14 -21.14 24.70
CA LYS D 131 50.41 -20.10 23.70
C LYS D 131 49.15 -19.26 23.40
N ILE D 132 49.27 -17.92 23.57
CA ILE D 132 48.19 -16.95 23.45
C ILE D 132 48.43 -16.17 22.15
N GLY D 133 47.35 -15.83 21.42
CA GLY D 133 47.40 -14.98 20.23
C GLY D 133 46.29 -13.93 20.25
N GLY D 134 46.36 -12.94 19.33
CA GLY D 134 45.39 -11.86 19.31
C GLY D 134 45.26 -11.22 17.94
N LEU D 135 44.08 -10.62 17.67
CA LEU D 135 43.70 -10.02 16.39
C LEU D 135 42.81 -8.79 16.61
N ILE D 136 43.16 -7.67 15.99
CA ILE D 136 42.33 -6.49 15.93
C ILE D 136 42.14 -6.11 14.46
N GLY D 137 40.86 -5.89 14.04
CA GLY D 137 40.50 -5.71 12.64
C GLY D 137 39.48 -4.61 12.41
N ALA D 138 39.50 -4.03 11.21
CA ALA D 138 38.45 -3.12 10.79
C ALA D 138 37.97 -3.48 9.38
N ASN D 139 36.83 -2.88 8.98
CA ASN D 139 36.30 -3.03 7.63
C ASN D 139 35.38 -1.86 7.30
N VAL D 140 35.37 -1.50 6.03
CA VAL D 140 34.42 -0.57 5.47
C VAL D 140 33.76 -1.33 4.32
N SER D 141 32.54 -0.90 4.01
CA SER D 141 31.71 -1.51 3.00
C SER D 141 30.77 -0.46 2.43
N ILE D 142 30.88 -0.21 1.12
CA ILE D 142 30.01 0.75 0.46
C ILE D 142 29.19 -0.04 -0.56
N GLY D 143 27.88 0.20 -0.58
CA GLY D 143 26.97 -0.53 -1.45
C GLY D 143 26.04 0.39 -2.25
N HIS D 144 25.59 -0.11 -3.40
CA HIS D 144 24.42 0.51 -3.99
C HIS D 144 23.51 -0.56 -4.60
N THR D 145 22.19 -0.33 -4.46
CA THR D 145 21.20 -1.16 -5.10
C THR D 145 20.27 -0.27 -5.95
N LEU D 146 19.88 -0.80 -7.09
CA LEU D 146 18.96 -0.17 -8.02
C LEU D 146 17.81 -1.14 -8.26
N LYS D 147 16.58 -0.64 -8.18
CA LYS D 147 15.38 -1.45 -8.22
C LYS D 147 14.41 -0.75 -9.17
N TYR D 148 13.90 -1.46 -10.19
CA TYR D 148 12.87 -0.89 -11.05
C TYR D 148 11.99 -2.03 -11.60
N VAL D 149 10.86 -1.68 -12.16
CA VAL D 149 9.91 -2.62 -12.72
C VAL D 149 10.23 -2.80 -14.20
N GLN D 150 10.12 -4.05 -14.69
CA GLN D 150 10.33 -4.29 -16.10
C GLN D 150 9.13 -5.09 -16.62
N PRO D 151 8.15 -4.42 -17.26
CA PRO D 151 6.98 -5.13 -17.82
C PRO D 151 7.46 -5.97 -19.03
N ASP D 152 6.74 -7.06 -19.31
CA ASP D 152 7.09 -7.94 -20.42
C ASP D 152 6.97 -7.21 -21.75
N PHE D 153 5.92 -6.36 -21.87
CA PHE D 153 5.74 -5.51 -23.05
C PHE D 153 5.61 -4.08 -22.57
N LYS D 154 6.08 -3.13 -23.38
CA LYS D 154 5.91 -1.73 -23.03
C LYS D 154 4.83 -1.21 -23.97
N THR D 155 4.00 -0.31 -23.44
CA THR D 155 2.93 0.31 -24.25
C THR D 155 3.29 1.76 -24.52
N ILE D 156 3.56 2.12 -25.77
CA ILE D 156 4.16 3.42 -26.04
C ILE D 156 3.31 4.25 -27.00
N LEU D 157 3.14 5.55 -26.69
CA LEU D 157 2.42 6.42 -27.61
C LEU D 157 3.41 6.90 -28.66
N GLU D 158 3.13 6.63 -29.94
CA GLU D 158 3.97 7.15 -31.05
C GLU D 158 3.64 8.63 -31.23
N SER D 159 4.65 9.47 -31.46
CA SER D 159 4.54 10.91 -31.60
C SER D 159 3.38 11.27 -32.50
N PRO D 160 2.29 11.82 -31.97
CA PRO D 160 1.12 12.17 -32.78
C PRO D 160 1.34 13.42 -33.62
N THR D 161 0.45 13.63 -34.62
CA THR D 161 0.39 14.91 -35.29
C THR D 161 -1.02 15.43 -35.09
N ASP D 162 -1.53 16.32 -35.97
CA ASP D 162 -2.94 16.65 -35.88
C ASP D 162 -3.68 15.73 -36.84
N LYS D 163 -2.94 14.83 -37.51
CA LYS D 163 -3.60 13.99 -38.50
C LYS D 163 -3.39 12.51 -38.18
N LYS D 164 -2.41 12.18 -37.30
CA LYS D 164 -2.15 10.78 -37.00
C LYS D 164 -1.71 10.55 -35.56
N VAL D 165 -2.04 9.36 -35.08
CA VAL D 165 -1.76 8.93 -33.72
C VAL D 165 -1.65 7.42 -33.76
N GLY D 166 -0.76 6.85 -32.94
CA GLY D 166 -0.77 5.39 -32.89
C GLY D 166 -0.06 4.98 -31.61
N TRP D 167 -0.23 3.70 -31.26
CA TRP D 167 0.47 3.10 -30.16
C TRP D 167 1.19 1.87 -30.68
N LYS D 168 2.33 1.55 -30.04
CA LYS D 168 2.96 0.27 -30.26
C LYS D 168 3.21 -0.36 -28.90
N VAL D 169 2.88 -1.66 -28.83
CA VAL D 169 3.07 -2.43 -27.62
C VAL D 169 4.18 -3.42 -27.93
N ILE D 170 5.40 -3.16 -27.45
CA ILE D 170 6.59 -3.84 -27.99
C ILE D 170 7.14 -4.81 -26.94
N PHE D 171 7.68 -5.93 -27.39
CA PHE D 171 8.27 -6.87 -26.47
C PHE D 171 9.51 -6.21 -25.87
N ASN D 172 9.60 -6.34 -24.53
CA ASN D 172 10.62 -5.70 -23.75
C ASN D 172 11.61 -6.76 -23.29
N ASN D 173 11.25 -7.57 -22.28
CA ASN D 173 12.05 -8.76 -21.99
C ASN D 173 11.20 -9.81 -21.26
N MET D 174 11.77 -10.98 -20.97
CA MET D 174 10.93 -12.01 -20.37
C MET D 174 11.79 -13.05 -19.66
N VAL D 175 11.23 -13.60 -18.60
CA VAL D 175 11.84 -14.69 -17.83
C VAL D 175 11.49 -16.01 -18.52
N ASN D 176 12.49 -16.88 -18.66
CA ASN D 176 12.33 -18.20 -19.25
C ASN D 176 12.64 -19.20 -18.13
N GLN D 177 11.62 -19.92 -17.63
CA GLN D 177 11.74 -20.85 -16.51
C GLN D 177 12.71 -20.33 -15.44
N ASN D 178 12.48 -19.12 -14.98
CA ASN D 178 13.22 -18.53 -13.87
C ASN D 178 14.61 -18.05 -14.27
N TRP D 179 14.99 -18.16 -15.54
CA TRP D 179 16.26 -17.58 -15.94
C TRP D 179 15.97 -16.32 -16.74
N GLY D 180 16.97 -15.46 -16.86
CA GLY D 180 16.83 -14.27 -17.65
C GLY D 180 16.81 -13.05 -16.75
N PRO D 181 16.07 -11.97 -17.12
CA PRO D 181 15.24 -11.96 -18.32
C PRO D 181 16.09 -12.04 -19.58
N TYR D 182 15.50 -12.52 -20.67
CA TYR D 182 16.18 -12.49 -21.96
C TYR D 182 15.45 -11.46 -22.81
N ASP D 183 16.15 -11.00 -23.86
CA ASP D 183 15.43 -10.11 -24.74
C ASP D 183 15.84 -10.43 -26.18
N ARG D 184 15.44 -9.57 -27.11
CA ARG D 184 15.69 -9.80 -28.53
C ARG D 184 17.18 -9.85 -28.86
N ASP D 185 18.05 -9.31 -27.98
CA ASP D 185 19.49 -9.20 -28.27
C ASP D 185 20.34 -10.06 -27.34
N SER D 186 19.73 -10.77 -26.40
CA SER D 186 20.49 -11.65 -25.52
C SER D 186 21.48 -12.50 -26.32
N TRP D 187 22.70 -12.62 -25.76
CA TRP D 187 23.72 -13.40 -26.45
C TRP D 187 24.68 -13.99 -25.43
N ASN D 188 24.59 -15.31 -25.31
CA ASN D 188 25.51 -16.09 -24.51
C ASN D 188 26.44 -16.78 -25.51
N PRO D 189 27.80 -16.72 -25.32
CA PRO D 189 28.74 -17.21 -26.34
C PRO D 189 28.52 -18.65 -26.78
N VAL D 190 28.09 -19.50 -25.84
CA VAL D 190 27.80 -20.89 -26.11
C VAL D 190 26.34 -21.13 -26.56
N TYR D 191 25.34 -20.57 -25.84
CA TYR D 191 23.96 -20.97 -26.10
C TYR D 191 23.23 -20.02 -27.06
N GLY D 192 23.89 -18.94 -27.47
CA GLY D 192 23.29 -17.94 -28.33
C GLY D 192 22.24 -17.14 -27.59
N ASN D 193 21.05 -16.98 -28.19
CA ASN D 193 19.96 -16.28 -27.54
C ASN D 193 19.00 -17.32 -26.99
N GLN D 194 18.86 -17.38 -25.67
CA GLN D 194 18.11 -18.44 -25.02
C GLN D 194 16.62 -18.09 -24.84
N LEU D 195 16.17 -16.97 -25.40
CA LEU D 195 14.86 -16.39 -25.14
C LEU D 195 13.78 -17.48 -25.01
N PHE D 196 13.59 -18.35 -26.03
CA PHE D 196 12.50 -19.33 -26.03
C PHE D 196 13.00 -20.77 -25.99
N MET D 197 14.26 -20.98 -25.59
CA MET D 197 14.90 -22.28 -25.56
C MET D 197 14.42 -23.04 -24.33
N LYS D 198 13.83 -24.22 -24.51
CA LYS D 198 13.39 -24.93 -23.31
C LYS D 198 14.61 -25.53 -22.57
N THR D 199 15.49 -26.24 -23.29
CA THR D 199 16.65 -26.87 -22.64
C THR D 199 17.95 -26.57 -23.39
N ARG D 200 19.04 -26.47 -22.62
CA ARG D 200 20.40 -26.36 -23.14
C ARG D 200 20.88 -27.60 -23.92
N ASN D 201 20.59 -28.81 -23.43
CA ASN D 201 21.04 -29.98 -24.19
C ASN D 201 20.13 -31.19 -24.01
N GLY D 202 18.81 -31.00 -24.01
CA GLY D 202 17.90 -32.12 -24.09
C GLY D 202 17.97 -32.81 -25.45
N SER D 203 17.40 -34.00 -25.55
CA SER D 203 17.63 -34.81 -26.73
C SER D 203 16.33 -35.00 -27.51
N MET D 204 15.38 -34.08 -27.35
CA MET D 204 14.19 -34.12 -28.18
C MET D 204 14.51 -33.57 -29.57
N LYS D 205 13.55 -33.63 -30.50
CA LYS D 205 13.70 -32.93 -31.77
C LYS D 205 13.62 -31.42 -31.52
N ALA D 206 14.15 -30.64 -32.46
CA ALA D 206 14.28 -29.20 -32.29
C ALA D 206 12.92 -28.58 -31.99
N ALA D 207 11.92 -29.02 -32.76
CA ALA D 207 10.57 -28.51 -32.68
C ALA D 207 9.93 -28.77 -31.30
N ASP D 208 10.55 -29.60 -30.47
CA ASP D 208 9.98 -29.86 -29.16
C ASP D 208 10.80 -29.11 -28.12
N ASN D 209 11.78 -28.31 -28.55
CA ASN D 209 12.64 -27.64 -27.59
C ASN D 209 12.28 -26.15 -27.35
N PHE D 210 11.05 -25.72 -27.68
CA PHE D 210 10.64 -24.36 -27.39
C PHE D 210 9.90 -24.31 -26.06
N LEU D 211 10.09 -23.19 -25.35
CA LEU D 211 9.38 -22.91 -24.11
C LEU D 211 7.89 -23.15 -24.32
N ASP D 212 7.21 -23.76 -23.34
CA ASP D 212 5.76 -23.95 -23.40
C ASP D 212 5.10 -22.57 -23.37
N PRO D 213 4.25 -22.27 -24.38
CA PRO D 213 3.58 -20.96 -24.46
C PRO D 213 2.86 -20.57 -23.15
N ASN D 214 2.32 -21.56 -22.42
CA ASN D 214 1.69 -21.26 -21.15
C ASN D 214 2.66 -20.72 -20.11
N LYS D 215 3.97 -20.84 -20.37
CA LYS D 215 5.02 -20.42 -19.44
C LYS D 215 5.64 -19.13 -19.95
N ALA D 216 4.97 -18.48 -20.90
CA ALA D 216 5.49 -17.26 -21.47
C ALA D 216 4.41 -16.22 -21.31
N SER D 217 4.71 -14.93 -21.51
CA SER D 217 3.65 -13.94 -21.60
C SER D 217 2.50 -14.40 -22.50
N SER D 218 1.29 -14.31 -21.97
CA SER D 218 0.14 -14.78 -22.72
C SER D 218 -0.17 -13.84 -23.91
N LEU D 219 0.41 -12.63 -23.97
CA LEU D 219 0.35 -11.81 -25.17
C LEU D 219 1.02 -12.51 -26.35
N LEU D 220 1.99 -13.43 -26.07
CA LEU D 220 2.70 -14.08 -27.15
C LEU D 220 1.82 -15.08 -27.91
N SER D 221 0.83 -15.72 -27.27
CA SER D 221 -0.02 -16.70 -27.94
C SER D 221 -1.43 -16.14 -28.07
N SER D 222 -2.14 -16.07 -26.94
CA SER D 222 -3.53 -15.64 -27.04
C SER D 222 -3.70 -14.22 -27.56
N GLY D 223 -2.75 -13.34 -27.25
CA GLY D 223 -2.68 -12.07 -27.97
C GLY D 223 -3.07 -10.89 -27.10
N PHE D 224 -3.11 -9.73 -27.75
CA PHE D 224 -3.15 -8.43 -27.09
C PHE D 224 -4.49 -7.77 -27.37
N SER D 225 -5.08 -7.15 -26.34
CA SER D 225 -6.36 -6.45 -26.51
C SER D 225 -6.14 -4.96 -26.38
N PRO D 226 -6.07 -4.21 -27.50
CA PRO D 226 -5.85 -2.78 -27.47
C PRO D 226 -6.96 -2.10 -26.66
N ASP D 227 -6.64 -1.01 -26.01
CA ASP D 227 -7.66 -0.22 -25.41
C ASP D 227 -7.21 1.24 -25.44
N PHE D 228 -7.40 1.90 -26.60
CA PHE D 228 -6.82 3.21 -26.84
C PHE D 228 -7.95 4.19 -27.17
N ALA D 229 -7.77 5.47 -26.81
CA ALA D 229 -8.78 6.45 -27.09
C ALA D 229 -8.17 7.57 -27.94
N THR D 230 -8.93 8.04 -28.93
CA THR D 230 -8.56 9.17 -29.77
C THR D 230 -9.76 10.12 -29.84
N VAL D 231 -9.47 11.42 -29.73
CA VAL D 231 -10.50 12.43 -29.85
C VAL D 231 -10.23 13.22 -31.12
N ILE D 232 -11.26 13.31 -31.94
CA ILE D 232 -11.24 14.07 -33.17
C ILE D 232 -12.17 15.27 -32.97
N THR D 233 -11.67 16.46 -33.31
CA THR D 233 -12.46 17.68 -33.24
C THR D 233 -12.76 18.17 -34.66
N MET D 234 -13.91 18.81 -34.81
CA MET D 234 -14.39 19.31 -36.08
C MET D 234 -15.13 20.63 -35.85
N ASP D 235 -14.83 21.59 -36.70
CA ASP D 235 -15.44 22.89 -36.78
C ASP D 235 -16.92 22.81 -37.21
N ARG D 236 -17.80 23.56 -36.55
CA ARG D 236 -19.18 23.58 -36.97
C ARG D 236 -19.35 24.22 -38.35
N LYS D 237 -18.48 25.16 -38.70
CA LYS D 237 -18.59 25.95 -39.93
C LYS D 237 -17.93 25.27 -41.14
N ALA D 238 -17.27 24.14 -40.97
CA ALA D 238 -16.59 23.53 -42.12
C ALA D 238 -17.57 23.26 -43.26
N SER D 239 -17.11 23.44 -44.50
CA SER D 239 -17.84 23.14 -45.74
C SER D 239 -18.22 21.66 -45.80
N LYS D 240 -17.22 20.76 -45.80
CA LYS D 240 -17.44 19.32 -45.86
C LYS D 240 -17.65 18.79 -44.44
N GLN D 241 -18.76 18.09 -44.20
CA GLN D 241 -19.09 17.61 -42.86
C GLN D 241 -18.98 16.08 -42.78
N GLN D 242 -18.19 15.52 -43.69
CA GLN D 242 -17.83 14.10 -43.75
C GLN D 242 -16.30 13.99 -43.70
N THR D 243 -15.83 13.02 -42.94
CA THR D 243 -14.42 12.82 -42.67
C THR D 243 -14.18 11.36 -42.89
N ASN D 244 -13.04 11.03 -43.49
CA ASN D 244 -12.61 9.64 -43.55
C ASN D 244 -11.55 9.43 -42.49
N ILE D 245 -11.49 8.22 -41.93
CA ILE D 245 -10.34 7.92 -41.11
C ILE D 245 -9.94 6.46 -41.31
N ASP D 246 -8.62 6.26 -41.39
CA ASP D 246 -7.99 4.94 -41.58
C ASP D 246 -7.41 4.46 -40.26
N VAL D 247 -7.67 3.20 -39.96
CA VAL D 247 -7.11 2.51 -38.80
C VAL D 247 -6.37 1.27 -39.28
N ILE D 248 -5.07 1.16 -38.91
CA ILE D 248 -4.33 -0.07 -39.11
C ILE D 248 -4.15 -0.77 -37.76
N TYR D 249 -4.39 -2.07 -37.71
CA TYR D 249 -3.86 -2.92 -36.66
C TYR D 249 -2.73 -3.75 -37.24
N GLU D 250 -1.66 -3.92 -36.44
CA GLU D 250 -0.43 -4.45 -36.97
C GLU D 250 0.18 -5.43 -35.98
N ARG D 251 0.68 -6.57 -36.51
CA ARG D 251 1.51 -7.53 -35.78
C ARG D 251 2.88 -7.60 -36.44
N VAL D 252 3.92 -7.36 -35.66
CA VAL D 252 5.28 -7.55 -36.12
C VAL D 252 5.84 -8.82 -35.48
N ARG D 253 6.32 -9.75 -36.30
CA ARG D 253 6.84 -11.02 -35.79
C ARG D 253 8.33 -11.16 -36.01
N ASP D 254 9.03 -11.55 -34.95
CA ASP D 254 10.42 -11.97 -35.04
C ASP D 254 10.47 -13.47 -35.34
N ASP D 255 11.70 -13.95 -35.58
CA ASP D 255 12.02 -15.31 -36.00
C ASP D 255 13.09 -15.80 -35.05
N TYR D 256 12.67 -16.65 -34.11
CA TYR D 256 13.59 -17.28 -33.19
C TYR D 256 13.91 -18.68 -33.70
N GLN D 257 15.19 -18.97 -33.94
CA GLN D 257 15.60 -20.29 -34.43
C GLN D 257 16.49 -21.02 -33.42
N LEU D 258 16.28 -22.34 -33.36
CA LEU D 258 17.13 -23.26 -32.62
C LEU D 258 17.90 -24.13 -33.62
N HIS D 259 19.21 -24.34 -33.37
CA HIS D 259 19.96 -25.40 -34.04
C HIS D 259 20.84 -26.10 -33.02
N TRP D 260 21.07 -27.40 -33.24
CA TRP D 260 22.01 -28.20 -32.44
C TRP D 260 23.45 -27.92 -32.94
N THR D 261 24.38 -27.62 -32.03
CA THR D 261 25.79 -27.62 -32.43
C THR D 261 26.24 -29.07 -32.49
N SER D 262 27.45 -29.36 -32.01
CA SER D 262 27.74 -30.76 -31.81
C SER D 262 27.34 -31.18 -30.40
N THR D 263 27.26 -30.20 -29.49
CA THR D 263 27.24 -30.46 -28.06
C THR D 263 25.97 -29.93 -27.38
N ASN D 264 25.41 -28.83 -27.91
CA ASN D 264 24.29 -28.19 -27.24
C ASN D 264 23.39 -27.43 -28.22
N TRP D 265 22.28 -26.93 -27.71
CA TRP D 265 21.35 -26.11 -28.47
C TRP D 265 21.80 -24.66 -28.48
N LYS D 266 21.68 -24.00 -29.65
CA LYS D 266 21.97 -22.59 -29.80
C LYS D 266 20.78 -21.90 -30.47
N GLY D 267 20.40 -20.73 -29.92
CA GLY D 267 19.28 -19.98 -30.47
C GLY D 267 19.69 -18.66 -31.12
N THR D 268 18.93 -18.30 -32.15
CA THR D 268 19.10 -17.07 -32.92
C THR D 268 17.77 -16.31 -32.92
N ASN D 269 17.84 -14.97 -32.90
CA ASN D 269 16.62 -14.20 -33.08
C ASN D 269 16.85 -13.17 -34.18
N THR D 270 15.94 -13.16 -35.16
CA THR D 270 15.98 -12.15 -36.21
C THR D 270 14.76 -11.24 -36.11
N LYS D 271 15.05 -9.94 -36.08
CA LYS D 271 14.09 -8.90 -35.78
C LYS D 271 13.16 -8.67 -36.98
N ASP D 272 11.85 -8.51 -36.73
CA ASP D 272 10.95 -7.94 -37.71
C ASP D 272 10.95 -8.70 -39.04
N LYS D 273 10.73 -10.01 -39.00
CA LYS D 273 10.81 -10.79 -40.21
C LYS D 273 9.49 -10.73 -40.96
N TRP D 274 8.34 -10.74 -40.24
CA TRP D 274 7.04 -10.71 -40.88
C TRP D 274 6.18 -9.62 -40.27
N THR D 275 5.41 -8.94 -41.12
CA THR D 275 4.50 -7.91 -40.66
C THR D 275 3.13 -8.13 -41.24
N ASP D 276 2.12 -8.17 -40.37
CA ASP D 276 0.74 -8.39 -40.78
C ASP D 276 0.01 -7.06 -40.55
N ARG D 277 -0.59 -6.47 -41.60
CA ARG D 277 -1.31 -5.23 -41.49
C ARG D 277 -2.76 -5.45 -41.88
N SER D 278 -3.66 -5.06 -40.99
CA SER D 278 -5.09 -5.05 -41.32
C SER D 278 -5.58 -3.61 -41.26
N SER D 279 -6.00 -3.12 -42.43
CA SER D 279 -6.32 -1.73 -42.65
C SER D 279 -7.83 -1.56 -42.87
N GLU D 280 -8.42 -0.54 -42.23
CA GLU D 280 -9.82 -0.28 -42.48
C GLU D 280 -10.11 1.21 -42.58
N ARG D 281 -11.01 1.59 -43.50
CA ARG D 281 -11.44 2.97 -43.62
C ARG D 281 -12.84 3.10 -43.01
N TYR D 282 -13.01 4.17 -42.20
CA TYR D 282 -14.29 4.44 -41.55
C TYR D 282 -14.76 5.82 -42.01
N LYS D 283 -16.07 5.95 -42.14
CA LYS D 283 -16.66 7.17 -42.67
C LYS D 283 -17.34 7.85 -41.48
N ILE D 284 -16.94 9.09 -41.21
CA ILE D 284 -17.48 9.81 -40.08
C ILE D 284 -18.47 10.83 -40.62
N ASP D 285 -19.73 10.71 -40.19
CA ASP D 285 -20.75 11.66 -40.59
C ASP D 285 -21.06 12.59 -39.43
N TRP D 286 -20.61 13.86 -39.53
CA TRP D 286 -20.78 14.80 -38.42
C TRP D 286 -22.21 15.31 -38.30
N GLU D 287 -22.94 15.36 -39.43
CA GLU D 287 -24.31 15.86 -39.39
C GLU D 287 -25.21 14.81 -38.74
N LYS D 288 -25.12 13.53 -39.17
CA LYS D 288 -26.00 12.49 -38.64
C LYS D 288 -25.36 11.91 -37.37
N GLU D 289 -24.06 12.15 -37.11
CA GLU D 289 -23.44 11.55 -35.93
C GLU D 289 -23.46 10.03 -36.02
N GLU D 290 -22.84 9.51 -37.09
CA GLU D 290 -22.68 8.08 -37.29
C GLU D 290 -21.28 7.85 -37.86
N MET D 291 -20.70 6.70 -37.46
CA MET D 291 -19.54 6.17 -38.15
C MET D 291 -19.98 4.87 -38.84
N THR D 292 -19.48 4.66 -40.06
CA THR D 292 -19.77 3.39 -40.71
C THR D 292 -18.45 2.94 -41.32
N ASN D 293 -18.38 1.65 -41.65
CA ASN D 293 -17.22 1.05 -42.28
C ASN D 293 -17.63 0.46 -43.63
N ALA E 1 -7.35 21.34 3.42
CA ALA E 1 -8.66 21.09 2.73
C ALA E 1 -9.78 21.62 3.63
N ASP E 2 -10.95 21.82 3.02
CA ASP E 2 -12.14 22.38 3.65
C ASP E 2 -12.39 21.73 5.02
N SER E 3 -12.35 20.39 5.09
CA SER E 3 -12.79 19.65 6.28
C SER E 3 -11.88 19.87 7.51
N ASP E 4 -10.60 20.20 7.26
CA ASP E 4 -9.58 20.46 8.27
C ASP E 4 -9.91 21.73 9.05
N ILE E 5 -10.70 22.59 8.43
CA ILE E 5 -11.07 23.86 9.03
C ILE E 5 -12.60 23.95 9.14
N ASN E 6 -13.27 22.78 9.30
CA ASN E 6 -14.68 22.66 9.71
C ASN E 6 -15.65 23.21 8.65
N ILE E 7 -15.27 23.05 7.37
CA ILE E 7 -16.05 23.61 6.27
C ILE E 7 -16.46 22.49 5.30
N LYS E 8 -17.77 22.43 4.98
CA LYS E 8 -18.31 21.43 4.08
C LYS E 8 -17.48 21.39 2.81
N THR E 9 -17.04 20.17 2.38
CA THR E 9 -16.17 20.00 1.23
C THR E 9 -16.77 20.70 0.00
N GLY E 10 -15.94 21.50 -0.69
CA GLY E 10 -16.25 22.17 -1.96
C GLY E 10 -17.05 23.46 -1.83
N THR E 11 -17.12 24.07 -0.63
CA THR E 11 -17.89 25.30 -0.37
C THR E 11 -17.14 26.52 -0.89
N THR E 12 -15.81 26.47 -0.86
CA THR E 12 -14.94 27.58 -1.17
C THR E 12 -14.55 27.61 -2.65
N ASP E 13 -14.98 26.59 -3.43
CA ASP E 13 -14.63 26.52 -4.84
C ASP E 13 -15.46 27.49 -5.69
N ILE E 14 -14.90 27.83 -6.85
CA ILE E 14 -15.44 28.64 -7.94
C ILE E 14 -16.19 27.72 -8.90
N GLY E 15 -17.36 28.17 -9.38
CA GLY E 15 -17.89 27.68 -10.65
C GLY E 15 -19.23 26.95 -10.57
N SER E 16 -19.98 27.12 -9.48
CA SER E 16 -21.39 26.71 -9.48
C SER E 16 -22.23 27.86 -10.03
N ASN E 17 -23.45 27.55 -10.53
CA ASN E 17 -24.43 28.48 -11.11
C ASN E 17 -23.84 29.33 -12.27
N THR E 18 -23.07 28.67 -13.14
CA THR E 18 -22.34 29.37 -14.18
C THR E 18 -22.27 28.46 -15.41
N THR E 19 -22.72 28.96 -16.59
CA THR E 19 -22.33 28.36 -17.88
C THR E 19 -20.83 28.62 -18.13
N VAL E 20 -20.14 27.54 -18.54
CA VAL E 20 -18.72 27.59 -18.75
C VAL E 20 -18.51 27.41 -20.24
N LYS E 21 -17.68 28.28 -20.84
CA LYS E 21 -17.49 28.11 -22.27
C LYS E 21 -16.12 27.50 -22.52
N THR E 22 -16.03 26.40 -23.27
CA THR E 22 -14.74 25.77 -23.47
C THR E 22 -14.41 25.65 -24.95
N GLY E 23 -13.17 25.29 -25.27
CA GLY E 23 -12.77 25.09 -26.65
C GLY E 23 -11.42 24.40 -26.76
N ASP E 24 -11.10 23.92 -27.99
CA ASP E 24 -9.86 23.28 -28.39
C ASP E 24 -9.29 24.07 -29.56
N LEU E 25 -7.98 24.28 -29.50
CA LEU E 25 -7.21 24.78 -30.62
C LEU E 25 -6.04 23.81 -30.76
N VAL E 26 -5.88 23.25 -31.94
CA VAL E 26 -4.82 22.28 -32.22
C VAL E 26 -3.98 22.87 -33.34
N THR E 27 -2.66 22.89 -33.16
CA THR E 27 -1.73 23.28 -34.20
C THR E 27 -0.58 22.28 -34.22
N TYR E 28 -0.26 21.75 -35.40
CA TYR E 28 0.85 20.86 -35.57
C TYR E 28 1.98 21.66 -36.21
N ASP E 29 3.17 21.64 -35.59
CA ASP E 29 4.33 22.31 -36.15
C ASP E 29 5.25 21.25 -36.72
N LYS E 30 5.21 21.10 -38.05
CA LYS E 30 5.86 20.03 -38.81
C LYS E 30 7.36 20.15 -38.67
N GLU E 31 7.89 21.38 -38.81
CA GLU E 31 9.33 21.66 -38.77
C GLU E 31 9.90 21.27 -37.41
N ASN E 32 9.16 21.48 -36.31
CA ASN E 32 9.72 21.24 -35.01
C ASN E 32 9.19 19.96 -34.37
N GLY E 33 8.32 19.18 -35.03
CA GLY E 33 7.83 17.91 -34.49
C GLY E 33 7.04 18.08 -33.18
N MET E 34 6.15 19.09 -33.15
CA MET E 34 5.35 19.40 -31.97
C MET E 34 3.87 19.48 -32.32
N ALA E 35 3.07 18.61 -31.68
CA ALA E 35 1.61 18.69 -31.74
C ALA E 35 1.16 19.52 -30.55
N LYS E 36 0.56 20.68 -30.82
CA LYS E 36 0.25 21.58 -29.74
C LYS E 36 -1.25 21.70 -29.59
N LYS E 37 -1.74 21.52 -28.37
CA LYS E 37 -3.17 21.60 -28.13
C LYS E 37 -3.39 22.47 -26.91
N VAL E 38 -4.29 23.43 -27.08
CA VAL E 38 -4.78 24.23 -25.97
C VAL E 38 -6.24 23.85 -25.77
N PHE E 39 -6.57 23.50 -24.53
CA PHE E 39 -7.95 23.31 -24.15
C PHE E 39 -8.23 24.39 -23.11
N TYR E 40 -9.25 25.24 -23.38
CA TYR E 40 -9.47 26.39 -22.48
C TYR E 40 -10.87 26.37 -21.90
N SER E 41 -11.05 27.12 -20.81
CA SER E 41 -12.38 27.26 -20.21
C SER E 41 -12.52 28.64 -19.60
N PHE E 42 -13.56 29.37 -20.00
CA PHE E 42 -13.90 30.63 -19.37
C PHE E 42 -14.92 30.36 -18.28
N ILE E 43 -14.69 30.88 -17.09
CA ILE E 43 -15.57 30.66 -15.97
C ILE E 43 -15.81 32.05 -15.44
N ASP E 44 -17.03 32.56 -15.66
CA ASP E 44 -17.45 33.86 -15.16
C ASP E 44 -18.50 33.59 -14.08
N ASP E 45 -18.03 33.42 -12.85
CA ASP E 45 -18.86 33.17 -11.70
C ASP E 45 -19.07 34.50 -11.01
N LYS E 46 -20.32 34.93 -10.89
CA LYS E 46 -20.63 36.28 -10.42
C LYS E 46 -20.33 36.41 -8.92
N ASN E 47 -20.18 35.30 -8.21
CA ASN E 47 -19.78 35.37 -6.82
C ASN E 47 -18.26 35.41 -6.68
N HIS E 48 -17.52 35.45 -7.81
CA HIS E 48 -16.06 35.56 -7.76
C HIS E 48 -15.69 36.98 -8.25
N ASN E 49 -14.67 37.58 -7.63
CA ASN E 49 -14.34 38.98 -7.89
C ASN E 49 -13.74 39.16 -9.29
N LYS E 50 -13.47 38.11 -10.08
CA LYS E 50 -12.86 38.36 -11.39
C LYS E 50 -13.30 37.27 -12.36
N LYS E 51 -13.12 37.49 -13.68
CA LYS E 51 -13.36 36.44 -14.65
C LYS E 51 -12.09 35.60 -14.68
N LEU E 52 -12.25 34.32 -15.06
CA LEU E 52 -11.19 33.34 -15.09
C LEU E 52 -11.20 32.72 -16.46
N LEU E 53 -9.99 32.38 -16.90
CA LEU E 53 -9.73 31.51 -18.00
C LEU E 53 -8.75 30.44 -17.52
N VAL E 54 -9.12 29.18 -17.73
CA VAL E 54 -8.18 28.09 -17.47
C VAL E 54 -7.66 27.62 -18.80
N ILE E 55 -6.32 27.62 -18.94
CA ILE E 55 -5.70 27.19 -20.18
C ILE E 55 -4.93 25.92 -19.89
N ARG E 56 -5.30 24.83 -20.57
CA ARG E 56 -4.62 23.56 -20.38
C ARG E 56 -3.76 23.37 -21.61
N THR E 57 -2.41 23.32 -21.46
CA THR E 57 -1.52 23.12 -22.60
C THR E 57 -1.14 21.65 -22.66
N LYS E 58 -1.54 20.98 -23.76
CA LYS E 58 -1.40 19.55 -23.97
C LYS E 58 -0.72 19.32 -25.32
N GLY E 59 -0.89 18.12 -25.88
CA GLY E 59 -0.23 17.75 -27.11
C GLY E 59 1.02 16.91 -26.81
N THR E 60 1.91 16.84 -27.79
CA THR E 60 3.11 15.99 -27.60
C THR E 60 4.31 16.54 -28.36
N ILE E 61 5.41 16.76 -27.64
CA ILE E 61 6.65 17.13 -28.27
C ILE E 61 7.43 15.84 -28.54
N ALA E 62 7.60 15.50 -29.81
CA ALA E 62 8.37 14.34 -30.22
C ALA E 62 9.79 14.41 -29.65
N GLY E 63 10.32 13.25 -29.24
CA GLY E 63 11.68 13.17 -28.75
C GLY E 63 12.73 13.58 -29.79
N GLN E 64 12.71 12.91 -30.96
CA GLN E 64 13.63 13.17 -32.06
C GLN E 64 15.08 12.80 -31.75
N TYR E 65 15.24 11.59 -31.18
CA TYR E 65 16.43 10.80 -30.92
C TYR E 65 17.03 10.40 -32.27
N ARG E 66 17.81 11.31 -32.88
CA ARG E 66 18.42 11.14 -34.20
C ARG E 66 19.93 10.90 -34.17
N VAL E 67 20.32 9.74 -34.72
CA VAL E 67 21.72 9.36 -34.90
C VAL E 67 22.16 10.07 -36.16
N TYR E 68 23.07 11.04 -36.02
CA TYR E 68 23.22 12.02 -37.07
C TYR E 68 24.54 11.76 -37.78
N SER E 69 25.65 12.23 -37.21
CA SER E 69 26.88 12.21 -37.95
C SER E 69 27.18 10.77 -38.34
N GLU E 70 27.98 10.64 -39.40
CA GLU E 70 28.68 9.40 -39.68
C GLU E 70 29.94 9.77 -40.46
N GLU E 71 30.99 10.20 -39.75
CA GLU E 71 32.24 10.65 -40.35
C GLU E 71 33.33 9.57 -40.27
N GLY E 72 33.19 8.52 -41.10
CA GLY E 72 33.96 7.30 -40.96
C GLY E 72 33.08 6.19 -40.35
N ALA E 73 33.69 5.14 -39.79
CA ALA E 73 32.95 4.15 -39.03
C ALA E 73 33.42 4.12 -37.58
N ASN E 74 34.24 5.12 -37.21
CA ASN E 74 34.83 5.26 -35.88
C ASN E 74 34.15 6.37 -35.07
N LYS E 75 33.42 7.25 -35.74
CA LYS E 75 32.84 8.44 -35.10
C LYS E 75 31.35 8.56 -35.42
N SER E 76 30.56 8.79 -34.38
CA SER E 76 29.14 8.96 -34.56
C SER E 76 28.57 9.84 -33.45
N GLY E 77 27.46 10.50 -33.79
CA GLY E 77 26.78 11.35 -32.82
C GLY E 77 25.26 11.11 -32.77
N LEU E 78 24.70 11.43 -31.59
CA LEU E 78 23.29 11.22 -31.31
C LEU E 78 22.79 12.51 -30.68
N ALA E 79 21.84 13.15 -31.37
CA ALA E 79 21.07 14.26 -30.80
C ALA E 79 19.91 13.68 -29.98
N TRP E 80 19.77 14.12 -28.72
CA TRP E 80 18.73 13.52 -27.91
C TRP E 80 18.10 14.60 -27.03
N PRO E 81 16.83 14.49 -26.63
CA PRO E 81 16.18 15.58 -25.92
C PRO E 81 16.49 15.55 -24.43
N SER E 82 17.22 16.55 -23.95
CA SER E 82 17.48 16.61 -22.51
C SER E 82 16.48 17.51 -21.82
N ALA E 83 15.68 18.27 -22.57
CA ALA E 83 14.66 19.05 -21.90
C ALA E 83 13.49 19.29 -22.82
N PHE E 84 12.29 19.33 -22.23
CA PHE E 84 11.10 19.79 -22.93
C PHE E 84 10.51 20.92 -22.10
N LYS E 85 9.98 21.94 -22.75
CA LYS E 85 9.48 23.09 -22.04
C LYS E 85 8.23 23.67 -22.68
N VAL E 86 7.33 24.14 -21.82
CA VAL E 86 6.13 24.86 -22.19
C VAL E 86 6.09 26.12 -21.34
N GLN E 87 5.88 27.28 -22.00
CA GLN E 87 5.82 28.58 -21.35
C GLN E 87 4.68 29.40 -21.89
N LEU E 88 4.07 30.21 -21.01
CA LEU E 88 3.02 31.12 -21.39
C LEU E 88 3.44 32.50 -20.96
N GLN E 89 3.11 33.49 -21.81
CA GLN E 89 3.47 34.83 -21.42
C GLN E 89 2.42 35.81 -21.93
N LEU E 90 1.90 36.64 -21.01
CA LEU E 90 1.09 37.80 -21.30
C LEU E 90 2.02 38.97 -21.56
N PRO E 91 1.91 39.65 -22.73
CA PRO E 91 2.62 40.92 -22.95
C PRO E 91 2.63 41.93 -21.78
N ASP E 92 3.61 42.81 -21.84
CA ASP E 92 4.04 43.72 -20.77
C ASP E 92 2.85 44.50 -20.19
N ASN E 93 2.04 45.04 -21.11
CA ASN E 93 1.06 46.08 -20.85
C ASN E 93 -0.36 45.55 -20.63
N GLU E 94 -0.55 44.23 -20.54
CA GLU E 94 -1.88 43.64 -20.44
C GLU E 94 -2.39 43.78 -19.00
N VAL E 95 -3.71 43.89 -18.80
CA VAL E 95 -4.26 43.95 -17.45
C VAL E 95 -4.56 42.56 -16.85
N ALA E 96 -4.90 41.56 -17.67
CA ALA E 96 -4.97 40.16 -17.24
C ALA E 96 -3.70 39.71 -16.50
N GLN E 97 -3.88 38.79 -15.56
CA GLN E 97 -2.75 38.28 -14.81
C GLN E 97 -2.81 36.76 -14.69
N ILE E 98 -1.63 36.15 -14.57
CA ILE E 98 -1.51 34.74 -14.23
C ILE E 98 -1.78 34.57 -12.75
N SER E 99 -2.77 33.74 -12.45
CA SER E 99 -3.29 33.68 -11.10
C SER E 99 -2.86 32.36 -10.45
N ASP E 100 -2.68 31.31 -11.25
CA ASP E 100 -2.41 30.00 -10.71
C ASP E 100 -1.90 29.11 -11.83
N TYR E 101 -1.48 27.90 -11.47
CA TYR E 101 -0.81 26.99 -12.38
C TYR E 101 -0.67 25.68 -11.61
N TYR E 102 -0.73 24.57 -12.33
CA TYR E 102 -0.58 23.23 -11.78
C TYR E 102 0.06 22.37 -12.88
N PRO E 103 1.04 21.49 -12.58
CA PRO E 103 1.55 21.27 -11.22
C PRO E 103 2.65 22.22 -10.78
N ARG E 104 3.07 22.05 -9.53
CA ARG E 104 4.03 22.93 -8.88
C ARG E 104 5.16 22.04 -8.39
N ASN E 105 6.13 22.61 -7.66
CA ASN E 105 7.29 21.84 -7.26
C ASN E 105 6.96 21.18 -5.92
N SER E 106 7.08 19.86 -5.85
CA SER E 106 6.83 19.32 -4.52
C SER E 106 8.13 18.98 -3.80
N ILE E 107 8.09 18.97 -2.47
CA ILE E 107 9.21 18.63 -1.60
C ILE E 107 9.54 17.15 -1.81
N ASP E 108 10.79 16.86 -2.12
CA ASP E 108 11.25 15.50 -2.25
C ASP E 108 11.57 14.93 -0.87
N THR E 109 11.51 13.60 -0.75
CA THR E 109 11.91 12.95 0.49
C THR E 109 12.78 11.74 0.14
N LYS E 110 13.18 11.04 1.18
CA LYS E 110 14.17 9.98 1.22
C LYS E 110 13.90 9.23 2.54
N GLU E 111 14.17 7.92 2.53
CA GLU E 111 14.15 7.13 3.76
C GLU E 111 15.58 6.96 4.23
N TYR E 112 15.77 7.19 5.54
CA TYR E 112 17.08 7.02 6.17
C TYR E 112 16.98 5.89 7.15
N MET E 113 18.02 5.07 7.20
CA MET E 113 17.99 3.88 8.04
C MET E 113 19.37 3.70 8.71
N SER E 114 19.42 3.59 10.05
CA SER E 114 20.68 3.23 10.70
C SER E 114 20.63 1.88 11.41
N THR E 115 21.77 1.19 11.48
CA THR E 115 21.84 -0.14 12.07
C THR E 115 23.06 -0.19 12.98
N LEU E 116 22.89 -0.91 14.09
CA LEU E 116 24.01 -1.19 14.98
C LEU E 116 23.96 -2.67 15.34
N THR E 117 25.05 -3.42 15.07
CA THR E 117 25.14 -4.83 15.45
C THR E 117 26.38 -5.12 16.30
N TYR E 118 26.15 -5.82 17.43
CA TYR E 118 27.20 -6.35 18.28
C TYR E 118 27.22 -7.87 18.12
N GLY E 119 28.41 -8.48 18.14
CA GLY E 119 28.55 -9.92 18.00
C GLY E 119 29.61 -10.53 18.91
N PHE E 120 29.30 -11.68 19.51
CA PHE E 120 30.24 -12.48 20.30
C PHE E 120 30.33 -13.84 19.66
N ASN E 121 31.50 -14.50 19.67
CA ASN E 121 31.62 -15.83 19.06
C ASN E 121 32.75 -16.64 19.72
N GLY E 122 32.62 -17.98 19.71
CA GLY E 122 33.63 -18.84 20.28
C GLY E 122 33.99 -20.05 19.40
N ASN E 123 35.19 -20.59 19.65
CA ASN E 123 35.74 -21.77 18.99
C ASN E 123 36.41 -22.75 19.95
N VAL E 124 36.41 -24.00 19.50
CA VAL E 124 37.18 -25.09 20.06
C VAL E 124 37.74 -25.84 18.86
N THR E 125 39.07 -25.87 18.72
CA THR E 125 39.77 -26.63 17.69
C THR E 125 40.33 -27.93 18.28
N GLY E 126 41.01 -28.71 17.44
CA GLY E 126 41.46 -30.04 17.84
C GLY E 126 41.90 -30.88 16.65
N ASP E 127 43.08 -31.49 16.77
CA ASP E 127 43.58 -32.48 15.81
C ASP E 127 43.62 -33.86 16.46
N ASP E 128 44.07 -34.86 15.69
CA ASP E 128 44.21 -36.24 16.16
C ASP E 128 45.39 -36.33 17.13
N THR E 129 46.32 -35.36 17.02
CA THR E 129 47.48 -35.27 17.89
C THR E 129 47.07 -34.87 19.32
N GLY E 130 45.76 -34.88 19.61
CA GLY E 130 45.22 -34.66 20.96
C GLY E 130 45.19 -33.19 21.40
N LYS E 131 45.70 -32.27 20.55
CA LYS E 131 45.88 -30.86 20.85
C LYS E 131 44.57 -30.05 20.67
N ILE E 132 44.21 -29.30 21.73
CA ILE E 132 43.00 -28.51 21.82
C ILE E 132 43.37 -27.03 21.64
N GLY E 133 42.54 -26.28 20.88
CA GLY E 133 42.70 -24.84 20.69
C GLY E 133 41.39 -24.09 20.90
N GLY E 134 41.46 -22.76 21.01
CA GLY E 134 40.29 -21.97 21.36
C GLY E 134 40.37 -20.54 20.85
N LEU E 135 39.17 -19.93 20.66
CA LEU E 135 39.00 -18.58 20.13
C LEU E 135 37.80 -17.89 20.80
N ILE E 136 38.00 -16.67 21.30
CA ILE E 136 36.92 -15.81 21.72
C ILE E 136 37.02 -14.49 20.97
N GLY E 137 35.89 -14.04 20.37
CA GLY E 137 35.86 -12.88 19.49
C GLY E 137 34.64 -11.98 19.70
N ALA E 138 34.79 -10.72 19.34
CA ALA E 138 33.68 -9.77 19.30
C ALA E 138 33.74 -8.96 18.02
N ASN E 139 32.65 -8.24 17.71
CA ASN E 139 32.57 -7.36 16.56
C ASN E 139 31.48 -6.32 16.76
N VAL E 140 31.70 -5.14 16.19
CA VAL E 140 30.73 -4.06 16.13
C VAL E 140 30.59 -3.72 14.66
N SER E 141 29.41 -3.16 14.34
CA SER E 141 29.05 -2.74 13.01
C SER E 141 28.07 -1.57 13.10
N ILE E 142 28.43 -0.43 12.52
CA ILE E 142 27.52 0.68 12.44
C ILE E 142 27.24 0.94 10.96
N GLY E 143 25.94 1.11 10.65
CA GLY E 143 25.51 1.11 9.26
C GLY E 143 24.54 2.25 8.95
N HIS E 144 24.51 2.67 7.70
CA HIS E 144 23.44 3.54 7.30
C HIS E 144 23.07 3.27 5.84
N THR E 145 21.76 3.36 5.58
CA THR E 145 21.24 3.20 4.22
C THR E 145 20.31 4.37 3.94
N LEU E 146 20.33 4.79 2.69
CA LEU E 146 19.59 5.93 2.18
C LEU E 146 18.86 5.46 0.93
N LYS E 147 17.58 5.77 0.84
CA LYS E 147 16.68 5.14 -0.15
C LYS E 147 15.79 6.26 -0.68
N TYR E 148 15.83 6.47 -2.00
CA TYR E 148 15.00 7.53 -2.60
C TYR E 148 14.67 7.17 -4.05
N VAL E 149 13.67 7.82 -4.60
CA VAL E 149 13.13 7.50 -5.91
C VAL E 149 13.80 8.43 -6.91
N GLN E 150 14.19 7.90 -8.09
CA GLN E 150 14.85 8.77 -9.05
C GLN E 150 14.17 8.60 -10.40
N PRO E 151 13.23 9.51 -10.75
CA PRO E 151 12.55 9.44 -12.04
C PRO E 151 13.54 9.74 -13.16
N ASP E 152 13.27 9.21 -14.35
CA ASP E 152 14.11 9.41 -15.52
C ASP E 152 14.12 10.89 -15.91
N PHE E 153 12.96 11.56 -15.82
CA PHE E 153 12.85 12.98 -16.08
C PHE E 153 12.19 13.63 -14.87
N LYS E 154 12.58 14.87 -14.57
CA LYS E 154 11.90 15.56 -13.50
C LYS E 154 11.01 16.59 -14.20
N THR E 155 9.84 16.85 -13.57
CA THR E 155 8.93 17.87 -14.06
C THR E 155 8.95 19.05 -13.12
N ILE E 156 9.36 20.22 -13.61
CA ILE E 156 9.63 21.33 -12.69
C ILE E 156 8.84 22.59 -13.08
N LEU E 157 8.28 23.28 -12.08
CA LEU E 157 7.63 24.56 -12.37
C LEU E 157 8.70 25.65 -12.35
N GLU E 158 8.87 26.37 -13.45
CA GLU E 158 9.77 27.54 -13.49
C GLU E 158 9.11 28.69 -12.75
N SER E 159 9.89 29.44 -11.97
CA SER E 159 9.45 30.54 -11.14
C SER E 159 8.50 31.44 -11.93
N PRO E 160 7.18 31.43 -11.62
CA PRO E 160 6.23 32.27 -12.34
C PRO E 160 6.33 33.74 -11.95
N THR E 161 5.71 34.61 -12.76
CA THR E 161 5.40 35.96 -12.33
C THR E 161 3.89 36.09 -12.42
N ASP E 162 3.38 37.31 -12.55
CA ASP E 162 1.99 37.48 -12.84
C ASP E 162 1.82 37.57 -14.36
N LYS E 163 2.91 37.43 -15.10
CA LYS E 163 2.84 37.61 -16.55
C LYS E 163 3.37 36.40 -17.29
N LYS E 164 4.18 35.55 -16.59
CA LYS E 164 4.75 34.37 -17.22
C LYS E 164 4.83 33.19 -16.26
N VAL E 165 4.70 32.01 -16.86
CA VAL E 165 4.73 30.73 -16.19
C VAL E 165 5.28 29.75 -17.19
N GLY E 166 6.02 28.74 -16.73
CA GLY E 166 6.32 27.65 -17.64
C GLY E 166 6.77 26.45 -16.84
N TRP E 167 6.88 25.32 -17.54
CA TRP E 167 7.42 24.09 -16.97
C TRP E 167 8.57 23.63 -17.83
N LYS E 168 9.53 22.96 -17.19
CA LYS E 168 10.53 22.22 -17.94
C LYS E 168 10.55 20.78 -17.40
N VAL E 169 10.60 19.85 -18.34
CA VAL E 169 10.69 18.43 -18.04
C VAL E 169 12.08 18.00 -18.45
N ILE E 170 13.00 17.81 -17.48
CA ILE E 170 14.43 17.75 -17.80
C ILE E 170 14.92 16.32 -17.57
N PHE E 171 15.88 15.90 -18.40
CA PHE E 171 16.47 14.60 -18.22
C PHE E 171 17.24 14.61 -16.91
N ASN E 172 17.02 13.54 -16.12
CA ASN E 172 17.59 13.42 -14.81
C ASN E 172 18.68 12.37 -14.86
N ASN E 173 18.30 11.07 -14.87
CA ASN E 173 19.29 10.03 -15.13
C ASN E 173 18.61 8.78 -15.67
N MET E 174 19.41 7.76 -16.05
CA MET E 174 18.76 6.61 -16.67
C MET E 174 19.65 5.37 -16.57
N VAL E 175 19.01 4.23 -16.55
CA VAL E 175 19.64 2.92 -16.60
C VAL E 175 19.91 2.55 -18.04
N ASN E 176 21.10 2.04 -18.33
CA ASN E 176 21.50 1.59 -19.65
C ASN E 176 21.79 0.08 -19.50
N GLN E 177 20.93 -0.77 -20.09
CA GLN E 177 21.03 -2.23 -19.96
C GLN E 177 21.46 -2.65 -18.55
N ASN E 178 20.75 -2.14 -17.53
CA ASN E 178 20.96 -2.55 -16.15
C ASN E 178 22.25 -1.96 -15.54
N TRP E 179 22.96 -1.10 -16.26
CA TRP E 179 24.08 -0.40 -15.63
C TRP E 179 23.66 1.04 -15.39
N GLY E 180 24.36 1.72 -14.50
CA GLY E 180 24.11 3.11 -14.23
C GLY E 180 23.48 3.28 -12.84
N PRO E 181 22.64 4.32 -12.60
CA PRO E 181 22.19 5.21 -13.66
C PRO E 181 23.34 6.06 -14.21
N TYR E 182 23.19 6.53 -15.44
CA TYR E 182 24.12 7.48 -15.99
C TYR E 182 23.40 8.81 -16.13
N ASP E 183 24.17 9.89 -16.21
CA ASP E 183 23.51 11.14 -16.47
C ASP E 183 24.38 11.96 -17.42
N ARG E 184 24.04 13.23 -17.59
CA ARG E 184 24.71 14.12 -18.52
C ARG E 184 26.19 14.33 -18.17
N ASP E 185 26.60 14.06 -16.91
CA ASP E 185 27.96 14.33 -16.45
C ASP E 185 28.73 13.05 -16.08
N SER E 186 28.10 11.87 -16.24
CA SER E 186 28.81 10.63 -15.96
C SER E 186 30.18 10.62 -16.65
N TRP E 187 31.17 10.10 -15.91
CA TRP E 187 32.53 10.08 -16.44
C TRP E 187 33.32 8.92 -15.87
N ASN E 188 33.61 7.94 -16.70
CA ASN E 188 34.48 6.82 -16.37
C ASN E 188 35.80 7.08 -17.08
N PRO E 189 36.97 6.99 -16.40
CA PRO E 189 38.27 7.39 -16.99
C PRO E 189 38.57 6.73 -18.33
N VAL E 190 38.16 5.47 -18.50
CA VAL E 190 38.35 4.71 -19.72
C VAL E 190 37.19 4.88 -20.72
N TYR E 191 35.93 4.76 -20.28
CA TYR E 191 34.83 4.69 -21.24
C TYR E 191 34.16 6.04 -21.51
N GLY E 192 34.57 7.08 -20.78
CA GLY E 192 33.99 8.41 -20.88
C GLY E 192 32.58 8.40 -20.28
N ASN E 193 31.60 8.95 -21.01
CA ASN E 193 30.23 8.98 -20.54
C ASN E 193 29.47 7.87 -21.27
N GLN E 194 29.02 6.86 -20.53
CA GLN E 194 28.46 5.67 -21.14
C GLN E 194 26.95 5.77 -21.35
N LEU E 195 26.36 6.95 -21.14
CA LEU E 195 24.92 7.16 -21.10
C LEU E 195 24.20 6.32 -22.16
N PHE E 196 24.54 6.47 -23.46
CA PHE E 196 23.81 5.80 -24.54
C PHE E 196 24.67 4.79 -25.30
N MET E 197 25.78 4.36 -24.69
CA MET E 197 26.73 3.45 -25.33
C MET E 197 26.18 2.02 -25.27
N LYS E 198 26.01 1.35 -26.41
CA LYS E 198 25.49 0.01 -26.34
C LYS E 198 26.55 -0.96 -25.81
N THR E 199 27.78 -0.93 -26.39
CA THR E 199 28.85 -1.85 -25.97
C THR E 199 30.15 -1.10 -25.72
N ARG E 200 30.92 -1.58 -24.74
CA ARG E 200 32.27 -1.10 -24.44
C ARG E 200 33.28 -1.43 -25.56
N ASN E 201 33.22 -2.62 -26.20
CA ASN E 201 34.17 -2.86 -27.30
C ASN E 201 33.65 -3.80 -28.37
N GLY E 202 32.38 -3.65 -28.75
CA GLY E 202 31.88 -4.37 -29.91
C GLY E 202 32.49 -3.80 -31.19
N SER E 203 32.35 -4.52 -32.30
CA SER E 203 33.10 -4.16 -33.49
C SER E 203 32.16 -3.71 -34.61
N MET E 204 30.98 -3.23 -34.23
CA MET E 204 30.12 -2.63 -35.24
C MET E 204 30.61 -1.22 -35.60
N LYS E 205 29.99 -0.59 -36.60
CA LYS E 205 30.27 0.83 -36.83
C LYS E 205 29.69 1.67 -35.70
N ALA E 206 30.23 2.88 -35.50
CA ALA E 206 29.91 3.71 -34.35
C ALA E 206 28.39 3.92 -34.32
N ALA E 207 27.80 4.21 -35.49
CA ALA E 207 26.39 4.49 -35.64
C ALA E 207 25.50 3.33 -35.18
N ASP E 208 26.07 2.14 -34.99
CA ASP E 208 25.27 1.01 -34.58
C ASP E 208 25.54 0.73 -33.11
N ASN E 209 26.33 1.61 -32.46
CA ASN E 209 26.69 1.37 -31.07
C ASN E 209 25.88 2.21 -30.06
N PHE E 210 24.70 2.71 -30.46
CA PHE E 210 23.84 3.44 -29.52
C PHE E 210 22.80 2.50 -28.94
N LEU E 211 22.47 2.71 -27.65
CA LEU E 211 21.41 2.00 -26.95
C LEU E 211 20.17 1.98 -27.82
N ASP E 212 19.47 0.84 -27.88
CA ASP E 212 18.21 0.72 -28.61
C ASP E 212 17.20 1.64 -27.92
N PRO E 213 16.58 2.58 -28.67
CA PRO E 213 15.61 3.52 -28.10
C PRO E 213 14.50 2.81 -27.30
N ASN E 214 14.08 1.62 -27.75
CA ASN E 214 13.10 0.85 -26.98
C ASN E 214 13.59 0.43 -25.61
N LYS E 215 14.90 0.55 -25.33
CA LYS E 215 15.48 0.14 -24.08
C LYS E 215 15.78 1.38 -23.24
N ALA E 216 15.27 2.53 -23.66
CA ALA E 216 15.56 3.77 -22.95
C ALA E 216 14.21 4.38 -22.61
N SER E 217 14.15 5.42 -21.78
CA SER E 217 12.90 6.12 -21.55
C SER E 217 12.23 6.47 -22.89
N SER E 218 10.94 6.17 -22.95
CA SER E 218 10.23 6.38 -24.19
C SER E 218 10.00 7.88 -24.48
N LEU E 219 10.21 8.75 -23.47
CA LEU E 219 10.25 10.20 -23.75
C LEU E 219 11.38 10.55 -24.71
N LEU E 220 12.48 9.74 -24.74
CA LEU E 220 13.60 10.09 -25.59
C LEU E 220 13.30 9.96 -27.09
N SER E 221 12.41 9.01 -27.50
CA SER E 221 12.06 8.86 -28.89
C SER E 221 10.61 9.36 -29.11
N SER E 222 9.66 8.58 -28.61
CA SER E 222 8.27 8.89 -28.93
C SER E 222 7.83 10.26 -28.39
N GLY E 223 8.36 10.68 -27.24
CA GLY E 223 8.25 12.06 -26.85
C GLY E 223 7.32 12.24 -25.66
N PHE E 224 7.12 13.52 -25.31
CA PHE E 224 6.59 13.93 -24.03
C PHE E 224 5.24 14.61 -24.29
N SER E 225 4.24 14.28 -23.46
CA SER E 225 2.91 14.86 -23.59
C SER E 225 2.65 15.80 -22.43
N PRO E 226 2.79 17.12 -22.63
CA PRO E 226 2.54 18.10 -21.58
C PRO E 226 1.11 17.95 -21.07
N ASP E 227 0.94 18.23 -19.78
CA ASP E 227 -0.41 18.33 -19.29
C ASP E 227 -0.38 19.36 -18.17
N PHE E 228 -0.42 20.65 -18.53
CA PHE E 228 -0.19 21.73 -17.59
C PHE E 228 -1.43 22.65 -17.58
N ALA E 229 -1.68 23.28 -16.43
CA ALA E 229 -2.83 24.16 -16.32
C ALA E 229 -2.36 25.53 -15.86
N THR E 230 -2.84 26.60 -16.56
CA THR E 230 -2.64 27.96 -16.14
C THR E 230 -3.99 28.67 -16.02
N VAL E 231 -4.11 29.46 -14.96
CA VAL E 231 -5.32 30.24 -14.74
C VAL E 231 -4.99 31.71 -14.91
N ILE E 232 -5.76 32.37 -15.75
CA ILE E 232 -5.64 33.79 -16.02
C ILE E 232 -6.89 34.47 -15.48
N THR E 233 -6.68 35.52 -14.68
CA THR E 233 -7.76 36.29 -14.12
C THR E 233 -7.80 37.67 -14.78
N MET E 234 -9.02 38.19 -14.90
CA MET E 234 -9.28 39.45 -15.56
C MET E 234 -10.39 40.19 -14.81
N ASP E 235 -10.13 41.48 -14.63
CA ASP E 235 -11.02 42.42 -14.01
C ASP E 235 -12.28 42.69 -14.86
N ARG E 236 -13.47 42.68 -14.25
CA ARG E 236 -14.65 42.95 -15.05
C ARG E 236 -14.65 44.37 -15.62
N LYS E 237 -14.02 45.32 -14.90
CA LYS E 237 -14.05 46.74 -15.21
C LYS E 237 -13.12 47.14 -16.36
N ALA E 238 -12.17 46.29 -16.75
CA ALA E 238 -11.12 46.75 -17.65
C ALA E 238 -11.68 47.36 -18.93
N SER E 239 -11.02 48.41 -19.42
CA SER E 239 -11.31 49.06 -20.70
C SER E 239 -11.17 48.08 -21.87
N LYS E 240 -9.95 47.54 -22.06
CA LYS E 240 -9.64 46.57 -23.12
C LYS E 240 -10.00 45.16 -22.62
N GLN E 241 -10.87 44.46 -23.34
CA GLN E 241 -11.37 43.17 -22.92
C GLN E 241 -10.83 42.08 -23.86
N GLN E 242 -9.71 42.38 -24.53
CA GLN E 242 -8.97 41.48 -25.41
C GLN E 242 -7.53 41.40 -24.89
N THR E 243 -7.01 40.18 -24.82
CA THR E 243 -5.73 39.91 -24.22
C THR E 243 -5.03 39.02 -25.23
N ASN E 244 -3.72 39.23 -25.41
CA ASN E 244 -2.92 38.34 -26.23
C ASN E 244 -2.15 37.43 -25.29
N ILE E 245 -1.88 36.20 -25.74
CA ILE E 245 -0.98 35.39 -24.96
C ILE E 245 -0.13 34.53 -25.90
N ASP E 246 1.18 34.43 -25.57
CA ASP E 246 2.15 33.61 -26.31
C ASP E 246 2.42 32.31 -25.56
N VAL E 247 2.39 31.21 -26.31
CA VAL E 247 2.75 29.90 -25.80
C VAL E 247 3.92 29.34 -26.63
N ILE E 248 5.03 29.03 -25.95
CA ILE E 248 6.19 28.43 -26.60
C ILE E 248 6.29 26.97 -26.14
N TYR E 249 6.43 26.04 -27.08
CA TYR E 249 6.89 24.72 -26.74
C TYR E 249 8.32 24.57 -27.22
N GLU E 250 9.12 23.84 -26.44
CA GLU E 250 10.57 23.91 -26.63
C GLU E 250 11.16 22.53 -26.43
N ARG E 251 12.11 22.14 -27.32
CA ARG E 251 12.92 20.93 -27.19
C ARG E 251 14.38 21.32 -27.13
N VAL E 252 15.05 20.90 -26.05
CA VAL E 252 16.49 21.11 -25.92
C VAL E 252 17.18 19.79 -26.15
N ARG E 253 18.12 19.75 -27.10
CA ARG E 253 18.82 18.52 -27.41
C ARG E 253 20.29 18.60 -27.05
N ASP E 254 20.77 17.58 -26.37
CA ASP E 254 22.19 17.36 -26.14
C ASP E 254 22.76 16.54 -27.31
N ASP E 255 24.09 16.43 -27.31
CA ASP E 255 24.89 15.82 -28.36
C ASP E 255 25.78 14.78 -27.69
N TYR E 256 25.37 13.51 -27.80
CA TYR E 256 26.16 12.41 -27.29
C TYR E 256 27.00 11.82 -28.43
N GLN E 257 28.32 11.82 -28.28
CA GLN E 257 29.22 11.30 -29.30
C GLN E 257 30.01 10.10 -28.81
N LEU E 258 30.17 9.13 -29.73
CA LEU E 258 31.00 7.96 -29.53
C LEU E 258 32.22 8.08 -30.45
N HIS E 259 33.41 7.72 -29.94
CA HIS E 259 34.59 7.50 -30.77
C HIS E 259 35.31 6.26 -30.26
N TRP E 260 35.96 5.53 -31.18
CA TRP E 260 36.84 4.40 -30.84
C TRP E 260 38.19 4.93 -30.39
N THR E 261 38.72 4.47 -29.23
CA THR E 261 40.12 4.75 -28.94
C THR E 261 40.98 3.79 -29.77
N SER E 262 42.03 3.26 -29.19
CA SER E 262 42.64 2.15 -29.90
C SER E 262 42.02 0.83 -29.45
N THR E 263 41.42 0.83 -28.25
CA THR E 263 41.07 -0.39 -27.54
C THR E 263 39.57 -0.51 -27.28
N ASN E 264 38.88 0.62 -27.09
CA ASN E 264 37.49 0.57 -26.69
C ASN E 264 36.72 1.83 -27.13
N TRP E 265 35.41 1.81 -26.89
CA TRP E 265 34.54 2.93 -27.20
C TRP E 265 34.54 3.94 -26.05
N LYS E 266 34.54 5.23 -26.40
CA LYS E 266 34.45 6.31 -25.44
C LYS E 266 33.35 7.28 -25.86
N GLY E 267 32.50 7.68 -24.89
CA GLY E 267 31.41 8.61 -25.15
C GLY E 267 31.63 9.99 -24.54
N THR E 268 31.14 11.03 -25.25
CA THR E 268 31.07 12.38 -24.70
C THR E 268 29.65 12.91 -24.81
N ASN E 269 29.33 13.86 -23.92
CA ASN E 269 28.01 14.49 -23.99
C ASN E 269 28.20 15.99 -23.90
N THR E 270 27.60 16.71 -24.85
CA THR E 270 27.62 18.17 -24.85
C THR E 270 26.21 18.70 -24.63
N LYS E 271 26.11 19.60 -23.66
CA LYS E 271 24.84 20.07 -23.12
C LYS E 271 24.23 21.09 -24.11
N ASP E 272 22.91 20.98 -24.36
CA ASP E 272 22.17 22.08 -24.95
C ASP E 272 22.76 22.53 -26.30
N LYS E 273 22.93 21.60 -27.22
CA LYS E 273 23.55 21.93 -28.49
C LYS E 273 22.53 22.49 -29.45
N TRP E 274 21.29 21.96 -29.45
CA TRP E 274 20.24 22.43 -30.34
C TRP E 274 18.99 22.75 -29.54
N THR E 275 18.32 23.83 -29.92
CA THR E 275 17.06 24.19 -29.30
C THR E 275 16.02 24.44 -30.39
N ASP E 276 14.86 23.80 -30.27
CA ASP E 276 13.76 23.99 -31.18
C ASP E 276 12.65 24.76 -30.43
N ARG E 277 12.24 25.92 -30.93
CA ARG E 277 11.22 26.73 -30.29
C ARG E 277 10.03 26.91 -31.23
N SER E 278 8.84 26.53 -30.76
CA SER E 278 7.65 26.70 -31.56
C SER E 278 6.71 27.63 -30.77
N SER E 279 6.48 28.81 -31.36
CA SER E 279 5.82 29.90 -30.71
C SER E 279 4.47 30.14 -31.36
N GLU E 280 3.44 30.34 -30.53
CA GLU E 280 2.16 30.72 -31.10
C GLU E 280 1.48 31.81 -30.28
N ARG E 281 0.87 32.77 -30.99
CA ARG E 281 0.11 33.81 -30.31
C ARG E 281 -1.38 33.48 -30.37
N TYR E 282 -2.08 33.65 -29.24
CA TYR E 282 -3.50 33.36 -29.12
C TYR E 282 -4.20 34.64 -28.69
N LYS E 283 -5.43 34.79 -29.15
CA LYS E 283 -6.21 35.98 -28.85
C LYS E 283 -7.30 35.55 -27.88
N ILE E 284 -7.34 36.22 -26.72
CA ILE E 284 -8.35 35.88 -25.72
C ILE E 284 -9.42 36.96 -25.78
N ASP E 285 -10.67 36.55 -26.07
CA ASP E 285 -11.78 37.50 -26.12
C ASP E 285 -12.66 37.30 -24.88
N TRP E 286 -12.56 38.21 -23.91
CA TRP E 286 -13.27 38.03 -22.65
C TRP E 286 -14.76 38.32 -22.78
N GLU E 287 -15.16 39.19 -23.73
CA GLU E 287 -16.58 39.47 -23.89
C GLU E 287 -17.29 38.27 -24.53
N LYS E 288 -16.74 37.71 -25.63
CA LYS E 288 -17.37 36.60 -26.32
C LYS E 288 -16.96 35.29 -25.67
N GLU E 289 -15.92 35.27 -24.83
CA GLU E 289 -15.48 33.99 -24.24
C GLU E 289 -15.01 33.01 -25.32
N GLU E 290 -14.03 33.45 -26.10
CA GLU E 290 -13.40 32.62 -27.12
C GLU E 290 -11.90 32.88 -27.10
N MET E 291 -11.13 31.83 -27.44
CA MET E 291 -9.71 31.97 -27.74
C MET E 291 -9.50 31.56 -29.18
N THR E 292 -8.68 32.30 -29.91
CA THR E 292 -8.45 31.93 -31.30
C THR E 292 -6.95 32.08 -31.52
N ASN E 293 -6.42 31.44 -32.56
CA ASN E 293 -5.01 31.45 -32.87
C ASN E 293 -4.76 32.05 -34.26
N ALA F 1 -13.69 12.26 13.77
CA ALA F 1 -14.62 12.59 12.64
C ALA F 1 -16.04 12.26 13.11
N ASP F 2 -17.03 12.81 12.39
CA ASP F 2 -18.45 12.71 12.72
C ASP F 2 -18.83 11.26 13.05
N SER F 3 -18.42 10.30 12.21
CA SER F 3 -18.93 8.93 12.31
C SER F 3 -18.44 8.18 13.56
N ASP F 4 -17.29 8.62 14.10
CA ASP F 4 -16.66 8.07 15.29
C ASP F 4 -17.50 8.37 16.54
N ILE F 5 -18.35 9.39 16.43
CA ILE F 5 -19.18 9.82 17.53
C ILE F 5 -20.66 9.77 17.08
N ASN F 6 -20.98 8.82 16.17
CA ASN F 6 -22.35 8.40 15.82
C ASN F 6 -23.13 9.52 15.11
N ILE F 7 -22.43 10.37 14.35
CA ILE F 7 -23.07 11.54 13.74
C ILE F 7 -22.89 11.51 12.21
N LYS F 8 -24.01 11.69 11.49
CA LYS F 8 -24.03 11.68 10.03
C LYS F 8 -22.91 12.57 9.50
N THR F 9 -22.10 12.05 8.57
CA THR F 9 -20.95 12.79 8.04
C THR F 9 -21.41 14.14 7.50
N GLY F 10 -20.68 15.20 7.89
CA GLY F 10 -20.81 16.58 7.41
C GLY F 10 -21.95 17.38 8.08
N THR F 11 -22.47 16.93 9.23
CA THR F 11 -23.59 17.56 9.93
C THR F 11 -23.13 18.81 10.68
N THR F 12 -21.89 18.75 11.18
CA THR F 12 -21.33 19.76 12.06
C THR F 12 -20.61 20.84 11.27
N ASP F 13 -20.46 20.66 9.94
CA ASP F 13 -19.74 21.62 9.12
C ASP F 13 -20.57 22.89 8.85
N ILE F 14 -19.84 23.98 8.60
CA ILE F 14 -20.25 25.31 8.24
C ILE F 14 -20.38 25.39 6.71
N GLY F 15 -21.47 26.03 6.24
CA GLY F 15 -21.47 26.59 4.90
C GLY F 15 -22.50 26.01 3.93
N SER F 16 -23.50 25.29 4.41
CA SER F 16 -24.67 24.99 3.58
C SER F 16 -25.67 26.15 3.67
N ASN F 17 -26.55 26.30 2.67
CA ASN F 17 -27.59 27.34 2.57
C ASN F 17 -27.04 28.77 2.69
N THR F 18 -25.91 29.01 2.01
CA THR F 18 -25.16 30.26 2.13
C THR F 18 -24.53 30.54 0.76
N THR F 19 -24.75 31.75 0.20
CA THR F 19 -23.92 32.26 -0.89
C THR F 19 -22.53 32.60 -0.31
N VAL F 20 -21.49 32.16 -1.05
CA VAL F 20 -20.14 32.35 -0.64
C VAL F 20 -19.54 33.31 -1.64
N LYS F 21 -18.86 34.36 -1.16
CA LYS F 21 -18.26 35.26 -2.13
C LYS F 21 -16.76 35.03 -2.13
N THR F 22 -16.18 34.82 -3.30
CA THR F 22 -14.76 34.52 -3.36
C THR F 22 -14.02 35.53 -4.24
N GLY F 23 -12.69 35.50 -4.21
CA GLY F 23 -11.91 36.37 -5.09
C GLY F 23 -10.43 35.95 -5.09
N ASP F 24 -9.71 36.49 -6.08
CA ASP F 24 -8.27 36.34 -6.31
C ASP F 24 -7.65 37.73 -6.32
N LEU F 25 -6.52 37.86 -5.62
CA LEU F 25 -5.69 39.03 -5.69
C LEU F 25 -4.28 38.53 -5.95
N VAL F 26 -3.65 39.03 -7.02
CA VAL F 26 -2.36 38.55 -7.47
C VAL F 26 -1.45 39.75 -7.51
N THR F 27 -0.27 39.64 -6.89
CA THR F 27 0.74 40.68 -6.92
C THR F 27 2.10 40.03 -7.16
N TYR F 28 2.85 40.56 -8.14
CA TYR F 28 4.18 40.07 -8.43
C TYR F 28 5.18 41.08 -7.90
N ASP F 29 6.11 40.62 -7.05
CA ASP F 29 7.15 41.50 -6.51
C ASP F 29 8.47 41.17 -7.25
N LYS F 30 8.80 42.01 -8.23
CA LYS F 30 9.89 41.81 -9.17
C LYS F 30 11.23 41.84 -8.43
N GLU F 31 11.41 42.78 -7.51
CA GLU F 31 12.65 42.93 -6.74
C GLU F 31 12.96 41.65 -5.96
N ASN F 32 11.94 41.02 -5.38
CA ASN F 32 12.17 39.90 -4.50
C ASN F 32 11.86 38.55 -5.15
N GLY F 33 11.45 38.51 -6.44
CA GLY F 33 11.16 37.25 -7.13
C GLY F 33 10.04 36.43 -6.44
N MET F 34 8.95 37.10 -6.07
CA MET F 34 7.82 36.46 -5.42
C MET F 34 6.51 36.75 -6.13
N ALA F 35 5.86 35.68 -6.61
CA ALA F 35 4.49 35.78 -7.14
C ALA F 35 3.54 35.49 -5.99
N LYS F 36 2.75 36.46 -5.60
CA LYS F 36 1.93 36.29 -4.42
C LYS F 36 0.46 36.25 -4.82
N LYS F 37 -0.24 35.24 -4.34
CA LYS F 37 -1.65 35.11 -4.68
C LYS F 37 -2.41 34.83 -3.39
N VAL F 38 -3.49 35.59 -3.21
CA VAL F 38 -4.47 35.33 -2.19
C VAL F 38 -5.74 34.87 -2.88
N PHE F 39 -6.25 33.72 -2.43
CA PHE F 39 -7.59 33.31 -2.81
C PHE F 39 -8.43 33.32 -1.54
N TYR F 40 -9.52 34.10 -1.52
CA TYR F 40 -10.29 34.26 -0.28
C TYR F 40 -11.74 33.83 -0.46
N SER F 41 -12.40 33.55 0.65
CA SER F 41 -13.82 33.18 0.63
C SER F 41 -14.50 33.68 1.88
N PHE F 42 -15.56 34.50 1.69
CA PHE F 42 -16.37 34.91 2.81
C PHE F 42 -17.53 33.93 2.94
N ILE F 43 -17.74 33.42 4.16
CA ILE F 43 -18.84 32.50 4.39
C ILE F 43 -19.58 33.12 5.55
N ASP F 44 -20.76 33.64 5.28
CA ASP F 44 -21.70 34.12 6.28
C ASP F 44 -22.85 33.12 6.39
N ASP F 45 -22.68 32.12 7.25
CA ASP F 45 -23.65 31.11 7.55
C ASP F 45 -24.39 31.56 8.80
N LYS F 46 -25.69 31.77 8.66
CA LYS F 46 -26.48 32.38 9.73
C LYS F 46 -26.66 31.41 10.90
N ASN F 47 -26.40 30.14 10.70
CA ASN F 47 -26.44 29.17 11.78
C ASN F 47 -25.08 29.10 12.50
N HIS F 48 -24.11 29.95 12.10
CA HIS F 48 -22.82 30.00 12.79
C HIS F 48 -22.74 31.32 13.57
N ASN F 49 -22.12 31.30 14.76
CA ASN F 49 -22.13 32.44 15.66
C ASN F 49 -21.24 33.57 15.11
N LYS F 50 -20.45 33.38 14.01
CA LYS F 50 -19.62 34.50 13.57
C LYS F 50 -19.50 34.44 12.04
N LYS F 51 -19.11 35.56 11.38
CA LYS F 51 -18.78 35.53 9.97
C LYS F 51 -17.37 34.98 9.86
N LEU F 52 -17.05 34.35 8.71
CA LEU F 52 -15.78 33.70 8.46
C LEU F 52 -15.24 34.23 7.14
N LEU F 53 -13.93 34.30 7.14
CA LEU F 53 -13.13 34.51 5.94
C LEU F 53 -12.04 33.44 5.91
N VAL F 54 -11.98 32.72 4.79
CA VAL F 54 -10.91 31.77 4.57
C VAL F 54 -9.96 32.43 3.59
N ILE F 55 -8.69 32.56 4.02
CA ILE F 55 -7.68 33.17 3.18
C ILE F 55 -6.68 32.09 2.82
N ARG F 56 -6.54 31.82 1.52
CA ARG F 56 -5.54 30.86 1.08
C ARG F 56 -4.37 31.65 0.50
N THR F 57 -3.17 31.55 1.09
CA THR F 57 -1.99 32.21 0.54
C THR F 57 -1.19 31.22 -0.33
N LYS F 58 -1.09 31.56 -1.62
CA LYS F 58 -0.48 30.72 -2.66
C LYS F 58 0.55 31.55 -3.43
N GLY F 59 0.86 31.14 -4.66
CA GLY F 59 1.91 31.77 -5.44
C GLY F 59 3.19 30.98 -5.34
N THR F 60 4.31 31.62 -5.71
CA THR F 60 5.59 30.89 -5.69
C THR F 60 6.77 31.82 -5.38
N ILE F 61 7.50 31.51 -4.31
CA ILE F 61 8.73 32.23 -4.02
C ILE F 61 9.90 31.55 -4.74
N ALA F 62 10.46 32.23 -5.72
CA ALA F 62 11.60 31.71 -6.47
C ALA F 62 12.75 31.35 -5.52
N GLY F 63 13.46 30.26 -5.83
CA GLY F 63 14.62 29.84 -5.06
C GLY F 63 15.76 30.86 -5.07
N GLN F 64 16.21 31.24 -6.27
CA GLN F 64 17.28 32.21 -6.49
C GLN F 64 18.64 31.72 -5.97
N TYR F 65 18.96 30.48 -6.39
CA TYR F 65 20.21 29.74 -6.36
C TYR F 65 21.18 30.45 -7.30
N ARG F 66 21.84 31.51 -6.79
CA ARG F 66 22.84 32.29 -7.52
C ARG F 66 24.29 32.02 -7.09
N VAL F 67 25.09 31.58 -8.07
CA VAL F 67 26.53 31.46 -7.91
C VAL F 67 27.07 32.86 -8.12
N TYR F 68 27.61 33.45 -7.05
CA TYR F 68 27.77 34.89 -7.04
C TYR F 68 29.25 35.23 -7.19
N SER F 69 30.00 35.16 -6.10
CA SER F 69 31.34 35.72 -6.16
C SER F 69 32.11 35.00 -7.25
N GLU F 70 33.13 35.68 -7.77
CA GLU F 70 34.19 35.02 -8.51
C GLU F 70 35.46 35.85 -8.32
N GLU F 71 36.11 35.69 -7.17
CA GLU F 71 37.30 36.47 -6.84
C GLU F 71 38.58 35.63 -7.03
N GLY F 72 38.95 35.39 -8.30
CA GLY F 72 39.95 34.41 -8.66
C GLY F 72 39.28 33.19 -9.29
N ALA F 73 40.02 32.09 -9.45
CA ALA F 73 39.44 30.84 -9.90
C ALA F 73 39.61 29.77 -8.81
N ASN F 74 39.97 30.21 -7.61
CA ASN F 74 40.12 29.37 -6.42
C ASN F 74 38.97 29.59 -5.43
N LYS F 75 38.21 30.71 -5.57
CA LYS F 75 37.23 31.08 -4.58
C LYS F 75 35.88 31.39 -5.24
N SER F 76 34.81 30.80 -4.70
CA SER F 76 33.49 31.05 -5.25
C SER F 76 32.45 30.88 -4.16
N GLY F 77 31.30 31.56 -4.34
CA GLY F 77 30.20 31.43 -3.40
C GLY F 77 28.85 31.21 -4.09
N LEU F 78 27.93 30.58 -3.32
CA LEU F 78 26.58 30.26 -3.77
C LEU F 78 25.61 30.73 -2.70
N ALA F 79 24.71 31.66 -3.09
CA ALA F 79 23.56 32.01 -2.26
C ALA F 79 22.41 31.02 -2.53
N TRP F 80 21.83 30.45 -1.46
CA TRP F 80 20.82 29.43 -1.69
C TRP F 80 19.74 29.55 -0.65
N PRO F 81 18.47 29.18 -0.92
CA PRO F 81 17.38 29.45 0.03
C PRO F 81 17.32 28.35 1.09
N SER F 82 17.56 28.72 2.34
CA SER F 82 17.41 27.73 3.41
C SER F 82 16.05 27.83 4.07
N ALA F 83 15.27 28.89 3.76
CA ALA F 83 13.98 28.96 4.39
C ALA F 83 13.05 29.82 3.55
N PHE F 84 11.75 29.41 3.53
CA PHE F 84 10.71 30.20 2.93
C PHE F 84 9.67 30.40 4.02
N LYS F 85 9.05 31.59 4.06
CA LYS F 85 8.07 31.86 5.12
C LYS F 85 6.92 32.70 4.61
N VAL F 86 5.72 32.36 5.10
CA VAL F 86 4.51 33.14 4.89
C VAL F 86 3.89 33.39 6.26
N GLN F 87 3.58 34.69 6.51
CA GLN F 87 3.01 35.12 7.79
C GLN F 87 1.87 36.08 7.58
N LEU F 88 0.84 35.97 8.44
CA LEU F 88 -0.29 36.87 8.37
C LEU F 88 -0.46 37.48 9.74
N GLN F 89 -0.87 38.76 9.76
CA GLN F 89 -1.03 39.40 11.04
C GLN F 89 -2.12 40.44 10.95
N LEU F 90 -3.06 40.36 11.90
CA LEU F 90 -4.08 41.37 12.17
C LEU F 90 -3.47 42.38 13.11
N PRO F 91 -3.48 43.68 12.76
CA PRO F 91 -3.14 44.74 13.72
C PRO F 91 -3.72 44.60 15.14
N ASP F 92 -2.99 45.28 16.06
CA ASP F 92 -3.21 45.28 17.50
C ASP F 92 -4.68 45.48 17.87
N ASN F 93 -5.34 46.44 17.21
CA ASN F 93 -6.62 46.99 17.63
C ASN F 93 -7.86 46.28 17.05
N GLU F 94 -7.67 45.22 16.25
CA GLU F 94 -8.75 44.70 15.44
C GLU F 94 -9.64 43.79 16.29
N VAL F 95 -10.94 43.72 16.00
CA VAL F 95 -11.80 42.76 16.70
C VAL F 95 -11.84 41.37 16.05
N ALA F 96 -11.63 41.28 14.72
CA ALA F 96 -11.41 40.01 14.05
C ALA F 96 -10.33 39.16 14.72
N GLN F 97 -10.48 37.83 14.61
CA GLN F 97 -9.49 36.95 15.21
C GLN F 97 -9.14 35.83 14.23
N ILE F 98 -7.91 35.33 14.36
CA ILE F 98 -7.49 34.12 13.66
C ILE F 98 -8.05 32.93 14.39
N SER F 99 -8.81 32.12 13.67
CA SER F 99 -9.67 31.14 14.29
C SER F 99 -9.12 29.74 13.99
N ASP F 100 -8.40 29.60 12.88
CA ASP F 100 -7.88 28.30 12.47
C ASP F 100 -6.87 28.52 11.35
N TYR F 101 -6.23 27.45 10.91
CA TYR F 101 -5.11 27.49 9.99
C TYR F 101 -4.80 26.03 9.68
N TYR F 102 -4.39 25.80 8.44
CA TYR F 102 -3.99 24.47 7.99
C TYR F 102 -2.88 24.68 6.97
N PRO F 103 -1.82 23.85 6.93
CA PRO F 103 -1.62 22.72 7.83
C PRO F 103 -0.98 23.02 9.18
N ARG F 104 -0.88 21.98 10.02
CA ARG F 104 -0.38 22.11 11.37
C ARG F 104 0.81 21.17 11.54
N ASN F 105 1.36 21.06 12.75
CA ASN F 105 2.57 20.25 12.91
C ASN F 105 2.11 18.85 13.28
N SER F 106 2.51 17.85 12.49
CA SER F 106 2.06 16.54 12.89
C SER F 106 3.20 15.76 13.57
N ILE F 107 2.84 14.81 14.43
CA ILE F 107 3.76 14.02 15.22
C ILE F 107 4.51 13.09 14.26
N ASP F 108 5.83 13.17 14.31
CA ASP F 108 6.66 12.35 13.47
C ASP F 108 6.82 10.98 14.12
N THR F 109 7.16 9.99 13.29
CA THR F 109 7.37 8.65 13.80
C THR F 109 8.61 8.08 13.13
N LYS F 110 8.92 6.85 13.48
CA LYS F 110 10.13 6.11 13.17
C LYS F 110 9.77 4.64 13.41
N GLU F 111 10.37 3.74 12.61
CA GLU F 111 10.28 2.31 12.84
C GLU F 111 11.54 1.86 13.56
N TYR F 112 11.34 1.05 14.60
CA TYR F 112 12.43 0.45 15.36
C TYR F 112 12.37 -1.04 15.14
N MET F 113 13.55 -1.63 14.99
CA MET F 113 13.66 -3.03 14.64
C MET F 113 14.79 -3.66 15.46
N SER F 114 14.50 -4.75 16.20
CA SER F 114 15.57 -5.48 16.86
C SER F 114 15.70 -6.92 16.33
N THR F 115 16.93 -7.41 16.32
CA THR F 115 17.23 -8.72 15.75
C THR F 115 18.14 -9.46 16.73
N LEU F 116 17.90 -10.76 16.84
CA LEU F 116 18.72 -11.61 17.66
C LEU F 116 19.01 -12.88 16.87
N THR F 117 20.31 -13.21 16.65
CA THR F 117 20.67 -14.46 15.99
C THR F 117 21.64 -15.27 16.85
N TYR F 118 21.35 -16.56 17.00
CA TYR F 118 22.21 -17.58 17.58
C TYR F 118 22.71 -18.49 16.46
N GLY F 119 23.97 -18.90 16.52
CA GLY F 119 24.57 -19.75 15.51
C GLY F 119 25.50 -20.81 16.11
N PHE F 120 25.37 -22.04 15.59
CA PHE F 120 26.27 -23.15 15.88
C PHE F 120 26.91 -23.56 14.56
N ASN F 121 28.17 -24.01 14.58
CA ASN F 121 28.79 -24.52 13.35
C ASN F 121 29.88 -25.55 13.69
N GLY F 122 30.10 -26.50 12.77
CA GLY F 122 31.10 -27.54 12.96
C GLY F 122 31.95 -27.81 11.73
N ASN F 123 33.17 -28.33 11.96
CA ASN F 123 34.14 -28.71 10.94
C ASN F 123 34.81 -30.05 11.21
N VAL F 124 35.25 -30.65 10.11
CA VAL F 124 36.13 -31.79 10.08
C VAL F 124 37.13 -31.50 8.95
N THR F 125 38.42 -31.40 9.28
CA THR F 125 39.50 -31.25 8.32
C THR F 125 40.19 -32.60 8.10
N GLY F 126 41.22 -32.61 7.23
CA GLY F 126 41.87 -33.83 6.84
C GLY F 126 42.71 -33.69 5.58
N ASP F 127 43.97 -34.16 5.64
CA ASP F 127 44.84 -34.26 4.48
C ASP F 127 45.08 -35.74 4.13
N ASP F 128 45.89 -35.97 3.08
CA ASP F 128 46.27 -37.30 2.63
C ASP F 128 47.23 -37.93 3.64
N THR F 129 47.91 -37.07 4.43
CA THR F 129 48.83 -37.49 5.47
C THR F 129 48.07 -38.13 6.65
N GLY F 130 46.77 -38.41 6.47
CA GLY F 130 45.95 -39.14 7.44
C GLY F 130 45.52 -38.33 8.67
N LYS F 131 45.94 -37.05 8.74
CA LYS F 131 45.71 -36.13 9.86
C LYS F 131 44.28 -35.52 9.83
N ILE F 132 43.55 -35.67 10.94
CA ILE F 132 42.17 -35.23 11.10
C ILE F 132 42.18 -34.00 12.01
N GLY F 133 41.32 -33.01 11.70
CA GLY F 133 41.13 -31.81 12.51
C GLY F 133 39.65 -31.50 12.70
N GLY F 134 39.34 -30.58 13.63
CA GLY F 134 37.94 -30.34 13.98
C GLY F 134 37.75 -28.95 14.61
N LEU F 135 36.53 -28.43 14.44
CA LEU F 135 36.12 -27.10 14.91
C LEU F 135 34.65 -27.14 15.38
N ILE F 136 34.41 -26.62 16.57
CA ILE F 136 33.06 -26.33 17.05
C ILE F 136 33.01 -24.85 17.45
N GLY F 137 31.96 -24.14 16.97
CA GLY F 137 31.84 -22.69 17.12
C GLY F 137 30.40 -22.25 17.42
N ALA F 138 30.27 -21.15 18.14
CA ALA F 138 28.99 -20.52 18.39
C ALA F 138 29.11 -19.01 18.19
N ASN F 139 27.95 -18.35 18.06
CA ASN F 139 27.87 -16.91 17.93
C ASN F 139 26.50 -16.40 18.34
N VAL F 140 26.51 -15.19 18.90
CA VAL F 140 25.32 -14.44 19.19
C VAL F 140 25.51 -13.11 18.47
N SER F 141 24.37 -12.51 18.16
CA SER F 141 24.31 -11.26 17.44
C SER F 141 23.05 -10.51 17.88
N ILE F 142 23.23 -9.33 18.44
CA ILE F 142 22.11 -8.47 18.76
C ILE F 142 22.20 -7.24 17.89
N GLY F 143 21.07 -6.89 17.27
CA GLY F 143 21.01 -5.81 16.29
C GLY F 143 19.87 -4.83 16.58
N HIS F 144 20.08 -3.59 16.17
CA HIS F 144 18.94 -2.70 16.13
C HIS F 144 19.07 -1.78 14.92
N THR F 145 17.92 -1.54 14.28
CA THR F 145 17.85 -0.64 13.14
C THR F 145 16.71 0.37 13.42
N LEU F 146 16.97 1.60 12.96
CA LEU F 146 16.05 2.71 13.06
C LEU F 146 15.80 3.26 11.67
N LYS F 147 14.54 3.50 11.32
CA LYS F 147 14.12 3.79 9.96
C LYS F 147 13.12 4.94 10.04
N TYR F 148 13.38 6.05 9.35
CA TYR F 148 12.45 7.19 9.33
C TYR F 148 12.63 7.97 8.02
N VAL F 149 11.65 8.78 7.68
CA VAL F 149 11.57 9.49 6.42
C VAL F 149 12.14 10.89 6.65
N GLN F 150 12.94 11.40 5.71
CA GLN F 150 13.55 12.72 5.90
C GLN F 150 13.28 13.57 4.68
N PRO F 151 12.27 14.43 4.70
CA PRO F 151 11.97 15.31 3.55
C PRO F 151 13.11 16.32 3.39
N ASP F 152 13.32 16.80 2.15
CA ASP F 152 14.38 17.76 1.89
C ASP F 152 14.14 19.07 2.65
N PHE F 153 12.87 19.49 2.71
CA PHE F 153 12.46 20.65 3.47
C PHE F 153 11.34 20.22 4.42
N LYS F 154 11.28 20.82 5.61
CA LYS F 154 10.20 20.55 6.51
C LYS F 154 9.27 21.75 6.44
N THR F 155 7.97 21.50 6.57
CA THR F 155 6.95 22.54 6.56
C THR F 155 6.42 22.65 7.97
N ILE F 156 6.61 23.82 8.62
CA ILE F 156 6.30 23.92 10.04
C ILE F 156 5.31 25.06 10.32
N LEU F 157 4.30 24.80 11.15
CA LEU F 157 3.41 25.87 11.60
C LEU F 157 4.06 26.60 12.74
N GLU F 158 4.28 27.92 12.60
CA GLU F 158 4.82 28.76 13.68
C GLU F 158 3.70 29.01 14.68
N SER F 159 3.99 28.94 15.98
CA SER F 159 3.03 29.05 17.07
C SER F 159 2.10 30.24 16.82
N PRO F 160 0.83 30.01 16.48
CA PRO F 160 -0.12 31.10 16.21
C PRO F 160 -0.58 31.84 17.46
N THR F 161 -1.15 33.04 17.27
CA THR F 161 -1.90 33.67 18.33
C THR F 161 -3.32 33.85 17.82
N ASP F 162 -4.10 34.79 18.37
CA ASP F 162 -5.37 35.09 17.76
C ASP F 162 -5.16 36.22 16.76
N LYS F 163 -3.92 36.69 16.62
CA LYS F 163 -3.69 37.83 15.74
C LYS F 163 -2.62 37.52 14.69
N LYS F 164 -1.85 36.42 14.87
CA LYS F 164 -0.83 36.05 13.89
C LYS F 164 -0.65 34.55 13.73
N VAL F 165 -0.27 34.21 12.51
CA VAL F 165 -0.06 32.85 12.07
C VAL F 165 1.02 32.88 11.00
N GLY F 166 1.86 31.86 10.93
CA GLY F 166 2.77 31.82 9.80
C GLY F 166 3.28 30.40 9.65
N TRP F 167 3.85 30.11 8.47
CA TRP F 167 4.56 28.87 8.24
C TRP F 167 5.99 29.18 7.83
N LYS F 168 6.91 28.27 8.17
CA LYS F 168 8.23 28.31 7.57
C LYS F 168 8.52 26.93 6.97
N VAL F 169 9.08 26.96 5.75
CA VAL F 169 9.45 25.76 5.03
C VAL F 169 10.99 25.77 5.01
N ILE F 170 11.64 24.95 5.87
CA ILE F 170 13.06 25.15 6.15
C ILE F 170 13.84 24.00 5.55
N PHE F 171 15.06 24.29 5.10
CA PHE F 171 15.91 23.24 4.57
C PHE F 171 16.25 22.29 5.72
N ASN F 172 16.12 20.98 5.44
CA ASN F 172 16.33 19.92 6.38
C ASN F 172 17.65 19.23 6.05
N ASN F 173 17.67 18.38 5.01
CA ASN F 173 18.96 17.88 4.53
C ASN F 173 18.83 17.42 3.07
N MET F 174 19.96 16.97 2.46
CA MET F 174 19.85 16.66 1.05
C MET F 174 20.95 15.69 0.64
N VAL F 175 20.64 14.87 -0.36
CA VAL F 175 21.59 13.96 -0.98
C VAL F 175 22.33 14.73 -2.07
N ASN F 176 23.67 14.59 -2.13
CA ASN F 176 24.50 15.20 -3.15
C ASN F 176 25.11 14.06 -3.96
N GLN F 177 24.67 13.86 -5.22
CA GLN F 177 25.12 12.78 -6.09
C GLN F 177 25.31 11.49 -5.31
N ASN F 178 24.29 11.10 -4.56
CA ASN F 178 24.25 9.81 -3.87
C ASN F 178 25.10 9.81 -2.60
N TRP F 179 25.71 10.94 -2.22
CA TRP F 179 26.40 10.98 -0.94
C TRP F 179 25.55 11.79 0.03
N GLY F 180 25.81 11.61 1.32
CA GLY F 180 25.14 12.42 2.34
C GLY F 180 24.18 11.55 3.15
N PRO F 181 23.04 12.10 3.62
CA PRO F 181 22.66 13.48 3.33
C PRO F 181 23.62 14.46 3.99
N TYR F 182 23.69 15.67 3.43
CA TYR F 182 24.42 16.73 4.08
C TYR F 182 23.41 17.73 4.62
N ASP F 183 23.85 18.54 5.59
CA ASP F 183 22.95 19.60 6.01
C ASP F 183 23.77 20.86 6.24
N ARG F 184 23.14 21.86 6.86
CA ARG F 184 23.77 23.16 7.06
C ARG F 184 25.01 23.08 7.93
N ASP F 185 25.15 22.00 8.73
CA ASP F 185 26.24 21.90 9.71
C ASP F 185 27.21 20.76 9.40
N SER F 186 26.98 20.02 8.30
CA SER F 186 27.90 18.96 7.92
C SER F 186 29.35 19.45 7.98
N TRP F 187 30.23 18.59 8.52
CA TRP F 187 31.63 18.96 8.64
C TRP F 187 32.53 17.74 8.58
N ASN F 188 33.25 17.61 7.47
CA ASN F 188 34.28 16.62 7.29
C ASN F 188 35.63 17.34 7.47
N PRO F 189 36.58 16.80 8.30
CA PRO F 189 37.80 17.54 8.68
C PRO F 189 38.61 18.05 7.47
N VAL F 190 38.62 17.25 6.39
CA VAL F 190 39.32 17.59 5.17
C VAL F 190 38.46 18.41 4.18
N TYR F 191 37.22 17.99 3.91
CA TYR F 191 36.47 18.61 2.81
C TYR F 191 35.53 19.73 3.28
N GLY F 192 35.45 19.94 4.61
CA GLY F 192 34.54 20.94 5.16
C GLY F 192 33.09 20.48 5.03
N ASN F 193 32.22 21.37 4.54
CA ASN F 193 30.82 21.04 4.35
C ASN F 193 30.61 20.78 2.86
N GLN F 194 30.27 19.55 2.51
CA GLN F 194 30.22 19.14 1.11
C GLN F 194 28.84 19.36 0.45
N LEU F 195 27.94 20.04 1.16
CA LEU F 195 26.52 20.15 0.79
C LEU F 195 26.37 20.33 -0.73
N PHE F 196 26.98 21.37 -1.35
CA PHE F 196 26.78 21.68 -2.77
C PHE F 196 28.04 21.52 -3.61
N MET F 197 29.03 20.77 -3.08
CA MET F 197 30.33 20.61 -3.73
C MET F 197 30.19 19.57 -4.84
N LYS F 198 30.56 19.92 -6.08
CA LYS F 198 30.41 18.91 -7.12
C LYS F 198 31.51 17.86 -7.00
N THR F 199 32.78 18.29 -6.89
CA THR F 199 33.90 17.36 -6.80
C THR F 199 34.83 17.71 -5.65
N ARG F 200 35.43 16.67 -5.05
CA ARG F 200 36.49 16.80 -4.05
C ARG F 200 37.78 17.41 -4.61
N ASN F 201 38.22 17.02 -5.82
CA ASN F 201 39.46 17.64 -6.35
C ASN F 201 39.51 17.73 -7.86
N GLY F 202 38.39 18.09 -8.50
CA GLY F 202 38.43 18.44 -9.91
C GLY F 202 39.20 19.72 -10.15
N SER F 203 39.54 20.00 -11.40
CA SER F 203 40.45 21.10 -11.66
C SER F 203 39.76 22.18 -12.48
N MET F 204 38.45 22.27 -12.37
CA MET F 204 37.74 23.40 -12.98
C MET F 204 37.92 24.65 -12.11
N LYS F 205 37.42 25.79 -12.59
CA LYS F 205 37.36 26.97 -11.73
C LYS F 205 36.31 26.75 -10.62
N ALA F 206 36.44 27.49 -9.52
CA ALA F 206 35.63 27.28 -8.34
C ALA F 206 34.14 27.37 -8.72
N ALA F 207 33.82 28.38 -9.52
CA ALA F 207 32.47 28.70 -9.96
C ALA F 207 31.85 27.55 -10.74
N ASP F 208 32.64 26.58 -11.19
CA ASP F 208 32.10 25.49 -11.95
C ASP F 208 32.04 24.24 -11.06
N ASN F 209 32.38 24.40 -9.77
CA ASN F 209 32.42 23.23 -8.90
C ASN F 209 31.18 23.08 -7.99
N PHE F 210 30.06 23.73 -8.34
CA PHE F 210 28.83 23.56 -7.56
C PHE F 210 27.95 22.50 -8.21
N LEU F 211 27.26 21.74 -7.35
CA LEU F 211 26.22 20.80 -7.75
C LEU F 211 25.33 21.42 -8.81
N ASP F 212 25.01 20.65 -9.87
CA ASP F 212 24.05 21.11 -10.87
C ASP F 212 22.68 21.28 -10.18
N PRO F 213 22.07 22.47 -10.28
CA PRO F 213 20.76 22.72 -9.67
C PRO F 213 19.71 21.66 -10.03
N ASN F 214 19.76 21.13 -11.25
CA ASN F 214 18.84 20.05 -11.62
C ASN F 214 19.03 18.78 -10.79
N LYS F 215 20.15 18.67 -10.07
CA LYS F 215 20.46 17.49 -9.27
C LYS F 215 20.21 17.79 -7.80
N ALA F 216 19.52 18.89 -7.52
CA ALA F 216 19.27 19.27 -6.14
C ALA F 216 17.78 19.43 -6.01
N SER F 217 17.25 19.50 -4.79
CA SER F 217 15.85 19.84 -4.61
C SER F 217 15.44 21.03 -5.49
N SER F 218 14.33 20.84 -6.21
CA SER F 218 13.93 21.86 -7.14
C SER F 218 13.39 23.10 -6.43
N LEU F 219 13.07 22.98 -5.13
CA LEU F 219 12.81 24.18 -4.31
C LEU F 219 14.01 25.13 -4.27
N LEU F 220 15.24 24.62 -4.48
CA LEU F 220 16.41 25.46 -4.38
C LEU F 220 16.53 26.44 -5.54
N SER F 221 16.05 26.10 -6.75
CA SER F 221 16.14 27.00 -7.90
C SER F 221 14.73 27.48 -8.24
N SER F 222 13.92 26.59 -8.81
CA SER F 222 12.62 27.05 -9.28
C SER F 222 11.71 27.57 -8.17
N GLY F 223 11.84 27.02 -6.97
CA GLY F 223 11.26 27.69 -5.80
C GLY F 223 10.05 26.94 -5.26
N PHE F 224 9.47 27.57 -4.24
CA PHE F 224 8.45 26.94 -3.41
C PHE F 224 7.09 27.58 -3.65
N SER F 225 6.05 26.76 -3.73
CA SER F 225 4.69 27.25 -3.93
C SER F 225 3.88 27.05 -2.66
N PRO F 226 3.71 28.11 -1.83
CA PRO F 226 2.95 28.01 -0.60
C PRO F 226 1.52 27.54 -0.89
N ASP F 227 0.98 26.80 0.06
CA ASP F 227 -0.42 26.50 -0.04
C ASP F 227 -0.99 26.41 1.36
N PHE F 228 -1.30 27.56 1.97
CA PHE F 228 -1.66 27.64 3.38
C PHE F 228 -3.04 28.27 3.53
N ALA F 229 -3.76 27.86 4.58
CA ALA F 229 -5.12 28.40 4.76
C ALA F 229 -5.20 29.01 6.16
N THR F 230 -5.85 30.18 6.24
CA THR F 230 -6.11 30.90 7.48
C THR F 230 -7.59 31.24 7.53
N VAL F 231 -8.19 31.00 8.71
CA VAL F 231 -9.59 31.36 8.90
C VAL F 231 -9.65 32.49 9.89
N ILE F 232 -10.35 33.54 9.49
CA ILE F 232 -10.58 34.71 10.32
C ILE F 232 -12.07 34.75 10.64
N THR F 233 -12.37 34.92 11.94
CA THR F 233 -13.76 35.07 12.38
C THR F 233 -14.01 36.50 12.84
N MET F 234 -15.23 36.97 12.62
CA MET F 234 -15.65 38.31 12.93
C MET F 234 -17.09 38.29 13.47
N ASP F 235 -17.27 39.04 14.52
CA ASP F 235 -18.52 39.30 15.20
C ASP F 235 -19.51 40.09 14.34
N ARG F 236 -20.77 39.66 14.27
CA ARG F 236 -21.73 40.41 13.47
C ARG F 236 -21.99 41.80 14.07
N LYS F 237 -21.86 41.92 15.41
CA LYS F 237 -22.22 43.13 16.13
C LYS F 237 -21.10 44.17 16.13
N ALA F 238 -19.90 43.84 15.69
CA ALA F 238 -18.77 44.75 15.85
C ALA F 238 -19.05 46.12 15.22
N SER F 239 -18.57 47.19 15.86
CA SER F 239 -18.70 48.58 15.44
C SER F 239 -18.09 48.79 14.05
N LYS F 240 -16.75 48.57 13.96
CA LYS F 240 -15.99 48.69 12.73
C LYS F 240 -16.09 47.34 11.99
N GLN F 241 -16.50 47.39 10.72
CA GLN F 241 -16.70 46.18 9.93
C GLN F 241 -15.64 46.07 8.82
N GLN F 242 -14.52 46.77 9.03
CA GLN F 242 -13.35 46.77 8.15
C GLN F 242 -12.13 46.33 8.99
N THR F 243 -11.32 45.47 8.41
CA THR F 243 -10.21 44.84 9.11
C THR F 243 -9.06 44.96 8.14
N ASN F 244 -7.87 45.26 8.67
CA ASN F 244 -6.66 45.24 7.85
C ASN F 244 -5.94 43.94 8.14
N ILE F 245 -5.23 43.43 7.15
CA ILE F 245 -4.35 42.31 7.46
C ILE F 245 -3.09 42.41 6.59
N ASP F 246 -1.94 42.10 7.21
CA ASP F 246 -0.60 42.13 6.60
C ASP F 246 -0.13 40.72 6.35
N VAL F 247 0.43 40.51 5.17
CA VAL F 247 1.02 39.25 4.74
C VAL F 247 2.47 39.51 4.33
N ILE F 248 3.44 38.78 4.93
CA ILE F 248 4.82 38.79 4.49
C ILE F 248 5.12 37.45 3.81
N TYR F 249 5.76 37.50 2.63
CA TYR F 249 6.47 36.35 2.11
C TYR F 249 7.95 36.58 2.25
N GLU F 250 8.69 35.54 2.68
CA GLU F 250 10.07 35.72 3.07
C GLU F 250 10.93 34.60 2.45
N ARG F 251 12.13 34.97 1.96
CA ARG F 251 13.18 34.05 1.54
C ARG F 251 14.42 34.31 2.39
N VAL F 252 14.90 33.26 3.07
CA VAL F 252 16.15 33.35 3.79
C VAL F 252 17.22 32.57 3.02
N ARG F 253 18.34 33.24 2.71
CA ARG F 253 19.42 32.59 1.96
C ARG F 253 20.67 32.39 2.78
N ASP F 254 21.21 31.19 2.73
CA ASP F 254 22.53 30.88 3.25
C ASP F 254 23.58 31.16 2.16
N ASP F 255 24.86 31.06 2.57
CA ASP F 255 26.05 31.39 1.78
C ASP F 255 26.95 30.18 1.86
N TYR F 256 26.96 29.38 0.79
CA TYR F 256 27.86 28.24 0.69
C TYR F 256 29.09 28.65 -0.13
N GLN F 257 30.27 28.55 0.47
CA GLN F 257 31.53 28.90 -0.20
C GLN F 257 32.44 27.71 -0.42
N LEU F 258 33.08 27.72 -1.60
CA LEU F 258 34.14 26.76 -1.92
C LEU F 258 35.48 27.51 -1.99
N HIS F 259 36.53 26.90 -1.41
CA HIS F 259 37.91 27.34 -1.66
C HIS F 259 38.80 26.13 -1.87
N TRP F 260 39.83 26.30 -2.70
CA TRP F 260 40.87 25.28 -2.90
C TRP F 260 41.88 25.35 -1.76
N THR F 261 42.19 24.21 -1.11
CA THR F 261 43.34 24.21 -0.20
C THR F 261 44.61 24.11 -1.04
N SER F 262 45.57 23.33 -0.61
CA SER F 262 46.64 23.06 -1.57
C SER F 262 46.28 21.81 -2.39
N THR F 263 45.41 20.95 -1.81
CA THR F 263 45.23 19.59 -2.29
C THR F 263 43.80 19.32 -2.77
N ASN F 264 42.81 20.00 -2.16
CA ASN F 264 41.42 19.66 -2.45
C ASN F 264 40.50 20.84 -2.21
N TRP F 265 39.23 20.65 -2.57
CA TRP F 265 38.19 21.64 -2.36
C TRP F 265 37.62 21.52 -0.95
N LYS F 266 37.36 22.67 -0.32
CA LYS F 266 36.74 22.72 0.99
C LYS F 266 35.56 23.69 0.94
N GLY F 267 34.43 23.26 1.53
CA GLY F 267 33.22 24.08 1.55
C GLY F 267 32.86 24.60 2.93
N THR F 268 32.31 25.82 2.94
CA THR F 268 31.80 26.50 4.14
C THR F 268 30.35 26.86 3.93
N ASN F 269 29.56 26.85 5.02
CA ASN F 269 28.18 27.34 4.92
C ASN F 269 27.93 28.36 6.01
N THR F 270 27.42 29.54 5.64
CA THR F 270 27.07 30.55 6.62
C THR F 270 25.56 30.79 6.60
N LYS F 271 24.96 30.68 7.79
CA LYS F 271 23.53 30.62 7.96
C LYS F 271 22.93 32.03 7.81
N ASP F 272 21.81 32.15 7.09
CA ASP F 272 20.98 33.35 7.15
C ASP F 272 21.76 34.60 6.79
N LYS F 273 22.39 34.62 5.63
CA LYS F 273 23.20 35.77 5.24
C LYS F 273 22.32 36.85 4.63
N TRP F 274 21.33 36.47 3.82
CA TRP F 274 20.46 37.43 3.14
C TRP F 274 19.00 37.08 3.36
N THR F 275 18.18 38.11 3.60
CA THR F 275 16.75 37.90 3.77
C THR F 275 15.98 38.84 2.86
N ASP F 276 15.08 38.29 2.08
CA ASP F 276 14.19 39.05 1.22
C ASP F 276 12.77 39.02 1.81
N ARG F 277 12.17 40.17 2.09
CA ARG F 277 10.85 40.24 2.68
C ARG F 277 9.91 41.06 1.80
N SER F 278 8.77 40.48 1.43
CA SER F 278 7.80 41.19 0.63
C SER F 278 6.49 41.27 1.41
N SER F 279 6.09 42.51 1.72
CA SER F 279 4.99 42.78 2.62
C SER F 279 3.82 43.39 1.87
N GLU F 280 2.60 42.89 2.15
CA GLU F 280 1.44 43.51 1.56
C GLU F 280 0.29 43.66 2.56
N ARG F 281 -0.39 44.81 2.49
CA ARG F 281 -1.54 45.05 3.34
C ARG F 281 -2.80 44.85 2.51
N TYR F 282 -3.78 44.13 3.11
CA TYR F 282 -5.03 43.82 2.45
C TYR F 282 -6.13 44.40 3.31
N LYS F 283 -7.19 44.84 2.65
CA LYS F 283 -8.31 45.44 3.32
C LYS F 283 -9.44 44.43 3.23
N ILE F 284 -9.99 44.06 4.40
CA ILE F 284 -11.09 43.11 4.42
C ILE F 284 -12.34 43.92 4.70
N ASP F 285 -13.31 43.86 3.75
CA ASP F 285 -14.58 44.55 3.96
C ASP F 285 -15.65 43.50 4.28
N TRP F 286 -16.07 43.44 5.55
CA TRP F 286 -17.03 42.41 5.95
C TRP F 286 -18.46 42.71 5.48
N GLU F 287 -18.81 43.99 5.30
CA GLU F 287 -20.16 44.33 4.86
C GLU F 287 -20.31 44.00 3.37
N LYS F 288 -19.33 44.38 2.51
CA LYS F 288 -19.40 44.10 1.08
C LYS F 288 -18.88 42.69 0.80
N GLU F 289 -18.15 42.06 1.72
CA GLU F 289 -17.54 40.76 1.41
C GLU F 289 -16.55 40.85 0.25
N GLU F 290 -15.56 41.73 0.40
CA GLU F 290 -14.49 41.87 -0.58
C GLU F 290 -13.17 42.05 0.19
N MET F 291 -12.09 41.57 -0.43
CA MET F 291 -10.74 41.91 -0.02
C MET F 291 -10.10 42.72 -1.14
N THR F 292 -9.39 43.78 -0.79
CA THR F 292 -8.67 44.50 -1.82
C THR F 292 -7.26 44.71 -1.28
N ASN F 293 -6.33 45.03 -2.20
CA ASN F 293 -4.94 45.29 -1.87
C ASN F 293 -4.56 46.71 -2.30
N ALA G 1 -19.71 -1.67 11.67
CA ALA G 1 -20.40 -0.54 10.90
C ALA G 1 -21.73 -1.09 10.38
N ASP G 2 -22.63 -0.17 10.01
CA ASP G 2 -23.98 -0.47 9.55
C ASP G 2 -24.02 -1.67 8.59
N SER G 3 -23.16 -1.68 7.55
CA SER G 3 -23.30 -2.65 6.47
C SER G 3 -23.00 -4.10 6.90
N ASP G 4 -22.17 -4.23 7.94
CA ASP G 4 -21.74 -5.50 8.52
C ASP G 4 -22.91 -6.23 9.18
N ILE G 5 -23.94 -5.44 9.54
CA ILE G 5 -25.10 -5.96 10.24
C ILE G 5 -26.35 -5.62 9.41
N ASN G 6 -26.21 -5.56 8.05
CA ASN G 6 -27.30 -5.58 7.08
C ASN G 6 -28.15 -4.30 7.15
N ILE G 7 -27.50 -3.18 7.48
CA ILE G 7 -28.22 -1.92 7.67
C ILE G 7 -27.63 -0.86 6.74
N LYS G 8 -28.52 -0.20 5.97
CA LYS G 8 -28.15 0.86 5.04
C LYS G 8 -27.23 1.86 5.75
N THR G 9 -26.07 2.18 5.12
CA THR G 9 -25.06 3.03 5.73
C THR G 9 -25.70 4.35 6.17
N GLY G 10 -25.39 4.74 7.44
CA GLY G 10 -25.79 6.01 8.04
C GLY G 10 -27.22 6.09 8.56
N THR G 11 -27.90 4.95 8.77
CA THR G 11 -29.29 4.87 9.23
C THR G 11 -29.39 5.17 10.73
N THR G 12 -28.37 4.75 11.47
CA THR G 12 -28.36 4.81 12.92
C THR G 12 -27.67 6.09 13.42
N ASP G 13 -27.17 6.92 12.51
CA ASP G 13 -26.54 8.19 12.89
C ASP G 13 -27.59 9.25 13.26
N ILE G 14 -27.13 10.19 14.08
CA ILE G 14 -27.83 11.38 14.57
C ILE G 14 -27.61 12.53 13.59
N GLY G 15 -28.67 13.30 13.31
CA GLY G 15 -28.52 14.66 12.83
C GLY G 15 -29.04 14.94 11.41
N SER G 16 -29.88 14.07 10.86
CA SER G 16 -30.65 14.41 9.67
C SER G 16 -31.92 15.15 10.10
N ASN G 17 -32.53 15.94 9.18
CA ASN G 17 -33.76 16.72 9.36
C ASN G 17 -33.70 17.67 10.58
N THR G 18 -32.55 18.35 10.73
CA THR G 18 -32.28 19.17 11.91
C THR G 18 -31.39 20.32 11.45
N THR G 19 -31.77 21.59 11.76
CA THR G 19 -30.82 22.70 11.70
C THR G 19 -29.85 22.57 12.90
N VAL G 20 -28.56 22.75 12.61
CA VAL G 20 -27.50 22.59 13.59
C VAL G 20 -26.94 23.98 13.83
N LYS G 21 -26.77 24.35 15.10
CA LYS G 21 -26.21 25.68 15.33
C LYS G 21 -24.74 25.54 15.74
N THR G 22 -23.85 26.26 15.07
CA THR G 22 -22.43 26.09 15.41
C THR G 22 -21.81 27.43 15.84
N GLY G 23 -20.59 27.38 16.36
CA GLY G 23 -19.88 28.62 16.68
C GLY G 23 -18.41 28.41 16.99
N ASP G 24 -17.66 29.52 17.01
CA ASP G 24 -16.23 29.59 17.35
C ASP G 24 -16.06 30.55 18.51
N LEU G 25 -15.24 30.14 19.46
CA LEU G 25 -14.76 31.01 20.50
C LEU G 25 -13.25 30.83 20.51
N VAL G 26 -12.51 31.93 20.37
CA VAL G 26 -11.07 31.92 20.30
C VAL G 26 -10.56 32.78 21.44
N THR G 27 -9.63 32.24 22.24
CA THR G 27 -8.98 32.99 23.31
C THR G 27 -7.50 32.72 23.23
N TYR G 28 -6.72 33.81 23.21
CA TYR G 28 -5.28 33.69 23.23
C TYR G 28 -4.82 34.02 24.65
N ASP G 29 -4.06 33.09 25.26
CA ASP G 29 -3.50 33.31 26.58
C ASP G 29 -2.04 33.67 26.42
N LYS G 30 -1.73 34.97 26.51
CA LYS G 30 -0.42 35.55 26.21
C LYS G 30 0.61 35.04 27.22
N GLU G 31 0.23 35.01 28.51
CA GLU G 31 1.11 34.58 29.58
C GLU G 31 1.56 33.13 29.37
N ASN G 32 0.66 32.26 28.89
CA ASN G 32 1.00 30.86 28.81
C ASN G 32 1.30 30.40 27.38
N GLY G 33 1.26 31.30 26.38
CA GLY G 33 1.56 30.93 24.99
C GLY G 33 0.64 29.86 24.42
N MET G 34 -0.67 30.02 24.65
CA MET G 34 -1.69 29.07 24.19
C MET G 34 -2.78 29.80 23.42
N ALA G 35 -2.95 29.41 22.14
CA ALA G 35 -4.10 29.83 21.35
C ALA G 35 -5.19 28.78 21.53
N LYS G 36 -6.30 29.16 22.13
CA LYS G 36 -7.32 28.18 22.44
C LYS G 36 -8.57 28.43 21.62
N LYS G 37 -9.05 27.39 20.96
CA LYS G 37 -10.20 27.54 20.09
C LYS G 37 -11.17 26.42 20.43
N VAL G 38 -12.41 26.84 20.66
CA VAL G 38 -13.51 25.91 20.80
C VAL G 38 -14.41 26.09 19.58
N PHE G 39 -14.67 24.97 18.91
CA PHE G 39 -15.65 24.96 17.85
C PHE G 39 -16.76 24.04 18.33
N TYR G 40 -18.01 24.55 18.40
CA TYR G 40 -19.09 23.76 18.97
C TYR G 40 -20.22 23.58 17.99
N SER G 41 -21.05 22.56 18.25
CA SER G 41 -22.25 22.33 17.48
C SER G 41 -23.34 21.76 18.35
N PHE G 42 -24.50 22.43 18.33
CA PHE G 42 -25.68 21.90 18.98
C PHE G 42 -26.49 21.12 17.96
N ILE G 43 -26.86 19.91 18.31
CA ILE G 43 -27.60 19.06 17.40
C ILE G 43 -28.80 18.63 18.23
N ASP G 44 -29.97 19.18 17.86
CA ASP G 44 -31.23 18.85 18.48
C ASP G 44 -32.06 18.06 17.47
N ASP G 45 -31.84 16.75 17.42
CA ASP G 45 -32.53 15.83 16.55
C ASP G 45 -33.69 15.24 17.33
N LYS G 46 -34.90 15.46 16.83
CA LYS G 46 -36.10 15.15 17.60
C LYS G 46 -36.32 13.63 17.66
N ASN G 47 -35.66 12.88 16.79
CA ASN G 47 -35.68 11.43 16.85
C ASN G 47 -34.62 10.89 17.80
N HIS G 48 -33.87 11.76 18.49
CA HIS G 48 -32.88 11.32 19.46
C HIS G 48 -33.39 11.67 20.86
N ASN G 49 -33.12 10.81 21.86
CA ASN G 49 -33.70 10.97 23.18
C ASN G 49 -33.05 12.14 23.92
N LYS G 50 -32.01 12.81 23.40
CA LYS G 50 -31.39 13.88 24.18
C LYS G 50 -30.88 14.97 23.25
N LYS G 51 -30.61 16.19 23.75
CA LYS G 51 -29.91 17.19 22.99
C LYS G 51 -28.43 16.85 23.09
N LEU G 52 -27.66 17.25 22.05
CA LEU G 52 -26.24 17.00 21.96
C LEU G 52 -25.55 18.34 21.73
N LEU G 53 -24.35 18.41 22.30
CA LEU G 53 -23.37 19.42 21.99
C LEU G 53 -22.03 18.72 21.69
N VAL G 54 -21.46 19.03 20.52
CA VAL G 54 -20.16 18.54 20.16
C VAL G 54 -19.19 19.69 20.34
N ILE G 55 -18.18 19.47 21.19
CA ILE G 55 -17.21 20.51 21.49
C ILE G 55 -15.88 20.03 20.95
N ARG G 56 -15.33 20.82 19.99
CA ARG G 56 -14.07 20.46 19.39
C ARG G 56 -13.05 21.42 20.00
N THR G 57 -12.06 20.91 20.76
CA THR G 57 -11.02 21.77 21.34
C THR G 57 -9.80 21.74 20.42
N LYS G 58 -9.46 22.92 19.86
CA LYS G 58 -8.40 23.08 18.88
C LYS G 58 -7.47 24.21 19.34
N GLY G 59 -6.72 24.80 18.40
CA GLY G 59 -5.79 25.85 18.73
C GLY G 59 -4.38 25.25 18.75
N THR G 60 -3.46 25.93 19.45
CA THR G 60 -2.10 25.46 19.47
C THR G 60 -1.44 25.89 20.76
N ILE G 61 -0.86 24.93 21.45
CA ILE G 61 -0.03 25.20 22.60
C ILE G 61 1.43 25.27 22.13
N ALA G 62 2.01 26.46 22.18
CA ALA G 62 3.42 26.66 21.84
C ALA G 62 4.31 25.72 22.65
N GLY G 63 5.37 25.23 22.01
CA GLY G 63 6.36 24.36 22.66
C GLY G 63 7.09 25.07 23.79
N GLN G 64 7.71 26.23 23.46
CA GLN G 64 8.49 27.03 24.40
C GLN G 64 9.75 26.32 24.90
N TYR G 65 10.50 25.78 23.94
CA TYR G 65 11.86 25.24 23.99
C TYR G 65 12.84 26.37 24.28
N ARG G 66 12.97 26.76 25.56
CA ARG G 66 13.83 27.84 26.03
C ARG G 66 15.11 27.38 26.74
N VAL G 67 16.24 27.81 26.16
CA VAL G 67 17.57 27.66 26.72
C VAL G 67 17.70 28.74 27.78
N TYR G 68 17.73 28.33 29.04
CA TYR G 68 17.44 29.29 30.10
C TYR G 68 18.74 29.63 30.82
N SER G 69 19.18 28.76 31.73
CA SER G 69 20.30 29.15 32.57
C SER G 69 21.48 29.47 31.66
N GLU G 70 22.39 30.30 32.19
CA GLU G 70 23.73 30.39 31.68
C GLU G 70 24.64 30.83 32.82
N GLU G 71 25.02 29.87 33.68
CA GLU G 71 25.84 30.15 34.86
C GLU G 71 27.31 29.77 34.62
N GLY G 72 28.01 30.60 33.83
CA GLY G 72 29.32 30.27 33.29
C GLY G 72 29.21 29.88 31.81
N ALA G 73 30.23 29.19 31.28
CA ALA G 73 30.15 28.63 29.95
C ALA G 73 30.26 27.11 30.00
N ASN G 74 30.14 26.56 31.21
CA ASN G 74 30.24 25.13 31.48
C ASN G 74 28.87 24.51 31.80
N LYS G 75 27.88 25.35 32.14
CA LYS G 75 26.60 24.88 32.64
C LYS G 75 25.45 25.58 31.90
N SER G 76 24.49 24.78 31.43
CA SER G 76 23.34 25.34 30.75
C SER G 76 22.14 24.43 30.93
N GLY G 77 20.96 25.02 30.80
CA GLY G 77 19.73 24.27 30.92
C GLY G 77 18.70 24.61 29.83
N LEU G 78 17.84 23.62 29.53
CA LEU G 78 16.84 23.73 28.49
C LEU G 78 15.51 23.27 29.10
N ALA G 79 14.53 24.18 29.14
CA ALA G 79 13.14 23.84 29.43
C ALA G 79 12.45 23.34 28.16
N TRP G 80 11.81 22.16 28.22
CA TRP G 80 11.25 21.63 27.00
C TRP G 80 9.94 20.96 27.30
N PRO G 81 8.97 20.92 26.37
CA PRO G 81 7.64 20.38 26.71
C PRO G 81 7.59 18.87 26.63
N SER G 82 7.41 18.20 27.77
CA SER G 82 7.28 16.75 27.74
C SER G 82 5.81 16.32 27.69
N ALA G 83 4.90 17.25 27.92
CA ALA G 83 3.50 16.85 27.83
C ALA G 83 2.65 18.06 27.49
N PHE G 84 1.63 17.79 26.68
CA PHE G 84 0.58 18.78 26.43
C PHE G 84 -0.72 18.12 26.84
N LYS G 85 -1.62 18.90 27.43
CA LYS G 85 -2.89 18.33 27.88
C LYS G 85 -4.05 19.27 27.67
N VAL G 86 -5.19 18.66 27.34
CA VAL G 86 -6.47 19.31 27.23
C VAL G 86 -7.46 18.47 28.06
N GLN G 87 -8.20 19.15 28.96
CA GLN G 87 -9.21 18.52 29.82
C GLN G 87 -10.49 19.34 29.88
N LEU G 88 -11.62 18.64 29.94
CA LEU G 88 -12.92 19.29 30.08
C LEU G 88 -13.58 18.75 31.33
N GLN G 89 -14.29 19.64 32.03
CA GLN G 89 -15.00 19.16 33.20
C GLN G 89 -16.31 19.91 33.39
N LEU G 90 -17.38 19.16 33.54
CA LEU G 90 -18.70 19.64 33.97
C LEU G 90 -18.74 19.66 35.48
N PRO G 91 -19.06 20.80 36.11
CA PRO G 91 -19.35 20.84 37.54
C PRO G 91 -20.20 19.72 38.15
N ASP G 92 -19.98 19.50 39.46
CA ASP G 92 -20.42 18.33 40.19
C ASP G 92 -21.93 18.12 40.03
N ASN G 93 -22.70 19.22 40.13
CA ASN G 93 -24.14 19.20 40.30
C ASN G 93 -24.93 19.36 38.98
N GLU G 94 -24.27 19.35 37.81
CA GLU G 94 -24.92 19.62 36.54
C GLU G 94 -25.66 18.36 36.07
N VAL G 95 -26.75 18.50 35.31
CA VAL G 95 -27.42 17.36 34.72
C VAL G 95 -26.87 16.89 33.36
N ALA G 96 -26.28 17.80 32.57
CA ALA G 96 -25.51 17.40 31.38
C ALA G 96 -24.44 16.35 31.68
N GLN G 97 -24.15 15.50 30.71
CA GLN G 97 -23.17 14.45 30.87
C GLN G 97 -22.26 14.33 29.65
N ILE G 98 -21.03 13.88 29.88
CA ILE G 98 -20.10 13.56 28.80
C ILE G 98 -20.48 12.20 28.24
N SER G 99 -20.73 12.17 26.95
CA SER G 99 -21.40 11.04 26.35
C SER G 99 -20.42 10.30 25.43
N ASP G 100 -19.46 11.02 24.87
CA ASP G 100 -18.50 10.44 23.93
C ASP G 100 -17.33 11.39 23.77
N TYR G 101 -16.33 10.96 23.05
CA TYR G 101 -15.06 11.67 22.93
C TYR G 101 -14.28 10.90 21.87
N TYR G 102 -13.48 11.64 21.10
CA TYR G 102 -12.61 11.07 20.08
C TYR G 102 -11.38 11.97 20.02
N PRO G 103 -10.14 11.43 19.88
CA PRO G 103 -9.89 10.00 19.75
C PRO G 103 -9.77 9.25 21.08
N ARG G 104 -9.58 7.93 20.96
CA ARG G 104 -9.52 7.04 22.08
C ARG G 104 -8.18 6.31 22.01
N ASN G 105 -7.95 5.33 22.87
CA ASN G 105 -6.65 4.68 22.91
C ASN G 105 -6.70 3.50 21.95
N SER G 106 -5.78 3.44 21.01
CA SER G 106 -5.79 2.29 20.14
C SER G 106 -4.84 1.18 20.62
N ILE G 107 -5.18 -0.08 20.27
CA ILE G 107 -4.34 -1.22 20.54
C ILE G 107 -3.12 -1.11 19.63
N ASP G 108 -1.92 -1.14 20.23
CA ASP G 108 -0.70 -1.08 19.47
C ASP G 108 -0.38 -2.48 18.96
N THR G 109 0.43 -2.53 17.89
CA THR G 109 0.84 -3.84 17.37
C THR G 109 2.33 -3.77 17.04
N LYS G 110 2.85 -4.89 16.55
CA LYS G 110 4.26 -5.15 16.32
C LYS G 110 4.33 -6.37 15.41
N GLU G 111 5.33 -6.39 14.52
CA GLU G 111 5.55 -7.51 13.62
C GLU G 111 6.70 -8.33 14.22
N TYR G 112 6.47 -9.65 14.24
CA TYR G 112 7.45 -10.61 14.68
C TYR G 112 7.89 -11.45 13.50
N MET G 113 9.18 -11.76 13.45
CA MET G 113 9.76 -12.46 12.33
C MET G 113 10.78 -13.49 12.84
N SER G 114 10.65 -14.78 12.49
CA SER G 114 11.69 -15.73 12.85
C SER G 114 12.33 -16.36 11.61
N THR G 115 13.62 -16.70 11.72
CA THR G 115 14.38 -17.26 10.62
C THR G 115 15.14 -18.48 11.11
N LEU G 116 15.23 -19.47 10.25
CA LEU G 116 16.01 -20.67 10.50
C LEU G 116 16.80 -20.99 9.24
N THR G 117 18.14 -21.12 9.33
CA THR G 117 18.97 -21.53 8.20
C THR G 117 19.88 -22.70 8.59
N TYR G 118 19.92 -23.72 7.73
CA TYR G 118 20.84 -24.85 7.77
C TYR G 118 21.85 -24.70 6.63
N GLY G 119 23.11 -25.07 6.88
CA GLY G 119 24.15 -24.96 5.88
C GLY G 119 25.15 -26.12 5.89
N PHE G 120 25.51 -26.58 4.68
CA PHE G 120 26.54 -27.58 4.47
C PHE G 120 27.58 -26.93 3.56
N ASN G 121 28.88 -27.26 3.76
CA ASN G 121 29.91 -26.70 2.88
C ASN G 121 31.13 -27.63 2.82
N GLY G 122 31.85 -27.60 1.69
CA GLY G 122 33.01 -28.45 1.50
C GLY G 122 34.19 -27.72 0.87
N ASN G 123 35.38 -28.29 1.12
CA ASN G 123 36.66 -27.80 0.61
C ASN G 123 37.55 -28.91 0.09
N VAL G 124 38.39 -28.49 -0.86
CA VAL G 124 39.53 -29.21 -1.34
C VAL G 124 40.65 -28.18 -1.40
N THR G 125 41.70 -28.40 -0.58
CA THR G 125 42.89 -27.56 -0.57
C THR G 125 44.01 -28.26 -1.36
N GLY G 126 45.14 -27.58 -1.45
CA GLY G 126 46.23 -28.03 -2.30
C GLY G 126 47.29 -26.95 -2.45
N ASP G 127 48.55 -27.36 -2.22
CA ASP G 127 49.72 -26.51 -2.51
C ASP G 127 50.49 -27.09 -3.70
N ASP G 128 51.58 -26.41 -4.06
CA ASP G 128 52.49 -26.84 -5.12
C ASP G 128 53.27 -28.08 -4.67
N THR G 129 53.39 -28.26 -3.35
CA THR G 129 54.05 -29.41 -2.76
C THR G 129 53.22 -30.68 -2.96
N GLY G 130 52.18 -30.63 -3.80
CA GLY G 130 51.38 -31.78 -4.20
C GLY G 130 50.39 -32.29 -3.14
N LYS G 131 50.35 -31.63 -1.96
CA LYS G 131 49.56 -32.01 -0.79
C LYS G 131 48.09 -31.55 -0.93
N ILE G 132 47.17 -32.52 -0.74
CA ILE G 132 45.73 -32.34 -0.86
C ILE G 132 45.14 -32.30 0.55
N GLY G 133 44.19 -31.37 0.78
CA GLY G 133 43.46 -31.24 2.03
C GLY G 133 41.95 -31.15 1.79
N GLY G 134 41.17 -31.33 2.86
CA GLY G 134 39.73 -31.41 2.73
C GLY G 134 39.03 -30.91 4.01
N LEU G 135 37.81 -30.36 3.81
CA LEU G 135 36.99 -29.78 4.86
C LEU G 135 35.50 -30.07 4.59
N ILE G 136 34.81 -30.60 5.61
CA ILE G 136 33.36 -30.69 5.61
C ILE G 136 32.82 -29.96 6.83
N GLY G 137 31.80 -29.09 6.63
CA GLY G 137 31.25 -28.22 7.66
C GLY G 137 29.72 -28.13 7.60
N ALA G 138 29.13 -27.85 8.76
CA ALA G 138 27.71 -27.56 8.85
C ALA G 138 27.50 -26.34 9.74
N ASN G 139 26.27 -25.78 9.69
CA ASN G 139 25.88 -24.66 10.53
C ASN G 139 24.36 -24.58 10.66
N VAL G 140 23.94 -24.10 11.83
CA VAL G 140 22.56 -23.73 12.06
C VAL G 140 22.58 -22.26 12.46
N SER G 141 21.44 -21.61 12.21
CA SER G 141 21.24 -20.21 12.51
C SER G 141 19.76 -20.00 12.85
N ILE G 142 19.50 -19.53 14.06
CA ILE G 142 18.14 -19.20 14.47
C ILE G 142 18.11 -17.69 14.73
N GLY G 143 17.07 -17.03 14.20
CA GLY G 143 16.98 -15.57 14.25
C GLY G 143 15.60 -15.08 14.69
N HIS G 144 15.55 -13.90 15.32
CA HIS G 144 14.25 -13.27 15.42
C HIS G 144 14.39 -11.76 15.28
N THR G 145 13.38 -11.15 14.65
CA THR G 145 13.30 -9.70 14.50
C THR G 145 11.93 -9.26 15.01
N LEU G 146 11.93 -8.10 15.65
CA LEU G 146 10.76 -7.42 16.15
C LEU G 146 10.76 -6.02 15.55
N LYS G 147 9.61 -5.58 15.06
CA LYS G 147 9.49 -4.36 14.28
C LYS G 147 8.22 -3.67 14.75
N TYR G 148 8.33 -2.41 15.19
CA TYR G 148 7.17 -1.63 15.56
C TYR G 148 7.43 -0.14 15.33
N VAL G 149 6.38 0.65 15.30
CA VAL G 149 6.44 2.08 15.05
C VAL G 149 6.55 2.80 16.39
N GLN G 150 7.39 3.83 16.48
CA GLN G 150 7.50 4.58 17.71
C GLN G 150 7.34 6.07 17.38
N PRO G 151 6.13 6.63 17.60
CA PRO G 151 5.90 8.06 17.34
C PRO G 151 6.69 8.89 18.36
N ASP G 152 7.06 10.11 17.97
CA ASP G 152 7.83 10.98 18.86
C ASP G 152 7.01 11.32 20.11
N PHE G 153 5.70 11.56 19.93
CA PHE G 153 4.77 11.80 21.04
C PHE G 153 3.65 10.78 20.93
N LYS G 154 3.12 10.36 22.07
CA LYS G 154 1.93 9.50 22.04
C LYS G 154 0.75 10.37 22.42
N THR G 155 -0.43 10.05 21.84
CA THR G 155 -1.64 10.80 22.14
C THR G 155 -2.55 9.88 22.94
N ILE G 156 -2.87 10.23 24.19
CA ILE G 156 -3.56 9.26 25.06
C ILE G 156 -4.85 9.83 25.63
N LEU G 157 -5.94 9.05 25.58
CA LEU G 157 -7.19 9.47 26.21
C LEU G 157 -7.11 9.13 27.69
N GLU G 158 -7.23 10.14 28.56
CA GLU G 158 -7.27 9.95 30.01
C GLU G 158 -8.64 9.42 30.39
N SER G 159 -8.68 8.43 31.29
CA SER G 159 -9.87 7.73 31.72
C SER G 159 -11.01 8.72 31.97
N PRO G 160 -12.04 8.77 31.12
CA PRO G 160 -13.17 9.68 31.31
C PRO G 160 -14.09 9.28 32.46
N THR G 161 -14.93 10.22 32.92
CA THR G 161 -16.09 9.89 33.72
C THR G 161 -17.30 10.36 32.92
N ASP G 162 -18.43 10.61 33.57
CA ASP G 162 -19.54 11.24 32.88
C ASP G 162 -19.41 12.75 33.06
N LYS G 163 -18.35 13.18 33.78
CA LYS G 163 -18.24 14.61 34.08
C LYS G 163 -16.90 15.17 33.64
N LYS G 164 -15.91 14.28 33.34
CA LYS G 164 -14.61 14.75 32.88
C LYS G 164 -13.98 13.84 31.84
N VAL G 165 -13.17 14.46 30.98
CA VAL G 165 -12.48 13.82 29.88
C VAL G 165 -11.23 14.65 29.63
N GLY G 166 -10.14 14.02 29.18
CA GLY G 166 -9.02 14.84 28.75
C GLY G 166 -8.08 13.98 27.92
N TRP G 167 -7.14 14.62 27.23
CA TRP G 167 -6.07 13.95 26.52
C TRP G 167 -4.75 14.48 27.02
N LYS G 168 -3.74 13.62 26.98
CA LYS G 168 -2.36 14.08 27.13
C LYS G 168 -1.55 13.56 25.95
N VAL G 169 -0.77 14.48 25.38
CA VAL G 169 0.12 14.16 24.28
C VAL G 169 1.53 14.21 24.86
N ILE G 170 2.13 13.03 25.11
CA ILE G 170 3.30 12.97 25.98
C ILE G 170 4.53 12.64 25.12
N PHE G 171 5.68 13.18 25.50
CA PHE G 171 6.91 12.85 24.81
C PHE G 171 7.20 11.36 25.05
N ASN G 172 7.54 10.68 23.95
CA ASN G 172 7.81 9.27 23.95
C ASN G 172 9.31 9.03 23.79
N ASN G 173 9.84 9.18 22.57
CA ASN G 173 11.28 9.19 22.40
C ASN G 173 11.67 9.93 21.10
N MET G 174 12.97 10.08 20.84
CA MET G 174 13.34 10.88 19.68
C MET G 174 14.76 10.54 19.22
N VAL G 175 14.98 10.68 17.92
CA VAL G 175 16.26 10.51 17.30
C VAL G 175 17.01 11.85 17.39
N ASN G 176 18.28 11.80 17.77
CA ASN G 176 19.14 12.97 17.88
C ASN G 176 20.27 12.76 16.87
N GLN G 177 20.27 13.54 15.76
CA GLN G 177 21.20 13.40 14.66
C GLN G 177 21.55 11.93 14.39
N ASN G 178 20.52 11.12 14.19
CA ASN G 178 20.66 9.73 13.77
C ASN G 178 21.09 8.81 14.91
N TRP G 179 21.23 9.33 16.14
CA TRP G 179 21.48 8.42 17.24
C TRP G 179 20.21 8.30 18.06
N GLY G 180 20.16 7.24 18.87
CA GLY G 180 19.06 7.07 19.78
C GLY G 180 18.22 5.88 19.33
N PRO G 181 16.88 5.88 19.57
CA PRO G 181 16.20 7.06 20.12
C PRO G 181 16.63 7.27 21.56
N TYR G 182 16.49 8.50 22.05
CA TYR G 182 16.70 8.78 23.46
C TYR G 182 15.36 9.10 24.08
N ASP G 183 15.30 8.95 25.40
CA ASP G 183 14.05 9.36 26.02
C ASP G 183 14.35 10.04 27.34
N ARG G 184 13.32 10.27 28.16
CA ARG G 184 13.45 11.01 29.40
C ARG G 184 14.37 10.29 30.39
N ASP G 185 14.58 8.97 30.21
CA ASP G 185 15.35 8.17 31.18
C ASP G 185 16.67 7.65 30.61
N SER G 186 16.97 7.93 29.34
CA SER G 186 18.24 7.49 28.76
C SER G 186 19.41 7.80 29.69
N TRP G 187 20.33 6.83 29.81
CA TRP G 187 21.46 7.01 30.70
C TRP G 187 22.67 6.22 30.19
N ASN G 188 23.65 6.95 29.69
CA ASN G 188 24.94 6.38 29.29
C ASN G 188 25.92 6.75 30.41
N PRO G 189 26.70 5.79 30.96
CA PRO G 189 27.54 6.04 32.15
C PRO G 189 28.49 7.24 32.03
N VAL G 190 28.99 7.47 30.80
CA VAL G 190 29.87 8.60 30.52
C VAL G 190 29.11 9.87 30.10
N TYR G 191 28.15 9.77 29.17
CA TYR G 191 27.56 10.99 28.62
C TYR G 191 26.25 11.43 29.31
N GLY G 192 25.77 10.61 30.25
CA GLY G 192 24.52 10.88 30.95
C GLY G 192 23.34 10.68 30.01
N ASN G 193 22.41 11.64 29.96
CA ASN G 193 21.26 11.55 29.07
C ASN G 193 21.55 12.44 27.87
N GLN G 194 21.68 11.85 26.68
CA GLN G 194 22.12 12.59 25.51
C GLN G 194 20.96 13.20 24.72
N LEU G 195 19.73 13.15 25.27
CA LEU G 195 18.51 13.50 24.57
C LEU G 195 18.72 14.71 23.65
N PHE G 196 19.14 15.87 24.19
CA PHE G 196 19.23 17.11 23.40
C PHE G 196 20.68 17.61 23.25
N MET G 197 21.66 16.73 23.49
CA MET G 197 23.07 17.07 23.43
C MET G 197 23.55 17.16 21.99
N LYS G 198 24.08 18.30 21.56
CA LYS G 198 24.51 18.39 20.17
C LYS G 198 25.81 17.60 19.96
N THR G 199 26.82 17.84 20.81
CA THR G 199 28.11 17.12 20.69
C THR G 199 28.57 16.54 22.02
N ARG G 200 29.26 15.39 21.94
CA ARG G 200 29.94 14.76 23.06
C ARG G 200 31.10 15.59 23.63
N ASN G 201 31.94 16.22 22.78
CA ASN G 201 33.02 17.03 23.36
C ASN G 201 33.44 18.21 22.50
N GLY G 202 32.48 18.91 21.90
CA GLY G 202 32.80 20.16 21.23
C GLY G 202 33.17 21.23 22.26
N SER G 203 33.71 22.34 21.76
CA SER G 203 34.29 23.30 22.68
C SER G 203 33.53 24.62 22.62
N MET G 204 32.27 24.57 22.23
CA MET G 204 31.42 25.76 22.34
C MET G 204 31.01 25.97 23.81
N LYS G 205 30.34 27.11 24.09
CA LYS G 205 29.75 27.25 25.42
C LYS G 205 28.56 26.28 25.55
N ALA G 206 28.18 25.96 26.80
CA ALA G 206 27.18 24.94 27.06
C ALA G 206 25.89 25.31 26.32
N ALA G 207 25.50 26.60 26.38
CA ALA G 207 24.27 27.09 25.79
C ALA G 207 24.24 26.90 24.27
N ASP G 208 25.37 26.58 23.65
CA ASP G 208 25.37 26.38 22.22
C ASP G 208 25.44 24.89 21.91
N ASN G 209 25.38 24.06 22.96
CA ASN G 209 25.52 22.62 22.74
C ASN G 209 24.19 21.86 22.74
N PHE G 210 23.05 22.56 22.57
CA PHE G 210 21.77 21.87 22.44
C PHE G 210 21.44 21.63 20.98
N LEU G 211 20.82 20.47 20.72
CA LEU G 211 20.35 20.10 19.40
C LEU G 211 19.58 21.28 18.79
N ASP G 212 19.79 21.54 17.50
CA ASP G 212 19.05 22.58 16.79
C ASP G 212 17.57 22.16 16.77
N PRO G 213 16.67 23.04 17.26
CA PRO G 213 15.24 22.74 17.31
C PRO G 213 14.70 22.28 15.95
N ASN G 214 15.23 22.82 14.84
CA ASN G 214 14.82 22.35 13.53
C ASN G 214 15.11 20.88 13.27
N LYS G 215 15.98 20.28 14.11
CA LYS G 215 16.39 18.89 13.93
C LYS G 215 15.69 18.03 14.98
N ALA G 216 14.68 18.58 15.63
CA ALA G 216 13.97 17.85 16.64
C ALA G 216 12.50 17.87 16.24
N SER G 217 11.66 17.06 16.87
CA SER G 217 10.22 17.17 16.65
C SER G 217 9.75 18.64 16.77
N SER G 218 9.01 19.06 15.77
CA SER G 218 8.57 20.44 15.75
C SER G 218 7.50 20.72 16.81
N LEU G 219 6.91 19.68 17.43
CA LEU G 219 6.14 19.89 18.66
C LEU G 219 6.97 20.52 19.78
N LEU G 220 8.29 20.31 19.78
CA LEU G 220 9.13 20.86 20.85
C LEU G 220 9.25 22.38 20.79
N SER G 221 9.22 23.01 19.60
CA SER G 221 9.33 24.47 19.50
C SER G 221 7.98 25.06 19.09
N SER G 222 7.62 24.84 17.83
CA SER G 222 6.42 25.49 17.32
C SER G 222 5.15 25.04 18.04
N GLY G 223 5.12 23.78 18.52
CA GLY G 223 4.10 23.38 19.47
C GLY G 223 3.06 22.47 18.83
N PHE G 224 2.02 22.19 19.63
CA PHE G 224 1.08 21.13 19.37
C PHE G 224 -0.28 21.72 19.09
N SER G 225 -0.98 21.19 18.09
CA SER G 225 -2.33 21.67 17.74
C SER G 225 -3.34 20.60 18.10
N PRO G 226 -4.04 20.72 19.26
CA PRO G 226 -5.03 19.75 19.68
C PRO G 226 -6.12 19.63 18.63
N ASP G 227 -6.66 18.44 18.52
CA ASP G 227 -7.83 18.30 17.70
C ASP G 227 -8.72 17.24 18.32
N PHE G 228 -9.48 17.59 19.37
CA PHE G 228 -10.19 16.61 20.19
C PHE G 228 -11.70 16.91 20.16
N ALA G 229 -12.51 15.85 20.27
CA ALA G 229 -13.95 16.06 20.21
C ALA G 229 -14.56 15.47 21.49
N THR G 230 -15.52 16.21 22.06
CA THR G 230 -16.25 15.78 23.24
C THR G 230 -17.73 16.01 22.93
N VAL G 231 -18.54 15.00 23.27
CA VAL G 231 -19.98 15.12 23.09
C VAL G 231 -20.61 15.17 24.46
N ILE G 232 -21.44 16.19 24.66
CA ILE G 232 -22.19 16.37 25.87
C ILE G 232 -23.66 16.16 25.52
N THR G 233 -24.36 15.35 26.33
CA THR G 233 -25.78 15.14 26.17
C THR G 233 -26.52 15.81 27.31
N MET G 234 -27.72 16.31 27.00
CA MET G 234 -28.59 16.96 27.95
C MET G 234 -30.05 16.54 27.69
N ASP G 235 -30.71 16.29 28.79
CA ASP G 235 -32.12 15.96 28.89
C ASP G 235 -33.03 17.12 28.46
N ARG G 236 -34.03 16.85 27.62
CA ARG G 236 -34.92 17.95 27.26
C ARG G 236 -35.75 18.43 28.46
N LYS G 237 -36.00 17.54 29.43
CA LYS G 237 -36.87 17.81 30.55
C LYS G 237 -36.19 18.56 31.70
N ALA G 238 -34.88 18.69 31.69
CA ALA G 238 -34.21 19.26 32.86
C ALA G 238 -34.76 20.65 33.20
N SER G 239 -34.82 20.94 34.51
CA SER G 239 -35.12 22.27 35.04
C SER G 239 -34.11 23.32 34.53
N LYS G 240 -32.83 23.13 34.87
CA LYS G 240 -31.76 24.06 34.52
C LYS G 240 -31.25 23.74 33.11
N GLN G 241 -31.34 24.69 32.18
CA GLN G 241 -30.97 24.46 30.79
C GLN G 241 -29.73 25.32 30.48
N GLN G 242 -28.98 25.69 31.54
CA GLN G 242 -27.67 26.36 31.43
C GLN G 242 -26.65 25.51 32.17
N THR G 243 -25.52 25.26 31.53
CA THR G 243 -24.53 24.33 32.01
C THR G 243 -23.22 25.11 31.93
N ASN G 244 -22.35 24.91 32.91
CA ASN G 244 -21.01 25.46 32.85
C ASN G 244 -20.08 24.35 32.41
N ILE G 245 -19.00 24.72 31.70
CA ILE G 245 -17.94 23.73 31.54
C ILE G 245 -16.58 24.44 31.60
N ASP G 246 -15.60 23.76 32.23
CA ASP G 246 -14.21 24.22 32.32
C ASP G 246 -13.34 23.46 31.33
N VAL G 247 -12.49 24.19 30.60
CA VAL G 247 -11.48 23.60 29.73
C VAL G 247 -10.09 24.11 30.15
N ILE G 248 -9.18 23.17 30.49
CA ILE G 248 -7.81 23.50 30.81
C ILE G 248 -6.91 23.05 29.67
N TYR G 249 -6.04 23.94 29.19
CA TYR G 249 -4.92 23.52 28.37
C TYR G 249 -3.65 23.61 29.21
N GLU G 250 -2.76 22.64 29.02
CA GLU G 250 -1.66 22.46 29.94
C GLU G 250 -0.39 22.14 29.16
N ARG G 251 0.74 22.75 29.58
CA ARG G 251 2.09 22.43 29.12
C ARG G 251 2.90 21.97 30.33
N VAL G 252 3.46 20.77 30.24
CA VAL G 252 4.40 20.29 31.24
C VAL G 252 5.80 20.32 30.64
N ARG G 253 6.71 21.00 31.34
CA ARG G 253 8.07 21.14 30.86
C ARG G 253 9.05 20.39 31.74
N ASP G 254 9.92 19.61 31.09
CA ASP G 254 11.08 19.03 31.75
C ASP G 254 12.26 20.01 31.67
N ASP G 255 13.34 19.65 32.35
CA ASP G 255 14.55 20.45 32.53
C ASP G 255 15.72 19.56 32.14
N TYR G 256 16.23 19.80 30.94
CA TYR G 256 17.41 19.10 30.45
C TYR G 256 18.65 19.98 30.68
N GLN G 257 19.61 19.48 31.46
CA GLN G 257 20.83 20.23 31.75
C GLN G 257 22.08 19.56 31.17
N LEU G 258 22.98 20.41 30.66
CA LEU G 258 24.30 20.01 30.22
C LEU G 258 25.35 20.57 31.19
N HIS G 259 26.38 19.76 31.52
CA HIS G 259 27.57 20.23 32.22
C HIS G 259 28.80 19.55 31.65
N TRP G 260 29.94 20.27 31.65
CA TRP G 260 31.23 19.71 31.23
C TRP G 260 31.83 18.90 32.38
N THR G 261 32.26 17.66 32.14
CA THR G 261 33.09 16.99 33.16
C THR G 261 34.50 17.56 33.04
N SER G 262 35.52 16.72 33.14
CA SER G 262 36.82 17.24 32.78
C SER G 262 37.07 16.99 31.29
N THR G 263 36.36 16.00 30.72
CA THR G 263 36.71 15.41 29.43
C THR G 263 35.59 15.58 28.40
N ASN G 264 34.34 15.57 28.86
CA ASN G 264 33.23 15.55 27.90
C ASN G 264 31.96 16.19 28.50
N TRP G 265 30.95 16.31 27.66
CA TRP G 265 29.66 16.83 28.06
C TRP G 265 28.79 15.73 28.65
N LYS G 266 28.05 16.07 29.71
CA LYS G 266 27.13 15.15 30.35
C LYS G 266 25.77 15.83 30.50
N GLY G 267 24.69 15.12 30.16
CA GLY G 267 23.33 15.66 30.27
C GLY G 267 22.50 15.01 31.36
N THR G 268 21.59 15.81 31.94
CA THR G 268 20.64 15.39 32.97
C THR G 268 19.24 15.79 32.53
N ASN G 269 18.23 14.98 32.90
CA ASN G 269 16.86 15.38 32.64
C ASN G 269 16.04 15.25 33.90
N THR G 270 15.35 16.34 34.28
CA THR G 270 14.48 16.31 35.44
C THR G 270 13.01 16.51 35.00
N LYS G 271 12.17 15.60 35.48
CA LYS G 271 10.82 15.43 34.99
C LYS G 271 9.92 16.52 35.58
N ASP G 272 9.04 17.10 34.75
CA ASP G 272 7.92 17.85 35.28
C ASP G 272 8.34 19.00 36.16
N LYS G 273 9.25 19.86 35.71
CA LYS G 273 9.75 20.91 36.56
C LYS G 273 8.81 22.11 36.54
N TRP G 274 8.21 22.43 35.38
CA TRP G 274 7.30 23.56 35.27
C TRP G 274 5.99 23.12 34.63
N THR G 275 4.87 23.62 35.15
CA THR G 275 3.58 23.37 34.54
C THR G 275 2.84 24.68 34.29
N ASP G 276 2.38 24.87 33.06
CA ASP G 276 1.60 26.04 32.69
C ASP G 276 0.16 25.59 32.47
N ARG G 277 -0.81 26.14 33.21
CA ARG G 277 -2.21 25.77 33.11
C ARG G 277 -3.03 26.99 32.73
N SER G 278 -3.76 26.88 31.61
CA SER G 278 -4.63 27.95 31.18
C SER G 278 -6.07 27.41 31.22
N SER G 279 -6.86 28.02 32.10
CA SER G 279 -8.19 27.55 32.43
C SER G 279 -9.23 28.52 31.91
N GLU G 280 -10.28 27.98 31.28
CA GLU G 280 -11.37 28.86 30.91
C GLU G 280 -12.73 28.24 31.22
N ARG G 281 -13.66 29.09 31.69
CA ARG G 281 -15.02 28.62 31.92
C ARG G 281 -15.91 29.07 30.76
N TYR G 282 -16.75 28.15 30.26
CA TYR G 282 -17.65 28.43 29.15
C TYR G 282 -19.06 28.19 29.64
N LYS G 283 -19.98 28.99 29.10
CA LYS G 283 -21.37 28.91 29.50
C LYS G 283 -22.11 28.28 28.33
N ILE G 284 -22.80 27.18 28.60
CA ILE G 284 -23.54 26.50 27.55
C ILE G 284 -25.01 26.83 27.75
N ASP G 285 -25.62 27.46 26.74
CA ASP G 285 -27.05 27.78 26.78
C ASP G 285 -27.80 26.82 25.86
N TRP G 286 -28.47 25.82 26.44
CA TRP G 286 -29.16 24.80 25.65
C TRP G 286 -30.43 25.34 24.98
N GLU G 287 -31.09 26.36 25.56
CA GLU G 287 -32.30 26.90 24.95
C GLU G 287 -31.95 27.73 23.71
N LYS G 288 -30.96 28.63 23.79
CA LYS G 288 -30.59 29.48 22.65
C LYS G 288 -29.57 28.74 21.79
N GLU G 289 -28.95 27.66 22.29
CA GLU G 289 -27.95 26.97 21.47
C GLU G 289 -26.75 27.88 21.19
N GLU G 290 -26.14 28.35 22.27
CA GLU G 290 -24.96 29.19 22.21
C GLU G 290 -24.03 28.74 23.33
N MET G 291 -22.72 28.87 23.06
CA MET G 291 -21.69 28.82 24.08
C MET G 291 -21.07 30.20 24.13
N THR G 292 -20.77 30.68 25.33
CA THR G 292 -20.05 31.94 25.43
C THR G 292 -18.97 31.73 26.48
N ASN G 293 -17.98 32.61 26.49
CA ASN G 293 -16.87 32.53 27.44
C ASN G 293 -16.82 33.81 28.28
O2 PQJ H . 18.11 -2.44 31.98
P1 PQJ H . 18.14 -3.93 32.06
O3 PQJ H . 17.74 -4.43 33.43
O4 PQJ H . 17.45 -4.76 30.84
C1 PQJ H . 16.06 -4.74 30.58
C2 PQJ H . 15.39 -6.09 30.81
N1 PQJ H . 13.95 -5.97 31.05
C5 PQJ H . 13.64 -6.42 32.42
C4 PQJ H . 13.46 -4.58 30.84
C3 PQJ H . 13.21 -6.88 30.15
O1 PQJ H . 19.63 -4.46 31.63
O2 PQJ I . 14.18 -11.02 26.66
P1 PQJ I . 14.72 -12.26 27.36
O3 PQJ I . 14.65 -12.39 28.86
O4 PQJ I . 14.12 -13.67 26.76
C1 PQJ I . 13.71 -13.83 25.40
C2 PQJ I . 12.23 -14.24 25.27
N1 PQJ I . 11.67 -14.06 23.90
C5 PQJ I . 10.42 -14.81 23.70
C4 PQJ I . 11.31 -12.65 23.76
C3 PQJ I . 12.61 -14.47 22.83
O1 PQJ I . 16.26 -12.35 26.90
S SO4 J . 9.08 -17.07 26.95
O1 SO4 J . 9.85 -16.66 28.10
O2 SO4 J . 8.95 -18.50 26.93
O3 SO4 J . 9.73 -16.63 25.74
O4 SO4 J . 7.77 -16.45 27.02
S SO4 K . -21.17 4.65 42.16
O1 SO4 K . -21.79 5.17 43.36
O2 SO4 K . -20.17 3.68 42.53
O3 SO4 K . -20.57 5.75 41.43
O4 SO4 K . -22.16 4.04 41.32
S SO4 L . -8.60 -0.57 43.27
O1 SO4 L . -8.11 -1.82 43.81
O2 SO4 L . -8.27 0.50 44.18
O3 SO4 L . -10.03 -0.66 43.10
O4 SO4 L . -7.98 -0.30 42.00
S SO4 M . 3.93 4.36 38.74
O1 SO4 M . 3.47 4.47 40.11
O2 SO4 M . 3.96 2.96 38.35
O3 SO4 M . 5.25 4.92 38.63
O4 SO4 M . 3.04 5.09 37.88
S SO4 N . -7.40 -16.91 31.53
O1 SO4 N . -6.56 -17.06 32.70
O2 SO4 N . -8.46 -17.89 31.56
O3 SO4 N . -6.62 -17.11 30.35
O4 SO4 N . -7.98 -15.59 31.53
S SO4 O . -6.24 -15.03 16.20
O1 SO4 O . -6.97 -14.88 17.44
O2 SO4 O . -5.19 -16.00 16.36
O3 SO4 O . -5.64 -13.76 15.84
O4 SO4 O . -7.14 -15.44 15.14
S SO4 P . 0.34 2.22 23.14
O1 SO4 P . -0.44 1.11 23.63
O2 SO4 P . 1.75 1.98 23.36
O3 SO4 P . -0.04 3.42 23.84
O4 SO4 P . 0.09 2.36 21.73
O2 PQJ Q . 9.01 -24.75 24.92
P1 PQJ Q . 9.86 -25.79 24.24
O3 PQJ Q . 10.02 -27.04 25.10
O4 PQJ Q . 9.42 -26.24 22.75
C1 PQJ Q . 9.20 -25.36 21.65
C2 PQJ Q . 8.26 -26.00 20.61
N1 PQJ Q . 6.80 -26.00 20.94
C5 PQJ Q . 6.50 -27.07 21.91
C4 PQJ Q . 6.29 -24.70 21.47
C3 PQJ Q . 6.07 -26.36 19.73
O1 PQJ Q . 11.24 -25.11 23.78
O2 PQJ R . 11.01 -27.79 13.44
P1 PQJ R . 9.74 -28.25 14.12
O3 PQJ R . 9.45 -29.83 13.90
O4 PQJ R . 8.59 -27.53 13.22
C1 PQJ R . 8.11 -27.98 11.94
C2 PQJ R . 9.13 -27.83 10.79
N1 PQJ R . 8.88 -26.72 9.85
C5 PQJ R . 9.84 -26.84 8.74
C4 PQJ R . 7.51 -26.72 9.29
C3 PQJ R . 9.09 -25.45 10.55
O1 PQJ R . 9.61 -27.92 15.60
S SO4 S . 6.28 -30.72 9.11
O1 SO4 S . 6.53 -31.90 9.91
O2 SO4 S . 7.29 -29.74 9.39
O3 SO4 S . 4.98 -30.17 9.42
O4 SO4 S . 6.32 -31.07 7.71
S SO4 T . -7.54 -24.98 29.17
O1 SO4 T . -8.59 -25.96 29.29
O2 SO4 T . -6.56 -25.20 30.19
O3 SO4 T . -8.09 -23.65 29.33
O4 SO4 T . -6.93 -25.09 27.85
S SO4 U . -10.41 -33.88 6.04
O1 SO4 U . -9.86 -34.32 7.30
O2 SO4 U . -9.77 -34.59 4.97
O3 SO4 U . -11.83 -34.12 6.01
O4 SO4 U . -10.19 -32.46 5.89
O2 PQJ V . 9.50 -36.93 1.42
P1 PQJ V . 9.89 -35.55 1.90
O3 PQJ V . 11.26 -35.68 2.73
O4 PQJ V . 10.39 -34.63 0.64
C1 PQJ V . 9.78 -33.38 0.36
C2 PQJ V . 9.67 -33.19 -1.17
N1 PQJ V . 8.34 -33.40 -1.81
C5 PQJ V . 8.12 -34.83 -2.09
C4 PQJ V . 7.23 -32.95 -0.95
C3 PQJ V . 8.28 -32.67 -3.10
O1 PQJ V . 8.94 -34.77 2.78
O2 PQJ W . 12.24 -30.51 -5.42
P1 PQJ W . 13.48 -30.20 -6.21
O3 PQJ W . 14.73 -30.31 -5.36
O4 PQJ W . 13.38 -28.72 -6.87
C1 PQJ W . 12.51 -28.45 -7.96
C2 PQJ W . 11.89 -27.06 -7.80
N1 PQJ W . 12.35 -26.05 -8.77
C5 PQJ W . 11.54 -26.09 -10.00
C4 PQJ W . 12.21 -24.72 -8.17
C3 PQJ W . 13.77 -26.23 -9.12
O1 PQJ W . 13.50 -31.15 -7.52
S SO4 X . 12.61 -28.81 -12.55
O1 SO4 X . 11.93 -30.01 -12.10
O2 SO4 X . 13.87 -28.68 -11.87
O3 SO4 X . 11.78 -27.67 -12.26
O4 SO4 X . 12.84 -28.91 -13.97
S SO4 Y . -27.02 -35.19 -17.06
O1 SO4 Y . -27.76 -36.42 -17.14
O2 SO4 Y . -25.65 -35.49 -16.73
O3 SO4 Y . -27.60 -34.33 -16.04
O4 SO4 Y . -27.07 -34.52 -18.34
S SO4 Z . -14.95 -39.33 -13.18
O1 SO4 Z . -15.25 -40.35 -12.19
O2 SO4 Z . -14.13 -39.91 -14.22
O3 SO4 Z . -14.26 -38.24 -12.53
O4 SO4 Z . -16.17 -38.84 -13.76
S SO4 AA . -1.71 -28.35 -23.55
O1 SO4 AA . -1.79 -29.19 -22.38
O2 SO4 AA . -0.47 -28.64 -24.23
O3 SO4 AA . -1.76 -26.97 -23.16
O4 SO4 AA . -2.81 -28.64 -24.43
S SO4 BA . -5.99 -22.40 -2.15
O1 SO4 BA . -6.99 -23.01 -1.30
O2 SO4 BA . -4.71 -23.00 -1.88
O3 SO4 BA . -5.91 -20.98 -1.88
O4 SO4 BA . -6.34 -22.60 -3.53
O2 PQJ CA . 18.53 -26.94 -19.91
P1 PQJ CA . 18.36 -26.01 -18.73
O3 PQJ CA . 19.65 -26.02 -17.75
O4 PQJ CA . 18.46 -24.49 -19.28
C1 PQJ CA . 18.32 -23.32 -18.46
C2 PQJ CA . 18.40 -22.04 -19.30
N1 PQJ CA . 17.28 -21.81 -20.27
C5 PQJ CA . 17.50 -22.39 -21.60
C4 PQJ CA . 15.99 -22.32 -19.76
C3 PQJ CA . 17.19 -20.36 -20.50
O1 PQJ CA . 17.16 -26.20 -17.85
O2 PQJ DA . 23.44 -15.95 -17.93
P1 PQJ DA . 22.62 -16.35 -19.14
O3 PQJ DA . 21.97 -17.73 -19.17
O4 PQJ DA . 21.53 -15.15 -19.28
C1 PQJ DA . 21.90 -13.77 -19.51
C2 PQJ DA . 21.08 -12.85 -18.60
N1 PQJ DA . 21.77 -12.43 -17.35
C5 PQJ DA . 21.45 -13.39 -16.25
C4 PQJ DA . 23.22 -12.33 -17.52
C3 PQJ DA . 21.29 -11.09 -17.01
O1 PQJ DA . 23.39 -16.19 -20.55
S SO4 EA . 22.58 -10.32 -22.08
O1 SO4 EA . 22.81 -11.51 -22.85
O2 SO4 EA . 22.44 -10.66 -20.69
O3 SO4 EA . 23.69 -9.41 -22.24
O4 SO4 EA . 21.36 -9.68 -22.55
S SO4 FA . 0.24 -17.58 -40.22
O1 SO4 FA . 0.83 -17.45 -38.92
O2 SO4 FA . 0.41 -18.92 -40.72
O3 SO4 FA . -1.17 -17.29 -40.11
O4 SO4 FA . 0.85 -16.64 -41.14
S SO4 GA . 12.58 -2.34 -33.94
O1 SO4 GA . 13.62 -1.88 -33.05
O2 SO4 GA . 12.91 -3.67 -34.41
O3 SO4 GA . 11.32 -2.37 -33.22
O4 SO4 GA . 12.47 -1.44 -35.06
O2 PQJ HA . 29.74 -4.13 -23.66
P1 PQJ HA . 29.20 -4.22 -22.24
O3 PQJ HA . 30.22 -4.95 -21.20
O4 PQJ HA . 29.06 -2.73 -21.59
C1 PQJ HA . 28.61 -2.45 -20.25
C2 PQJ HA . 28.45 -0.94 -19.98
N1 PQJ HA . 27.49 -0.18 -20.83
C5 PQJ HA . 28.06 0.00 -22.17
C4 PQJ HA . 26.17 -0.89 -20.93
C3 PQJ HA . 27.27 1.21 -20.31
O1 PQJ HA . 27.87 -4.93 -22.10
O2 PQJ IA . 31.01 3.77 -14.14
P1 PQJ IA . 30.36 2.47 -14.53
O3 PQJ IA . 31.20 1.24 -13.95
O4 PQJ IA . 29.01 2.31 -13.67
C1 PQJ IA . 28.81 3.10 -12.50
C2 PQJ IA . 27.85 4.22 -12.85
N1 PQJ IA . 27.78 5.20 -11.76
C5 PQJ IA . 27.38 6.50 -12.29
C4 PQJ IA . 26.80 4.74 -10.76
C3 PQJ IA . 29.10 5.33 -11.13
O1 PQJ IA . 30.06 2.20 -15.96
S SO4 JA . 29.85 9.00 -12.43
O1 SO4 JA . 30.92 9.65 -11.70
O2 SO4 JA . 29.56 7.74 -11.81
O3 SO4 JA . 30.28 8.79 -13.80
O4 SO4 JA . 28.66 9.82 -12.42
S SO4 KA . 5.01 24.15 -40.45
O1 SO4 KA . 4.13 23.02 -40.40
O2 SO4 KA . 6.38 23.71 -40.39
O3 SO4 KA . 4.73 25.03 -39.35
O4 SO4 KA . 4.80 24.85 -41.69
S SO4 LA . 11.05 12.24 -35.89
O1 SO4 LA . 9.99 12.70 -35.01
O2 SO4 LA . 11.90 11.35 -35.17
O3 SO4 LA . 11.83 13.37 -36.35
O4 SO4 LA . 10.47 11.56 -37.03
S SO4 MA . 20.97 23.16 -18.53
O1 SO4 MA . 20.23 22.61 -17.43
O2 SO4 MA . 22.39 22.92 -18.34
O3 SO4 MA . 20.73 24.58 -18.64
O4 SO4 MA . 20.56 22.52 -19.76
S SO4 NA . 13.59 17.33 -6.35
O1 SO4 NA . 12.67 16.23 -6.38
O2 SO4 NA . 14.90 16.82 -6.00
O3 SO4 NA . 13.17 18.31 -5.38
O4 SO4 NA . 13.67 17.95 -7.66
O2 PQJ OA . 34.37 14.02 -5.87
P1 PQJ OA . 33.82 12.63 -5.54
O3 PQJ OA . 35.02 11.54 -5.47
O4 PQJ OA . 33.40 12.46 -3.99
C1 PQJ OA . 32.09 12.74 -3.47
C2 PQJ OA . 32.08 14.06 -2.71
N1 PQJ OA . 30.77 14.73 -2.81
C5 PQJ OA . 30.84 16.14 -2.45
C4 PQJ OA . 30.17 14.61 -4.15
C3 PQJ OA . 29.87 14.12 -1.82
O1 PQJ OA . 32.74 12.06 -6.44
O2 PQJ PA . 31.03 12.87 2.74
P1 PQJ PA . 30.99 12.09 4.02
O3 PQJ PA . 31.69 10.75 3.92
O4 PQJ PA . 29.48 11.81 4.58
C1 PQJ PA . 29.20 11.60 5.97
C2 PQJ PA . 27.98 12.44 6.44
N1 PQJ PA . 26.95 11.69 7.20
C5 PQJ PA . 26.40 12.50 8.31
C4 PQJ PA . 25.84 11.43 6.27
C3 PQJ PA . 27.43 10.40 7.76
O1 PQJ PA . 31.56 13.08 5.17
S SO4 QA . 28.45 15.32 9.59
O1 SO4 QA . 28.89 13.98 9.30
O2 SO4 QA . 28.56 15.55 11.01
O3 SO4 QA . 29.30 16.25 8.90
O4 SO4 QA . 27.07 15.49 9.15
S SO4 RA . 19.93 38.47 -6.40
O1 SO4 RA . 20.22 37.13 -5.96
O2 SO4 RA . 19.81 39.34 -5.26
O3 SO4 RA . 21.00 38.95 -7.25
O4 SO4 RA . 18.69 38.46 -7.16
S SO4 SA . 17.95 29.15 11.57
O1 SO4 SA . 18.34 28.12 12.51
O2 SO4 SA . 17.15 28.55 10.52
O3 SO4 SA . 19.13 29.76 10.99
O4 SO4 SA . 17.18 30.15 12.25
S SO4 TA . 9.15 16.59 13.01
O1 SO4 TA . 8.26 16.26 14.11
O2 SO4 TA . 10.42 15.97 13.23
O3 SO4 TA . 9.32 18.03 12.94
O4 SO4 TA . 8.60 16.10 11.78
O2 PQJ UA . 29.62 14.27 19.55
P1 PQJ UA . 28.94 13.39 18.53
O3 PQJ UA . 29.67 11.94 18.42
O4 PQJ UA . 27.47 12.91 19.03
C1 PQJ UA . 26.96 11.55 19.04
C2 PQJ UA . 25.85 11.29 20.10
N1 PQJ UA . 24.83 12.36 20.35
C5 PQJ UA . 25.31 13.41 21.26
C4 PQJ UA . 24.38 12.96 19.09
C3 PQJ UA . 23.69 11.82 21.06
O1 PQJ UA . 28.83 14.01 17.16
O2 PQJ VA . 24.25 7.33 23.48
P1 PQJ VA . 24.02 5.86 23.69
O3 PQJ VA . 24.62 5.17 24.88
O4 PQJ VA . 22.45 5.56 23.70
C1 PQJ VA . 21.86 4.84 22.63
C2 PQJ VA . 21.44 3.46 23.11
N1 PQJ VA . 19.99 3.36 22.97
C5 PQJ VA . 19.36 4.16 24.02
C4 PQJ VA . 19.61 3.87 21.65
C3 PQJ VA . 19.56 1.96 23.08
O1 PQJ VA . 24.47 5.11 22.35
C6 PQJ VA . 24.12 5.65 21.08
S SO4 WA . 19.66 3.69 27.72
O1 SO4 WA . 20.25 2.70 26.86
O2 SO4 WA . 19.35 3.12 29.01
O3 SO4 WA . 20.59 4.80 27.91
O4 SO4 WA . 18.47 4.21 27.08
S SO4 XA . -3.21 37.07 29.06
O1 SO4 XA . -4.27 36.67 29.95
O2 SO4 XA . -1.97 36.42 29.47
O3 SO4 XA . -3.06 38.51 29.09
O4 SO4 XA . -3.54 36.69 27.71
S SO4 YA . 8.63 31.15 29.87
O1 SO4 YA . 7.37 30.45 29.90
O2 SO4 YA . 9.31 30.95 31.13
O3 SO4 YA . 8.38 32.56 29.65
O4 SO4 YA . 9.44 30.62 28.79
S SO4 ZA . 18.21 27.55 20.34
O1 SO4 ZA . 18.32 26.28 21.04
O2 SO4 ZA . 18.67 28.62 21.18
O3 SO4 ZA . 16.84 27.78 19.98
O4 SO4 ZA . 19.00 27.50 19.12
S SO4 AB . 5.35 11.88 34.18
O1 SO4 AB . 5.53 10.54 33.66
O2 SO4 AB . 6.27 12.11 35.27
O3 SO4 AB . 4.00 12.05 34.65
O4 SO4 AB . 5.60 12.85 33.14
S SO4 BB . -5.08 9.00 33.35
O1 SO4 BB . -4.22 8.18 34.18
O2 SO4 BB . -5.95 8.13 32.60
O3 SO4 BB . -5.88 9.87 34.18
O4 SO4 BB . -4.27 9.79 32.44
#